data_1VSR
# 
_entry.id   1VSR 
# 
_audit_conform.dict_name       mmcif_pdbx.dic 
_audit_conform.dict_version    5.383 
_audit_conform.dict_location   http://mmcif.pdb.org/dictionaries/ascii/mmcif_pdbx.dic 
# 
loop_
_database_2.database_id 
_database_2.database_code 
_database_2.pdbx_database_accession 
_database_2.pdbx_DOI 
PDB   1VSR         pdb_00001vsr 10.2210/pdb1vsr/pdb 
RCSB  RCSB000479   ?            ?                   
WWPDB D_1000000479 ?            ?                   
# 
loop_
_pdbx_audit_revision_history.ordinal 
_pdbx_audit_revision_history.data_content_type 
_pdbx_audit_revision_history.major_revision 
_pdbx_audit_revision_history.minor_revision 
_pdbx_audit_revision_history.revision_date 
1 'Structure model' 1 0 1999-10-27 
2 'Structure model' 1 1 2007-10-16 
3 'Structure model' 1 2 2011-07-13 
4 'Structure model' 1 3 2023-12-27 
# 
_pdbx_audit_revision_details.ordinal             1 
_pdbx_audit_revision_details.revision_ordinal    1 
_pdbx_audit_revision_details.data_content_type   'Structure model' 
_pdbx_audit_revision_details.provider            repository 
_pdbx_audit_revision_details.type                'Initial release' 
_pdbx_audit_revision_details.description         ? 
_pdbx_audit_revision_details.details             ? 
# 
loop_
_pdbx_audit_revision_group.ordinal 
_pdbx_audit_revision_group.revision_ordinal 
_pdbx_audit_revision_group.data_content_type 
_pdbx_audit_revision_group.group 
1 2 'Structure model' 'Version format compliance' 
2 3 'Structure model' 'Source and taxonomy'       
3 3 'Structure model' 'Version format compliance' 
4 4 'Structure model' 'Data collection'           
5 4 'Structure model' 'Database references'       
6 4 'Structure model' 'Derived calculations'      
# 
loop_
_pdbx_audit_revision_category.ordinal 
_pdbx_audit_revision_category.revision_ordinal 
_pdbx_audit_revision_category.data_content_type 
_pdbx_audit_revision_category.category 
1 4 'Structure model' chem_comp_atom 
2 4 'Structure model' chem_comp_bond 
3 4 'Structure model' database_2     
4 4 'Structure model' struct_site    
# 
loop_
_pdbx_audit_revision_item.ordinal 
_pdbx_audit_revision_item.revision_ordinal 
_pdbx_audit_revision_item.data_content_type 
_pdbx_audit_revision_item.item 
1 4 'Structure model' '_database_2.pdbx_DOI'                
2 4 'Structure model' '_database_2.pdbx_database_accession' 
3 4 'Structure model' '_struct_site.pdbx_auth_asym_id'      
4 4 'Structure model' '_struct_site.pdbx_auth_comp_id'      
5 4 'Structure model' '_struct_site.pdbx_auth_seq_id'       
# 
_pdbx_database_status.status_code                     REL 
_pdbx_database_status.entry_id                        1VSR 
_pdbx_database_status.recvd_initial_deposition_date   1999-02-13 
_pdbx_database_status.deposit_site                    BNL 
_pdbx_database_status.process_site                    RCSB 
_pdbx_database_status.status_code_sf                  REL 
_pdbx_database_status.SG_entry                        . 
_pdbx_database_status.pdb_format_compatible           Y 
_pdbx_database_status.status_code_mr                  ? 
_pdbx_database_status.status_code_cs                  ? 
_pdbx_database_status.status_code_nmr_data            ? 
_pdbx_database_status.methods_development_category    ? 
# 
loop_
_audit_author.name 
_audit_author.pdbx_ordinal 
'Tsutakawa, S.E.' 1 
'Muto, T.'        2 
'Jingami, H.'     3 
'Kunishima, N.'   4 
'Ariyoshi, M.'    5 
'Kohda, D.'       6 
'Nakagawa, M.'    7 
'Morikawa, K.'    8 
# 
_citation.id                        primary 
_citation.title                     'Crystallographic and functional studies of very short patch repair endonuclease.' 
_citation.journal_abbrev            Mol.Cell 
_citation.journal_volume            3 
_citation.page_first                621 
_citation.page_last                 628 
_citation.year                      1999 
_citation.journal_id_ASTM           MOCEFL 
_citation.country                   US 
_citation.journal_id_ISSN           1097-2765 
_citation.journal_id_CSD            2168 
_citation.book_publisher            ? 
_citation.pdbx_database_id_PubMed   10360178 
_citation.pdbx_database_id_DOI      '10.1016/S1097-2765(00)80355-X' 
# 
loop_
_citation_author.citation_id 
_citation_author.name 
_citation_author.ordinal 
_citation_author.identifier_ORCID 
primary 'Tsutakawa, S.E.' 1 ? 
primary 'Muto, T.'        2 ? 
primary 'Kawate, T.'      3 ? 
primary 'Jingami, H.'     4 ? 
primary 'Kunishima, N.'   5 ? 
primary 'Ariyoshi, M.'    6 ? 
primary 'Kohda, D.'       7 ? 
primary 'Nakagawa, M.'    8 ? 
primary 'Morikawa, K.'    9 ? 
# 
loop_
_entity.id 
_entity.type 
_entity.src_method 
_entity.pdbx_description 
_entity.formula_weight 
_entity.pdbx_number_of_molecules 
_entity.pdbx_ec 
_entity.pdbx_mutation 
_entity.pdbx_fragment 
_entity.details 
1 polymer     man 'PROTEIN (VSR ENDONUCLEASE)' 15785.019 1  3.1.-.- ? FRAGMENT ? 
2 non-polymer syn 'ZINC ION'                   65.409    1  ?       ? ?        ? 
3 water       nat water                        18.015    63 ?       ? ?        ? 
# 
_entity_name_com.entity_id   1 
_entity_name_com.name        'PATCH REPAIR PROTEIN,DNA MISMATCH ENDONUCLEASE' 
# 
_entity_poly.entity_id                      1 
_entity_poly.type                           'polypeptide(L)' 
_entity_poly.nstd_linkage                   no 
_entity_poly.nstd_monomer                   no 
_entity_poly.pdbx_seq_one_letter_code       
;DTAIEKRLASLLTGQGLAFRVQDASLPGRPDFVVDEYRCVIFTHGCFWHHHHCYLFKVPATRTEFWLEKIGKNVERDRRD
ISRLQELGWRVLIVWECALRGREKLTDEALTERLEEWICGEGASAQIDTQGIHLLA
;
_entity_poly.pdbx_seq_one_letter_code_can   
;DTAIEKRLASLLTGQGLAFRVQDASLPGRPDFVVDEYRCVIFTHGCFWHHHHCYLFKVPATRTEFWLEKIGKNVERDRRD
ISRLQELGWRVLIVWECALRGREKLTDEALTERLEEWICGEGASAQIDTQGIHLLA
;
_entity_poly.pdbx_strand_id                 A 
_entity_poly.pdbx_target_identifier         ? 
# 
loop_
_pdbx_entity_nonpoly.entity_id 
_pdbx_entity_nonpoly.name 
_pdbx_entity_nonpoly.comp_id 
2 'ZINC ION' ZN  
3 water      HOH 
# 
loop_
_entity_poly_seq.entity_id 
_entity_poly_seq.num 
_entity_poly_seq.mon_id 
_entity_poly_seq.hetero 
1 1   ASP n 
1 2   THR n 
1 3   ALA n 
1 4   ILE n 
1 5   GLU n 
1 6   LYS n 
1 7   ARG n 
1 8   LEU n 
1 9   ALA n 
1 10  SER n 
1 11  LEU n 
1 12  LEU n 
1 13  THR n 
1 14  GLY n 
1 15  GLN n 
1 16  GLY n 
1 17  LEU n 
1 18  ALA n 
1 19  PHE n 
1 20  ARG n 
1 21  VAL n 
1 22  GLN n 
1 23  ASP n 
1 24  ALA n 
1 25  SER n 
1 26  LEU n 
1 27  PRO n 
1 28  GLY n 
1 29  ARG n 
1 30  PRO n 
1 31  ASP n 
1 32  PHE n 
1 33  VAL n 
1 34  VAL n 
1 35  ASP n 
1 36  GLU n 
1 37  TYR n 
1 38  ARG n 
1 39  CYS n 
1 40  VAL n 
1 41  ILE n 
1 42  PHE n 
1 43  THR n 
1 44  HIS n 
1 45  GLY n 
1 46  CYS n 
1 47  PHE n 
1 48  TRP n 
1 49  HIS n 
1 50  HIS n 
1 51  HIS n 
1 52  HIS n 
1 53  CYS n 
1 54  TYR n 
1 55  LEU n 
1 56  PHE n 
1 57  LYS n 
1 58  VAL n 
1 59  PRO n 
1 60  ALA n 
1 61  THR n 
1 62  ARG n 
1 63  THR n 
1 64  GLU n 
1 65  PHE n 
1 66  TRP n 
1 67  LEU n 
1 68  GLU n 
1 69  LYS n 
1 70  ILE n 
1 71  GLY n 
1 72  LYS n 
1 73  ASN n 
1 74  VAL n 
1 75  GLU n 
1 76  ARG n 
1 77  ASP n 
1 78  ARG n 
1 79  ARG n 
1 80  ASP n 
1 81  ILE n 
1 82  SER n 
1 83  ARG n 
1 84  LEU n 
1 85  GLN n 
1 86  GLU n 
1 87  LEU n 
1 88  GLY n 
1 89  TRP n 
1 90  ARG n 
1 91  VAL n 
1 92  LEU n 
1 93  ILE n 
1 94  VAL n 
1 95  TRP n 
1 96  GLU n 
1 97  CYS n 
1 98  ALA n 
1 99  LEU n 
1 100 ARG n 
1 101 GLY n 
1 102 ARG n 
1 103 GLU n 
1 104 LYS n 
1 105 LEU n 
1 106 THR n 
1 107 ASP n 
1 108 GLU n 
1 109 ALA n 
1 110 LEU n 
1 111 THR n 
1 112 GLU n 
1 113 ARG n 
1 114 LEU n 
1 115 GLU n 
1 116 GLU n 
1 117 TRP n 
1 118 ILE n 
1 119 CYS n 
1 120 GLY n 
1 121 GLU n 
1 122 GLY n 
1 123 ALA n 
1 124 SER n 
1 125 ALA n 
1 126 GLN n 
1 127 ILE n 
1 128 ASP n 
1 129 THR n 
1 130 GLN n 
1 131 GLY n 
1 132 ILE n 
1 133 HIS n 
1 134 LEU n 
1 135 LEU n 
1 136 ALA n 
# 
_entity_src_gen.entity_id                          1 
_entity_src_gen.pdbx_src_id                        1 
_entity_src_gen.pdbx_alt_source_flag               sample 
_entity_src_gen.pdbx_seq_type                      ? 
_entity_src_gen.pdbx_beg_seq_num                   ? 
_entity_src_gen.pdbx_end_seq_num                   ? 
_entity_src_gen.gene_src_common_name               ? 
_entity_src_gen.gene_src_genus                     Escherichia 
_entity_src_gen.pdbx_gene_src_gene                 VSR 
_entity_src_gen.gene_src_species                   'Escherichia coli' 
_entity_src_gen.gene_src_strain                    K12 
_entity_src_gen.gene_src_tissue                    ? 
_entity_src_gen.gene_src_tissue_fraction           ? 
_entity_src_gen.gene_src_details                   ? 
_entity_src_gen.pdbx_gene_src_fragment             ? 
_entity_src_gen.pdbx_gene_src_scientific_name      'Escherichia coli' 
_entity_src_gen.pdbx_gene_src_ncbi_taxonomy_id     83333 
_entity_src_gen.pdbx_gene_src_variant              ? 
_entity_src_gen.pdbx_gene_src_cell_line            ? 
_entity_src_gen.pdbx_gene_src_atcc                 ? 
_entity_src_gen.pdbx_gene_src_organ                ? 
_entity_src_gen.pdbx_gene_src_organelle            ? 
_entity_src_gen.pdbx_gene_src_cell                 ? 
_entity_src_gen.pdbx_gene_src_cellular_location    ? 
_entity_src_gen.host_org_common_name               ? 
_entity_src_gen.pdbx_host_org_scientific_name      'Escherichia coli BL21(DE3)' 
_entity_src_gen.pdbx_host_org_ncbi_taxonomy_id     469008 
_entity_src_gen.host_org_genus                     Escherichia 
_entity_src_gen.pdbx_host_org_gene                 VSR 
_entity_src_gen.pdbx_host_org_organ                ? 
_entity_src_gen.host_org_species                   'Escherichia coli' 
_entity_src_gen.pdbx_host_org_tissue               ? 
_entity_src_gen.pdbx_host_org_tissue_fraction      ? 
_entity_src_gen.pdbx_host_org_strain               'BL21 DE3' 
_entity_src_gen.pdbx_host_org_variant              ? 
_entity_src_gen.pdbx_host_org_cell_line            ? 
_entity_src_gen.pdbx_host_org_atcc                 ? 
_entity_src_gen.pdbx_host_org_culture_collection   ? 
_entity_src_gen.pdbx_host_org_cell                 ? 
_entity_src_gen.pdbx_host_org_organelle            ? 
_entity_src_gen.pdbx_host_org_cellular_location    ? 
_entity_src_gen.pdbx_host_org_vector_type          PLASMID 
_entity_src_gen.pdbx_host_org_vector               ? 
_entity_src_gen.host_org_details                   ? 
_entity_src_gen.expression_system_id               ? 
_entity_src_gen.plasmid_name                       PLMVSR1 
_entity_src_gen.plasmid_details                    ? 
_entity_src_gen.pdbx_description                   PCR 
# 
loop_
_chem_comp.id 
_chem_comp.type 
_chem_comp.mon_nstd_flag 
_chem_comp.name 
_chem_comp.pdbx_synonyms 
_chem_comp.formula 
_chem_comp.formula_weight 
ALA 'L-peptide linking' y ALANINE         ? 'C3 H7 N O2'     89.093  
ARG 'L-peptide linking' y ARGININE        ? 'C6 H15 N4 O2 1' 175.209 
ASN 'L-peptide linking' y ASPARAGINE      ? 'C4 H8 N2 O3'    132.118 
ASP 'L-peptide linking' y 'ASPARTIC ACID' ? 'C4 H7 N O4'     133.103 
CYS 'L-peptide linking' y CYSTEINE        ? 'C3 H7 N O2 S'   121.158 
GLN 'L-peptide linking' y GLUTAMINE       ? 'C5 H10 N2 O3'   146.144 
GLU 'L-peptide linking' y 'GLUTAMIC ACID' ? 'C5 H9 N O4'     147.129 
GLY 'peptide linking'   y GLYCINE         ? 'C2 H5 N O2'     75.067  
HIS 'L-peptide linking' y HISTIDINE       ? 'C6 H10 N3 O2 1' 156.162 
HOH non-polymer         . WATER           ? 'H2 O'           18.015  
ILE 'L-peptide linking' y ISOLEUCINE      ? 'C6 H13 N O2'    131.173 
LEU 'L-peptide linking' y LEUCINE         ? 'C6 H13 N O2'    131.173 
LYS 'L-peptide linking' y LYSINE          ? 'C6 H15 N2 O2 1' 147.195 
PHE 'L-peptide linking' y PHENYLALANINE   ? 'C9 H11 N O2'    165.189 
PRO 'L-peptide linking' y PROLINE         ? 'C5 H9 N O2'     115.130 
SER 'L-peptide linking' y SERINE          ? 'C3 H7 N O3'     105.093 
THR 'L-peptide linking' y THREONINE       ? 'C4 H9 N O3'     119.119 
TRP 'L-peptide linking' y TRYPTOPHAN      ? 'C11 H12 N2 O2'  204.225 
TYR 'L-peptide linking' y TYROSINE        ? 'C9 H11 N O3'    181.189 
VAL 'L-peptide linking' y VALINE          ? 'C5 H11 N O2'    117.146 
ZN  non-polymer         . 'ZINC ION'      ? 'Zn 2'           65.409  
# 
loop_
_pdbx_poly_seq_scheme.asym_id 
_pdbx_poly_seq_scheme.entity_id 
_pdbx_poly_seq_scheme.seq_id 
_pdbx_poly_seq_scheme.mon_id 
_pdbx_poly_seq_scheme.ndb_seq_num 
_pdbx_poly_seq_scheme.pdb_seq_num 
_pdbx_poly_seq_scheme.auth_seq_num 
_pdbx_poly_seq_scheme.pdb_mon_id 
_pdbx_poly_seq_scheme.auth_mon_id 
_pdbx_poly_seq_scheme.pdb_strand_id 
_pdbx_poly_seq_scheme.pdb_ins_code 
_pdbx_poly_seq_scheme.hetero 
A 1 1   ASP 1   21  ?   ?   ?   A . n 
A 1 2   THR 2   22  ?   ?   ?   A . n 
A 1 3   ALA 3   23  23  ALA ALA A . n 
A 1 4   ILE 4   24  24  ILE ILE A . n 
A 1 5   GLU 5   25  25  GLU GLU A . n 
A 1 6   LYS 6   26  26  LYS LYS A . n 
A 1 7   ARG 7   27  27  ARG ARG A . n 
A 1 8   LEU 8   28  28  LEU LEU A . n 
A 1 9   ALA 9   29  29  ALA ALA A . n 
A 1 10  SER 10  30  30  SER SER A . n 
A 1 11  LEU 11  31  31  LEU LEU A . n 
A 1 12  LEU 12  32  32  LEU LEU A . n 
A 1 13  THR 13  33  33  THR THR A . n 
A 1 14  GLY 14  34  34  GLY GLY A . n 
A 1 15  GLN 15  35  35  GLN GLN A . n 
A 1 16  GLY 16  36  36  GLY GLY A . n 
A 1 17  LEU 17  37  37  LEU LEU A . n 
A 1 18  ALA 18  38  38  ALA ALA A . n 
A 1 19  PHE 19  39  39  PHE PHE A . n 
A 1 20  ARG 20  40  40  ARG ARG A . n 
A 1 21  VAL 21  41  41  VAL VAL A . n 
A 1 22  GLN 22  42  42  GLN GLN A . n 
A 1 23  ASP 23  43  43  ASP ASP A . n 
A 1 24  ALA 24  44  44  ALA ALA A . n 
A 1 25  SER 25  45  45  SER SER A . n 
A 1 26  LEU 26  46  46  LEU LEU A . n 
A 1 27  PRO 27  47  47  PRO PRO A . n 
A 1 28  GLY 28  48  48  GLY GLY A . n 
A 1 29  ARG 29  49  49  ARG ARG A . n 
A 1 30  PRO 30  50  50  PRO PRO A . n 
A 1 31  ASP 31  51  51  ASP ASP A . n 
A 1 32  PHE 32  52  52  PHE PHE A . n 
A 1 33  VAL 33  53  53  VAL VAL A . n 
A 1 34  VAL 34  54  54  VAL VAL A . n 
A 1 35  ASP 35  55  55  ASP ASP A . n 
A 1 36  GLU 36  56  56  GLU GLU A . n 
A 1 37  TYR 37  57  57  TYR TYR A . n 
A 1 38  ARG 38  58  58  ARG ARG A . n 
A 1 39  CYS 39  59  59  CYS CYS A . n 
A 1 40  VAL 40  60  60  VAL VAL A . n 
A 1 41  ILE 41  61  61  ILE ILE A . n 
A 1 42  PHE 42  62  62  PHE PHE A . n 
A 1 43  THR 43  63  63  THR THR A . n 
A 1 44  HIS 44  64  64  HIS HIS A . n 
A 1 45  GLY 45  65  65  GLY GLY A . n 
A 1 46  CYS 46  66  66  CYS CYS A . n 
A 1 47  PHE 47  67  67  PHE PHE A . n 
A 1 48  TRP 48  68  68  TRP TRP A . n 
A 1 49  HIS 49  69  69  HIS HIS A . n 
A 1 50  HIS 50  70  70  HIS HIS A . n 
A 1 51  HIS 51  71  71  HIS HIS A . n 
A 1 52  HIS 52  72  72  HIS HIS A . n 
A 1 53  CYS 53  73  73  CYS CYS A . n 
A 1 54  TYR 54  74  74  TYR TYR A . n 
A 1 55  LEU 55  75  75  LEU LEU A . n 
A 1 56  PHE 56  76  76  PHE PHE A . n 
A 1 57  LYS 57  77  77  LYS LYS A . n 
A 1 58  VAL 58  78  78  VAL VAL A . n 
A 1 59  PRO 59  79  79  PRO PRO A . n 
A 1 60  ALA 60  80  80  ALA ALA A . n 
A 1 61  THR 61  81  81  THR THR A . n 
A 1 62  ARG 62  82  82  ARG ARG A . n 
A 1 63  THR 63  83  83  THR THR A . n 
A 1 64  GLU 64  84  84  GLU GLU A . n 
A 1 65  PHE 65  85  85  PHE PHE A . n 
A 1 66  TRP 66  86  86  TRP TRP A . n 
A 1 67  LEU 67  87  87  LEU LEU A . n 
A 1 68  GLU 68  88  88  GLU GLU A . n 
A 1 69  LYS 69  89  89  LYS LYS A . n 
A 1 70  ILE 70  90  90  ILE ILE A . n 
A 1 71  GLY 71  91  91  GLY GLY A . n 
A 1 72  LYS 72  92  92  LYS LYS A . n 
A 1 73  ASN 73  93  93  ASN ASN A . n 
A 1 74  VAL 74  94  94  VAL VAL A . n 
A 1 75  GLU 75  95  95  GLU GLU A . n 
A 1 76  ARG 76  96  96  ARG ARG A . n 
A 1 77  ASP 77  97  97  ASP ASP A . n 
A 1 78  ARG 78  98  98  ARG ARG A . n 
A 1 79  ARG 79  99  99  ARG ARG A . n 
A 1 80  ASP 80  100 100 ASP ASP A . n 
A 1 81  ILE 81  101 101 ILE ILE A . n 
A 1 82  SER 82  102 102 SER SER A . n 
A 1 83  ARG 83  103 103 ARG ARG A . n 
A 1 84  LEU 84  104 104 LEU LEU A . n 
A 1 85  GLN 85  105 105 GLN GLN A . n 
A 1 86  GLU 86  106 106 GLU GLU A . n 
A 1 87  LEU 87  107 107 LEU LEU A . n 
A 1 88  GLY 88  108 108 GLY GLY A . n 
A 1 89  TRP 89  109 109 TRP TRP A . n 
A 1 90  ARG 90  110 110 ARG ARG A . n 
A 1 91  VAL 91  111 111 VAL VAL A . n 
A 1 92  LEU 92  112 112 LEU LEU A . n 
A 1 93  ILE 93  113 113 ILE ILE A . n 
A 1 94  VAL 94  114 114 VAL VAL A . n 
A 1 95  TRP 95  115 115 TRP TRP A . n 
A 1 96  GLU 96  116 116 GLU GLU A . n 
A 1 97  CYS 97  117 117 CYS CYS A . n 
A 1 98  ALA 98  118 118 ALA ALA A . n 
A 1 99  LEU 99  119 119 LEU LEU A . n 
A 1 100 ARG 100 120 120 ARG ARG A . n 
A 1 101 GLY 101 121 121 GLY GLY A . n 
A 1 102 ARG 102 122 122 ARG ARG A . n 
A 1 103 GLU 103 123 123 GLU GLU A . n 
A 1 104 LYS 104 124 124 LYS LYS A . n 
A 1 105 LEU 105 125 125 LEU LEU A . n 
A 1 106 THR 106 126 126 THR THR A . n 
A 1 107 ASP 107 127 127 ASP ASP A . n 
A 1 108 GLU 108 128 128 GLU GLU A . n 
A 1 109 ALA 109 129 129 ALA ALA A . n 
A 1 110 LEU 110 130 130 LEU LEU A . n 
A 1 111 THR 111 131 131 THR THR A . n 
A 1 112 GLU 112 132 132 GLU GLU A . n 
A 1 113 ARG 113 133 133 ARG ARG A . n 
A 1 114 LEU 114 134 134 LEU LEU A . n 
A 1 115 GLU 115 135 135 GLU GLU A . n 
A 1 116 GLU 116 136 136 GLU GLU A . n 
A 1 117 TRP 117 137 137 TRP TRP A . n 
A 1 118 ILE 118 138 138 ILE ILE A . n 
A 1 119 CYS 119 139 139 CYS CYS A . n 
A 1 120 GLY 120 140 140 GLY GLY A . n 
A 1 121 GLU 121 141 141 GLU GLU A . n 
A 1 122 GLY 122 142 142 GLY GLY A . n 
A 1 123 ALA 123 143 143 ALA ALA A . n 
A 1 124 SER 124 144 144 SER SER A . n 
A 1 125 ALA 125 145 145 ALA ALA A . n 
A 1 126 GLN 126 146 146 GLN GLN A . n 
A 1 127 ILE 127 147 147 ILE ILE A . n 
A 1 128 ASP 128 148 148 ASP ASP A . n 
A 1 129 THR 129 149 149 THR THR A . n 
A 1 130 GLN 130 150 150 GLN GLN A . n 
A 1 131 GLY 131 151 151 GLY GLY A . n 
A 1 132 ILE 132 152 152 ILE ILE A . n 
A 1 133 HIS 133 153 153 HIS HIS A . n 
A 1 134 LEU 134 154 154 LEU LEU A . n 
A 1 135 LEU 135 155 155 LEU LEU A . n 
A 1 136 ALA 136 156 156 ALA ALA A . n 
# 
loop_
_pdbx_nonpoly_scheme.asym_id 
_pdbx_nonpoly_scheme.entity_id 
_pdbx_nonpoly_scheme.mon_id 
_pdbx_nonpoly_scheme.ndb_seq_num 
_pdbx_nonpoly_scheme.pdb_seq_num 
_pdbx_nonpoly_scheme.auth_seq_num 
_pdbx_nonpoly_scheme.pdb_mon_id 
_pdbx_nonpoly_scheme.auth_mon_id 
_pdbx_nonpoly_scheme.pdb_strand_id 
_pdbx_nonpoly_scheme.pdb_ins_code 
B 2 ZN  1  201 201 ZN  ZN  A . 
C 3 HOH 1  202 1   HOH HOH A . 
C 3 HOH 2  203 2   HOH HOH A . 
C 3 HOH 3  204 3   HOH HOH A . 
C 3 HOH 4  205 4   HOH HOH A . 
C 3 HOH 5  206 5   HOH HOH A . 
C 3 HOH 6  207 6   HOH HOH A . 
C 3 HOH 7  208 7   HOH HOH A . 
C 3 HOH 8  209 8   HOH HOH A . 
C 3 HOH 9  210 9   HOH HOH A . 
C 3 HOH 10 211 10  HOH HOH A . 
C 3 HOH 11 212 11  HOH HOH A . 
C 3 HOH 12 213 12  HOH HOH A . 
C 3 HOH 13 214 13  HOH HOH A . 
C 3 HOH 14 215 14  HOH HOH A . 
C 3 HOH 15 216 15  HOH HOH A . 
C 3 HOH 16 217 16  HOH HOH A . 
C 3 HOH 17 218 17  HOH HOH A . 
C 3 HOH 18 219 18  HOH HOH A . 
C 3 HOH 19 220 19  HOH HOH A . 
C 3 HOH 20 221 20  HOH HOH A . 
C 3 HOH 21 222 21  HOH HOH A . 
C 3 HOH 22 223 22  HOH HOH A . 
C 3 HOH 23 224 23  HOH HOH A . 
C 3 HOH 24 225 24  HOH HOH A . 
C 3 HOH 25 226 25  HOH HOH A . 
C 3 HOH 26 227 26  HOH HOH A . 
C 3 HOH 27 228 27  HOH HOH A . 
C 3 HOH 28 229 28  HOH HOH A . 
C 3 HOH 29 230 29  HOH HOH A . 
C 3 HOH 30 231 30  HOH HOH A . 
C 3 HOH 31 232 31  HOH HOH A . 
C 3 HOH 32 233 32  HOH HOH A . 
C 3 HOH 33 234 33  HOH HOH A . 
C 3 HOH 34 235 34  HOH HOH A . 
C 3 HOH 35 236 35  HOH HOH A . 
C 3 HOH 36 237 36  HOH HOH A . 
C 3 HOH 37 238 37  HOH HOH A . 
C 3 HOH 38 239 38  HOH HOH A . 
C 3 HOH 39 240 39  HOH HOH A . 
C 3 HOH 40 241 40  HOH HOH A . 
C 3 HOH 41 242 41  HOH HOH A . 
C 3 HOH 42 243 42  HOH HOH A . 
C 3 HOH 43 244 43  HOH HOH A . 
C 3 HOH 44 245 44  HOH HOH A . 
C 3 HOH 45 246 45  HOH HOH A . 
C 3 HOH 46 247 46  HOH HOH A . 
C 3 HOH 47 248 47  HOH HOH A . 
C 3 HOH 48 249 48  HOH HOH A . 
C 3 HOH 49 250 49  HOH HOH A . 
C 3 HOH 50 251 50  HOH HOH A . 
C 3 HOH 51 252 51  HOH HOH A . 
C 3 HOH 52 253 52  HOH HOH A . 
C 3 HOH 53 254 53  HOH HOH A . 
C 3 HOH 54 255 54  HOH HOH A . 
C 3 HOH 55 256 55  HOH HOH A . 
C 3 HOH 56 257 56  HOH HOH A . 
C 3 HOH 57 258 57  HOH HOH A . 
C 3 HOH 58 259 58  HOH HOH A . 
C 3 HOH 59 260 59  HOH HOH A . 
C 3 HOH 60 261 60  HOH HOH A . 
C 3 HOH 61 262 61  HOH HOH A . 
C 3 HOH 62 263 62  HOH HOH A . 
C 3 HOH 63 264 63  HOH HOH A . 
# 
loop_
_pdbx_unobs_or_zero_occ_atoms.id 
_pdbx_unobs_or_zero_occ_atoms.PDB_model_num 
_pdbx_unobs_or_zero_occ_atoms.polymer_flag 
_pdbx_unobs_or_zero_occ_atoms.occupancy_flag 
_pdbx_unobs_or_zero_occ_atoms.auth_asym_id 
_pdbx_unobs_or_zero_occ_atoms.auth_comp_id 
_pdbx_unobs_or_zero_occ_atoms.auth_seq_id 
_pdbx_unobs_or_zero_occ_atoms.PDB_ins_code 
_pdbx_unobs_or_zero_occ_atoms.auth_atom_id 
_pdbx_unobs_or_zero_occ_atoms.label_alt_id 
_pdbx_unobs_or_zero_occ_atoms.label_asym_id 
_pdbx_unobs_or_zero_occ_atoms.label_comp_id 
_pdbx_unobs_or_zero_occ_atoms.label_seq_id 
_pdbx_unobs_or_zero_occ_atoms.label_atom_id 
1 1 Y 0 A ARG 122 ? CG  ? A ARG 102 CG  
2 1 Y 0 A ARG 122 ? CD  ? A ARG 102 CD  
3 1 Y 0 A ARG 122 ? NE  ? A ARG 102 NE  
4 1 Y 0 A ARG 122 ? CZ  ? A ARG 102 CZ  
5 1 Y 0 A ARG 122 ? NH1 ? A ARG 102 NH1 
6 1 Y 0 A ARG 122 ? NH2 ? A ARG 102 NH2 
# 
loop_
_software.name 
_software.classification 
_software.version 
_software.citation_id 
_software.pdbx_ordinal 
CCP4      'model building' . ? 1 
REFMAC    refinement       . ? 2 
DENZO     'data reduction' . ? 3 
SCALEPACK 'data scaling'   . ? 4 
CCP4      phasing          . ? 5 
# 
_cell.entry_id           1VSR 
_cell.length_a           35.020 
_cell.length_b           54.240 
_cell.length_c           73.520 
_cell.angle_alpha        90.00 
_cell.angle_beta         90.00 
_cell.angle_gamma        90.00 
_cell.Z_PDB              4 
_cell.pdbx_unique_axis   ? 
# 
_symmetry.entry_id                         1VSR 
_symmetry.space_group_name_H-M             'P 21 21 21' 
_symmetry.pdbx_full_space_group_name_H-M   ? 
_symmetry.cell_setting                     ? 
_symmetry.Int_Tables_number                19 
# 
_exptl.entry_id          1VSR 
_exptl.method            'X-RAY DIFFRACTION' 
_exptl.crystals_number   1 
# 
_exptl_crystal.id                    1 
_exptl_crystal.density_meas          ? 
_exptl_crystal.density_Matthews      2.2 
_exptl_crystal.density_percent_sol   44.38 
_exptl_crystal.description           ? 
# 
_exptl_crystal_grow.crystal_id      1 
_exptl_crystal_grow.method          ? 
_exptl_crystal_grow.temp            ? 
_exptl_crystal_grow.temp_details    ? 
_exptl_crystal_grow.pH              6.5 
_exptl_crystal_grow.pdbx_details    
;CRYSTALLIZATION CONDITIONS: 
ROOM TEMPERATURE BATCH, 
75 MM SODIUM PHOSPHATE PH 6.5, 
150 MM NACL, 
2 MM DTT, 
10% PEG 4K
;
_exptl_crystal_grow.pdbx_pH_range   . 
# 
_diffrn.id                     1 
_diffrn.ambient_temp           300.0 
_diffrn.ambient_temp_details   ? 
_diffrn.crystal_id             1 
# 
_diffrn_detector.diffrn_id              1 
_diffrn_detector.detector               'IMAGE PLATE' 
_diffrn_detector.type                   ? 
_diffrn_detector.pdbx_collection_date   1997-11-17 
_diffrn_detector.details                MIRRORS 
# 
_diffrn_radiation.diffrn_id                        1 
_diffrn_radiation.wavelength_id                    1 
_diffrn_radiation.pdbx_monochromatic_or_laue_m_l   M 
_diffrn_radiation.monochromator                    'SI(111)' 
_diffrn_radiation.pdbx_diffrn_protocol             'SINGLE WAVELENGTH' 
_diffrn_radiation.pdbx_scattering_type             x-ray 
# 
_diffrn_radiation_wavelength.id           1 
_diffrn_radiation_wavelength.wavelength   1.0 
_diffrn_radiation_wavelength.wt           1.0 
# 
_diffrn_source.diffrn_id                   1 
_diffrn_source.source                      SYNCHROTRON 
_diffrn_source.type                        'PHOTON FACTORY BEAMLINE BL-6B' 
_diffrn_source.pdbx_synchrotron_site       'Photon Factory' 
_diffrn_source.pdbx_synchrotron_beamline   BL-6B 
_diffrn_source.pdbx_wavelength             1.0 
_diffrn_source.pdbx_wavelength_list        ? 
# 
_reflns.entry_id                     1VSR 
_reflns.observed_criterion_sigma_I   0.0 
_reflns.observed_criterion_sigma_F   ? 
_reflns.d_resolution_low             20.0 
_reflns.d_resolution_high            1.8 
_reflns.number_obs                   12869 
_reflns.number_all                   ? 
_reflns.percent_possible_obs         94.8 
_reflns.pdbx_Rmerge_I_obs            0.0300000 
_reflns.pdbx_Rsym_value              ? 
_reflns.pdbx_netI_over_sigmaI        20.1 
_reflns.B_iso_Wilson_estimate        ? 
_reflns.pdbx_redundancy              2.45 
_reflns.R_free_details               ? 
_reflns.limit_h_max                  ? 
_reflns.limit_h_min                  ? 
_reflns.limit_k_max                  ? 
_reflns.limit_k_min                  ? 
_reflns.limit_l_max                  ? 
_reflns.limit_l_min                  ? 
_reflns.observed_criterion_F_max     ? 
_reflns.observed_criterion_F_min     ? 
_reflns.pdbx_ordinal                 1 
_reflns.pdbx_diffrn_id               1 
# 
_reflns_shell.d_res_high             1.8 
_reflns_shell.d_res_low              1.86 
_reflns_shell.percent_possible_all   91.4 
_reflns_shell.Rmerge_I_obs           0.1770000 
_reflns_shell.pdbx_Rsym_value        ? 
_reflns_shell.meanI_over_sigI_obs    ? 
_reflns_shell.pdbx_redundancy        2.3 
_reflns_shell.percent_possible_obs   ? 
_reflns_shell.number_unique_all      ? 
_reflns_shell.pdbx_ordinal           1 
_reflns_shell.pdbx_diffrn_id         1 
# 
_refine.entry_id                                 1VSR 
_refine.ls_number_reflns_obs                     12206 
_refine.ls_number_reflns_all                     ? 
_refine.pdbx_ls_sigma_I                          ? 
_refine.pdbx_ls_sigma_F                          0.0 
_refine.pdbx_data_cutoff_high_absF               ? 
_refine.pdbx_data_cutoff_low_absF                ? 
_refine.pdbx_data_cutoff_high_rms_absF           ? 
_refine.ls_d_res_low                             20.0 
_refine.ls_d_res_high                            1.8 
_refine.ls_percent_reflns_obs                    94.9 
_refine.ls_R_factor_obs                          ? 
_refine.ls_R_factor_all                          ? 
_refine.ls_R_factor_R_work                       0.1962000 
_refine.ls_R_factor_R_free                       0.2160000 
_refine.ls_R_factor_R_free_error                 ? 
_refine.ls_R_factor_R_free_error_details         ? 
_refine.ls_percent_reflns_R_free                 5 
_refine.ls_number_reflns_R_free                  637 
_refine.ls_number_parameters                     ? 
_refine.ls_number_restraints                     ? 
_refine.occupancy_min                            ? 
_refine.occupancy_max                            ? 
_refine.B_iso_mean                               ? 
_refine.aniso_B[1][1]                            ? 
_refine.aniso_B[2][2]                            ? 
_refine.aniso_B[3][3]                            ? 
_refine.aniso_B[1][2]                            ? 
_refine.aniso_B[1][3]                            ? 
_refine.aniso_B[2][3]                            ? 
_refine.solvent_model_details                    ? 
_refine.solvent_model_param_ksol                 ? 
_refine.solvent_model_param_bsol                 ? 
_refine.pdbx_ls_cross_valid_method               THROUGHOUT 
_refine.details                                  
;USED ROUNDS OF XPLOR AND REFMAC FOR REFINEMENT XPLOR-2 SIGMA CUTOFF, 6-1.8 A  
REFMAC-NO SIGMA CUTOFF, 20-1.8 A, BULK SOLVENT CORRECTION  
BOND LENGTHS (A) : 0.004  
BOND ANGLES (DEGREES) : 2.1
;
_refine.pdbx_starting_model                      ? 
_refine.pdbx_method_to_determine_struct          MIR 
_refine.pdbx_isotropic_thermal_model             ? 
_refine.pdbx_stereochemistry_target_values       ? 
_refine.pdbx_stereochem_target_val_spec_case     ? 
_refine.pdbx_R_Free_selection_details            RANDOM 
_refine.pdbx_overall_ESU_R                       ? 
_refine.pdbx_overall_ESU_R_Free                  ? 
_refine.overall_SU_ML                            ? 
_refine.overall_SU_B                             ? 
_refine.ls_redundancy_reflns_obs                 ? 
_refine.B_iso_min                                ? 
_refine.B_iso_max                                ? 
_refine.pdbx_refine_id                           'X-RAY DIFFRACTION' 
_refine.pdbx_diffrn_id                           1 
_refine.pdbx_TLS_residual_ADP_flag               ? 
_refine.correlation_coeff_Fo_to_Fc               ? 
_refine.correlation_coeff_Fo_to_Fc_free          ? 
_refine.pdbx_solvent_vdw_probe_radii             ? 
_refine.pdbx_solvent_ion_probe_radii             ? 
_refine.pdbx_solvent_shrinkage_radii             ? 
_refine.pdbx_overall_phase_error                 ? 
_refine.overall_SU_R_Cruickshank_DPI             ? 
_refine.pdbx_overall_SU_R_free_Cruickshank_DPI   ? 
_refine.pdbx_overall_SU_R_Blow_DPI               ? 
_refine.pdbx_overall_SU_R_free_Blow_DPI          ? 
# 
_refine_hist.pdbx_refine_id                   'X-RAY DIFFRACTION' 
_refine_hist.cycle_id                         LAST 
_refine_hist.pdbx_number_atoms_protein        1097 
_refine_hist.pdbx_number_atoms_nucleic_acid   0 
_refine_hist.pdbx_number_atoms_ligand         1 
_refine_hist.number_atoms_solvent             63 
_refine_hist.number_atoms_total               1161 
_refine_hist.d_res_high                       1.8 
_refine_hist.d_res_low                        20.0 
# 
_struct.entry_id                  1VSR 
_struct.title                     'VERY SHORT PATCH REPAIR (VSR) ENDONUCLEASE FROM ESCHERICHIA COLI' 
_struct.pdbx_model_details        ? 
_struct.pdbx_CASP_flag            ? 
_struct.pdbx_model_type_details   ? 
# 
_struct_keywords.entry_id        1VSR 
_struct_keywords.pdbx_keywords   HYDROLASE 
_struct_keywords.text            'ENDONUCLEASE, DNA REPAIR, MISMATCH RECOGNITION, HYDROLASE' 
# 
loop_
_struct_asym.id 
_struct_asym.pdbx_blank_PDB_chainid_flag 
_struct_asym.pdbx_modified 
_struct_asym.entity_id 
_struct_asym.details 
A N N 1 ? 
B N N 2 ? 
C N N 3 ? 
# 
_struct_ref.id                         1 
_struct_ref.db_name                    UNP 
_struct_ref.db_code                    VSR_ECOLI 
_struct_ref.entity_id                  1 
_struct_ref.pdbx_db_accession          P09184 
_struct_ref.pdbx_align_begin           ? 
_struct_ref.pdbx_seq_one_letter_code   ? 
_struct_ref.pdbx_db_isoform            ? 
# 
_struct_ref_seq.align_id                      1 
_struct_ref_seq.ref_id                        1 
_struct_ref_seq.pdbx_PDB_id_code              1VSR 
_struct_ref_seq.pdbx_strand_id                A 
_struct_ref_seq.seq_align_beg                 1 
_struct_ref_seq.pdbx_seq_align_beg_ins_code   ? 
_struct_ref_seq.seq_align_end                 136 
_struct_ref_seq.pdbx_seq_align_end_ins_code   ? 
_struct_ref_seq.pdbx_db_accession             P09184 
_struct_ref_seq.db_align_beg                  21 
_struct_ref_seq.pdbx_db_align_beg_ins_code    ? 
_struct_ref_seq.db_align_end                  156 
_struct_ref_seq.pdbx_db_align_end_ins_code    ? 
_struct_ref_seq.pdbx_auth_seq_align_beg       21 
_struct_ref_seq.pdbx_auth_seq_align_end       156 
# 
_pdbx_struct_assembly.id                   1 
_pdbx_struct_assembly.details              author_defined_assembly 
_pdbx_struct_assembly.method_details       ? 
_pdbx_struct_assembly.oligomeric_details   monomeric 
_pdbx_struct_assembly.oligomeric_count     1 
# 
_pdbx_struct_assembly_gen.assembly_id       1 
_pdbx_struct_assembly_gen.oper_expression   1 
_pdbx_struct_assembly_gen.asym_id_list      A,B,C 
# 
_pdbx_struct_oper_list.id                   1 
_pdbx_struct_oper_list.type                 'identity operation' 
_pdbx_struct_oper_list.name                 1_555 
_pdbx_struct_oper_list.symmetry_operation   x,y,z 
_pdbx_struct_oper_list.matrix[1][1]         1.0000000000 
_pdbx_struct_oper_list.matrix[1][2]         0.0000000000 
_pdbx_struct_oper_list.matrix[1][3]         0.0000000000 
_pdbx_struct_oper_list.vector[1]            0.0000000000 
_pdbx_struct_oper_list.matrix[2][1]         0.0000000000 
_pdbx_struct_oper_list.matrix[2][2]         1.0000000000 
_pdbx_struct_oper_list.matrix[2][3]         0.0000000000 
_pdbx_struct_oper_list.vector[2]            0.0000000000 
_pdbx_struct_oper_list.matrix[3][1]         0.0000000000 
_pdbx_struct_oper_list.matrix[3][2]         0.0000000000 
_pdbx_struct_oper_list.matrix[3][3]         1.0000000000 
_pdbx_struct_oper_list.vector[3]            0.0000000000 
# 
_struct_biol.id   1 
# 
loop_
_struct_conf.conf_type_id 
_struct_conf.id 
_struct_conf.pdbx_PDB_helix_id 
_struct_conf.beg_label_comp_id 
_struct_conf.beg_label_asym_id 
_struct_conf.beg_label_seq_id 
_struct_conf.pdbx_beg_PDB_ins_code 
_struct_conf.end_label_comp_id 
_struct_conf.end_label_asym_id 
_struct_conf.end_label_seq_id 
_struct_conf.pdbx_end_PDB_ins_code 
_struct_conf.beg_auth_comp_id 
_struct_conf.beg_auth_asym_id 
_struct_conf.beg_auth_seq_id 
_struct_conf.end_auth_comp_id 
_struct_conf.end_auth_asym_id 
_struct_conf.end_auth_seq_id 
_struct_conf.pdbx_PDB_helix_class 
_struct_conf.details 
_struct_conf.pdbx_PDB_helix_length 
HELX_P HELX_P1 A ARG A 7   ? GLY A 14  ? ARG A 27  GLY A 34  1 ? 8  
HELX_P HELX_P2 B THR A 63  ? LEU A 87  ? THR A 83  LEU A 107 1 ? 25 
HELX_P HELX_P3 C ASP A 107 ? GLY A 120 ? ASP A 127 GLY A 140 1 ? 14 
# 
_struct_conf_type.id          HELX_P 
_struct_conf_type.criteria    ? 
_struct_conf_type.reference   ? 
# 
loop_
_struct_conn.id 
_struct_conn.conn_type_id 
_struct_conn.pdbx_leaving_atom_flag 
_struct_conn.pdbx_PDB_id 
_struct_conn.ptnr1_label_asym_id 
_struct_conn.ptnr1_label_comp_id 
_struct_conn.ptnr1_label_seq_id 
_struct_conn.ptnr1_label_atom_id 
_struct_conn.pdbx_ptnr1_label_alt_id 
_struct_conn.pdbx_ptnr1_PDB_ins_code 
_struct_conn.pdbx_ptnr1_standard_comp_id 
_struct_conn.ptnr1_symmetry 
_struct_conn.ptnr2_label_asym_id 
_struct_conn.ptnr2_label_comp_id 
_struct_conn.ptnr2_label_seq_id 
_struct_conn.ptnr2_label_atom_id 
_struct_conn.pdbx_ptnr2_label_alt_id 
_struct_conn.pdbx_ptnr2_PDB_ins_code 
_struct_conn.ptnr1_auth_asym_id 
_struct_conn.ptnr1_auth_comp_id 
_struct_conn.ptnr1_auth_seq_id 
_struct_conn.ptnr2_auth_asym_id 
_struct_conn.ptnr2_auth_comp_id 
_struct_conn.ptnr2_auth_seq_id 
_struct_conn.ptnr2_symmetry 
_struct_conn.pdbx_ptnr3_label_atom_id 
_struct_conn.pdbx_ptnr3_label_seq_id 
_struct_conn.pdbx_ptnr3_label_comp_id 
_struct_conn.pdbx_ptnr3_label_asym_id 
_struct_conn.pdbx_ptnr3_label_alt_id 
_struct_conn.pdbx_ptnr3_PDB_ins_code 
_struct_conn.details 
_struct_conn.pdbx_dist_value 
_struct_conn.pdbx_value_order 
_struct_conn.pdbx_role 
metalc1 metalc ? ? A CYS 46 SG  ? ? ? 1_555 B ZN . ZN ? ? A CYS 66  A ZN 201 1_555 ? ? ? ? ? ? ? 2.291 ? ? 
metalc2 metalc ? ? A HIS 51 ND1 ? ? ? 1_555 B ZN . ZN ? ? A HIS 71  A ZN 201 1_555 ? ? ? ? ? ? ? 2.192 ? ? 
metalc3 metalc ? ? A CYS 53 SG  ? ? ? 1_555 B ZN . ZN ? ? A CYS 73  A ZN 201 1_555 ? ? ? ? ? ? ? 2.293 ? ? 
metalc4 metalc ? ? A CYS 97 SG  ? ? ? 1_555 B ZN . ZN ? ? A CYS 117 A ZN 201 1_555 ? ? ? ? ? ? ? 2.347 ? ? 
# 
_struct_conn_type.id          metalc 
_struct_conn_type.criteria    ? 
_struct_conn_type.reference   ? 
# 
loop_
_pdbx_struct_conn_angle.id 
_pdbx_struct_conn_angle.ptnr1_label_atom_id 
_pdbx_struct_conn_angle.ptnr1_label_alt_id 
_pdbx_struct_conn_angle.ptnr1_label_asym_id 
_pdbx_struct_conn_angle.ptnr1_label_comp_id 
_pdbx_struct_conn_angle.ptnr1_label_seq_id 
_pdbx_struct_conn_angle.ptnr1_auth_atom_id 
_pdbx_struct_conn_angle.ptnr1_auth_asym_id 
_pdbx_struct_conn_angle.ptnr1_auth_comp_id 
_pdbx_struct_conn_angle.ptnr1_auth_seq_id 
_pdbx_struct_conn_angle.ptnr1_PDB_ins_code 
_pdbx_struct_conn_angle.ptnr1_symmetry 
_pdbx_struct_conn_angle.ptnr2_label_atom_id 
_pdbx_struct_conn_angle.ptnr2_label_alt_id 
_pdbx_struct_conn_angle.ptnr2_label_asym_id 
_pdbx_struct_conn_angle.ptnr2_label_comp_id 
_pdbx_struct_conn_angle.ptnr2_label_seq_id 
_pdbx_struct_conn_angle.ptnr2_auth_atom_id 
_pdbx_struct_conn_angle.ptnr2_auth_asym_id 
_pdbx_struct_conn_angle.ptnr2_auth_comp_id 
_pdbx_struct_conn_angle.ptnr2_auth_seq_id 
_pdbx_struct_conn_angle.ptnr2_PDB_ins_code 
_pdbx_struct_conn_angle.ptnr2_symmetry 
_pdbx_struct_conn_angle.ptnr3_label_atom_id 
_pdbx_struct_conn_angle.ptnr3_label_alt_id 
_pdbx_struct_conn_angle.ptnr3_label_asym_id 
_pdbx_struct_conn_angle.ptnr3_label_comp_id 
_pdbx_struct_conn_angle.ptnr3_label_seq_id 
_pdbx_struct_conn_angle.ptnr3_auth_atom_id 
_pdbx_struct_conn_angle.ptnr3_auth_asym_id 
_pdbx_struct_conn_angle.ptnr3_auth_comp_id 
_pdbx_struct_conn_angle.ptnr3_auth_seq_id 
_pdbx_struct_conn_angle.ptnr3_PDB_ins_code 
_pdbx_struct_conn_angle.ptnr3_symmetry 
_pdbx_struct_conn_angle.value 
_pdbx_struct_conn_angle.value_esd 
1 SG  ? A CYS 46 ? A CYS 66 ? 1_555 ZN ? B ZN . ? A ZN 201 ? 1_555 ND1 ? A HIS 51 ? A HIS 71  ? 1_555 113.6 ? 
2 SG  ? A CYS 46 ? A CYS 66 ? 1_555 ZN ? B ZN . ? A ZN 201 ? 1_555 SG  ? A CYS 53 ? A CYS 73  ? 1_555 110.6 ? 
3 ND1 ? A HIS 51 ? A HIS 71 ? 1_555 ZN ? B ZN . ? A ZN 201 ? 1_555 SG  ? A CYS 53 ? A CYS 73  ? 1_555 104.8 ? 
4 SG  ? A CYS 46 ? A CYS 66 ? 1_555 ZN ? B ZN . ? A ZN 201 ? 1_555 SG  ? A CYS 97 ? A CYS 117 ? 1_555 111.3 ? 
5 ND1 ? A HIS 51 ? A HIS 71 ? 1_555 ZN ? B ZN . ? A ZN 201 ? 1_555 SG  ? A CYS 97 ? A CYS 117 ? 1_555 101.4 ? 
6 SG  ? A CYS 53 ? A CYS 73 ? 1_555 ZN ? B ZN . ? A ZN 201 ? 1_555 SG  ? A CYS 97 ? A CYS 117 ? 1_555 114.8 ? 
# 
_struct_sheet.id               1 
_struct_sheet.type             ? 
_struct_sheet.number_strands   5 
_struct_sheet.details          ? 
# 
loop_
_struct_sheet_order.sheet_id 
_struct_sheet_order.range_id_1 
_struct_sheet_order.range_id_2 
_struct_sheet_order.offset 
_struct_sheet_order.sense 
1 1 2 ? anti-parallel 
1 2 3 ? parallel      
1 3 4 ? parallel      
1 4 5 ? anti-parallel 
# 
loop_
_struct_sheet_range.sheet_id 
_struct_sheet_range.id 
_struct_sheet_range.beg_label_comp_id 
_struct_sheet_range.beg_label_asym_id 
_struct_sheet_range.beg_label_seq_id 
_struct_sheet_range.pdbx_beg_PDB_ins_code 
_struct_sheet_range.end_label_comp_id 
_struct_sheet_range.end_label_asym_id 
_struct_sheet_range.end_label_seq_id 
_struct_sheet_range.pdbx_end_PDB_ins_code 
_struct_sheet_range.beg_auth_comp_id 
_struct_sheet_range.beg_auth_asym_id 
_struct_sheet_range.beg_auth_seq_id 
_struct_sheet_range.end_auth_comp_id 
_struct_sheet_range.end_auth_asym_id 
_struct_sheet_range.end_auth_seq_id 
1 1 ASP A 31  ? VAL A 34  ? ASP A 51  VAL A 54  
1 2 CYS A 39  ? HIS A 44  ? CYS A 59  HIS A 64  
1 3 ARG A 90  ? TRP A 95  ? ARG A 110 TRP A 115 
1 4 ALA A 125 ? ASP A 128 ? ALA A 145 ASP A 148 
1 5 GLY A 131 ? LEU A 134 ? GLY A 151 LEU A 154 
# 
loop_
_pdbx_struct_sheet_hbond.sheet_id 
_pdbx_struct_sheet_hbond.range_id_1 
_pdbx_struct_sheet_hbond.range_id_2 
_pdbx_struct_sheet_hbond.range_1_label_atom_id 
_pdbx_struct_sheet_hbond.range_1_label_comp_id 
_pdbx_struct_sheet_hbond.range_1_label_asym_id 
_pdbx_struct_sheet_hbond.range_1_label_seq_id 
_pdbx_struct_sheet_hbond.range_1_PDB_ins_code 
_pdbx_struct_sheet_hbond.range_1_auth_atom_id 
_pdbx_struct_sheet_hbond.range_1_auth_comp_id 
_pdbx_struct_sheet_hbond.range_1_auth_asym_id 
_pdbx_struct_sheet_hbond.range_1_auth_seq_id 
_pdbx_struct_sheet_hbond.range_2_label_atom_id 
_pdbx_struct_sheet_hbond.range_2_label_comp_id 
_pdbx_struct_sheet_hbond.range_2_label_asym_id 
_pdbx_struct_sheet_hbond.range_2_label_seq_id 
_pdbx_struct_sheet_hbond.range_2_PDB_ins_code 
_pdbx_struct_sheet_hbond.range_2_auth_atom_id 
_pdbx_struct_sheet_hbond.range_2_auth_comp_id 
_pdbx_struct_sheet_hbond.range_2_auth_asym_id 
_pdbx_struct_sheet_hbond.range_2_auth_seq_id 
1 1 2 N VAL A 34  ? N VAL A 54  O CYS A 39  ? O CYS A 59  
1 2 3 N PHE A 42  ? N PHE A 62  O LEU A 92  ? O LEU A 112 
1 3 4 N ILE A 93  ? N ILE A 113 O ALA A 125 ? O ALA A 145 
1 4 5 N GLN A 126 ? N GLN A 146 O HIS A 133 ? O HIS A 153 
# 
loop_
_struct_site.id 
_struct_site.pdbx_evidence_code 
_struct_site.pdbx_auth_asym_id 
_struct_site.pdbx_auth_comp_id 
_struct_site.pdbx_auth_seq_id 
_struct_site.pdbx_auth_ins_code 
_struct_site.pdbx_num_residues 
_struct_site.details 
ZNA Author   ? ?  ?   ? 5 'ZINC BINDING SITE'                 
AC1 Software A ZN 201 ? 4 'BINDING SITE FOR RESIDUE ZN A 201' 
# 
loop_
_struct_site_gen.id 
_struct_site_gen.site_id 
_struct_site_gen.pdbx_num_res 
_struct_site_gen.label_comp_id 
_struct_site_gen.label_asym_id 
_struct_site_gen.label_seq_id 
_struct_site_gen.pdbx_auth_ins_code 
_struct_site_gen.auth_comp_id 
_struct_site_gen.auth_asym_id 
_struct_site_gen.auth_seq_id 
_struct_site_gen.label_atom_id 
_struct_site_gen.label_alt_id 
_struct_site_gen.symmetry 
_struct_site_gen.details 
1 ZNA 5 ZN  B .  ? ZN  A 201 . ? 1_555 ? 
2 ZNA 5 CYS A 46 ? CYS A 66  . ? 1_555 ? 
3 ZNA 5 HIS A 51 ? HIS A 71  . ? 1_555 ? 
4 ZNA 5 CYS A 53 ? CYS A 73  . ? 1_555 ? 
5 ZNA 5 CYS A 97 ? CYS A 117 . ? 1_555 ? 
6 AC1 4 CYS A 46 ? CYS A 66  . ? 1_555 ? 
7 AC1 4 HIS A 51 ? HIS A 71  . ? 1_555 ? 
8 AC1 4 CYS A 53 ? CYS A 73  . ? 1_555 ? 
9 AC1 4 CYS A 97 ? CYS A 117 . ? 1_555 ? 
# 
loop_
_pdbx_validate_rmsd_angle.id 
_pdbx_validate_rmsd_angle.PDB_model_num 
_pdbx_validate_rmsd_angle.auth_atom_id_1 
_pdbx_validate_rmsd_angle.auth_asym_id_1 
_pdbx_validate_rmsd_angle.auth_comp_id_1 
_pdbx_validate_rmsd_angle.auth_seq_id_1 
_pdbx_validate_rmsd_angle.PDB_ins_code_1 
_pdbx_validate_rmsd_angle.label_alt_id_1 
_pdbx_validate_rmsd_angle.auth_atom_id_2 
_pdbx_validate_rmsd_angle.auth_asym_id_2 
_pdbx_validate_rmsd_angle.auth_comp_id_2 
_pdbx_validate_rmsd_angle.auth_seq_id_2 
_pdbx_validate_rmsd_angle.PDB_ins_code_2 
_pdbx_validate_rmsd_angle.label_alt_id_2 
_pdbx_validate_rmsd_angle.auth_atom_id_3 
_pdbx_validate_rmsd_angle.auth_asym_id_3 
_pdbx_validate_rmsd_angle.auth_comp_id_3 
_pdbx_validate_rmsd_angle.auth_seq_id_3 
_pdbx_validate_rmsd_angle.PDB_ins_code_3 
_pdbx_validate_rmsd_angle.label_alt_id_3 
_pdbx_validate_rmsd_angle.angle_value 
_pdbx_validate_rmsd_angle.angle_target_value 
_pdbx_validate_rmsd_angle.angle_deviation 
_pdbx_validate_rmsd_angle.angle_standard_deviation 
_pdbx_validate_rmsd_angle.linker_flag 
1 1 NE A ARG 27  ? ? CZ A ARG 27  ? ? NH1 A ARG 27  ? ? 124.30 120.30 4.00  0.50 N 
2 1 NE A ARG 58  ? ? CZ A ARG 58  ? ? NH2 A ARG 58  ? ? 116.83 120.30 -3.47 0.50 N 
3 1 NE A ARG 96  ? ? CZ A ARG 96  ? ? NH2 A ARG 96  ? ? 114.05 120.30 -6.25 0.50 N 
4 1 NE A ARG 98  ? ? CZ A ARG 98  ? ? NH2 A ARG 98  ? ? 116.28 120.30 -4.02 0.50 N 
5 1 NE A ARG 99  ? ? CZ A ARG 99  ? ? NH1 A ARG 99  ? ? 123.89 120.30 3.59  0.50 N 
6 1 CB A ASP 148 ? ? CG A ASP 148 ? ? OD2 A ASP 148 ? ? 110.89 118.30 -7.41 0.90 N 
# 
loop_
_pdbx_unobs_or_zero_occ_residues.id 
_pdbx_unobs_or_zero_occ_residues.PDB_model_num 
_pdbx_unobs_or_zero_occ_residues.polymer_flag 
_pdbx_unobs_or_zero_occ_residues.occupancy_flag 
_pdbx_unobs_or_zero_occ_residues.auth_asym_id 
_pdbx_unobs_or_zero_occ_residues.auth_comp_id 
_pdbx_unobs_or_zero_occ_residues.auth_seq_id 
_pdbx_unobs_or_zero_occ_residues.PDB_ins_code 
_pdbx_unobs_or_zero_occ_residues.label_asym_id 
_pdbx_unobs_or_zero_occ_residues.label_comp_id 
_pdbx_unobs_or_zero_occ_residues.label_seq_id 
1 1 Y 1 A ASP 21 ? A ASP 1 
2 1 Y 1 A THR 22 ? A THR 2 
# 
loop_
_chem_comp_atom.comp_id 
_chem_comp_atom.atom_id 
_chem_comp_atom.type_symbol 
_chem_comp_atom.pdbx_aromatic_flag 
_chem_comp_atom.pdbx_stereo_config 
_chem_comp_atom.pdbx_ordinal 
ALA N    N  N N 1   
ALA CA   C  N S 2   
ALA C    C  N N 3   
ALA O    O  N N 4   
ALA CB   C  N N 5   
ALA OXT  O  N N 6   
ALA H    H  N N 7   
ALA H2   H  N N 8   
ALA HA   H  N N 9   
ALA HB1  H  N N 10  
ALA HB2  H  N N 11  
ALA HB3  H  N N 12  
ALA HXT  H  N N 13  
ARG N    N  N N 14  
ARG CA   C  N S 15  
ARG C    C  N N 16  
ARG O    O  N N 17  
ARG CB   C  N N 18  
ARG CG   C  N N 19  
ARG CD   C  N N 20  
ARG NE   N  N N 21  
ARG CZ   C  N N 22  
ARG NH1  N  N N 23  
ARG NH2  N  N N 24  
ARG OXT  O  N N 25  
ARG H    H  N N 26  
ARG H2   H  N N 27  
ARG HA   H  N N 28  
ARG HB2  H  N N 29  
ARG HB3  H  N N 30  
ARG HG2  H  N N 31  
ARG HG3  H  N N 32  
ARG HD2  H  N N 33  
ARG HD3  H  N N 34  
ARG HE   H  N N 35  
ARG HH11 H  N N 36  
ARG HH12 H  N N 37  
ARG HH21 H  N N 38  
ARG HH22 H  N N 39  
ARG HXT  H  N N 40  
ASN N    N  N N 41  
ASN CA   C  N S 42  
ASN C    C  N N 43  
ASN O    O  N N 44  
ASN CB   C  N N 45  
ASN CG   C  N N 46  
ASN OD1  O  N N 47  
ASN ND2  N  N N 48  
ASN OXT  O  N N 49  
ASN H    H  N N 50  
ASN H2   H  N N 51  
ASN HA   H  N N 52  
ASN HB2  H  N N 53  
ASN HB3  H  N N 54  
ASN HD21 H  N N 55  
ASN HD22 H  N N 56  
ASN HXT  H  N N 57  
ASP N    N  N N 58  
ASP CA   C  N S 59  
ASP C    C  N N 60  
ASP O    O  N N 61  
ASP CB   C  N N 62  
ASP CG   C  N N 63  
ASP OD1  O  N N 64  
ASP OD2  O  N N 65  
ASP OXT  O  N N 66  
ASP H    H  N N 67  
ASP H2   H  N N 68  
ASP HA   H  N N 69  
ASP HB2  H  N N 70  
ASP HB3  H  N N 71  
ASP HD2  H  N N 72  
ASP HXT  H  N N 73  
CYS N    N  N N 74  
CYS CA   C  N R 75  
CYS C    C  N N 76  
CYS O    O  N N 77  
CYS CB   C  N N 78  
CYS SG   S  N N 79  
CYS OXT  O  N N 80  
CYS H    H  N N 81  
CYS H2   H  N N 82  
CYS HA   H  N N 83  
CYS HB2  H  N N 84  
CYS HB3  H  N N 85  
CYS HG   H  N N 86  
CYS HXT  H  N N 87  
GLN N    N  N N 88  
GLN CA   C  N S 89  
GLN C    C  N N 90  
GLN O    O  N N 91  
GLN CB   C  N N 92  
GLN CG   C  N N 93  
GLN CD   C  N N 94  
GLN OE1  O  N N 95  
GLN NE2  N  N N 96  
GLN OXT  O  N N 97  
GLN H    H  N N 98  
GLN H2   H  N N 99  
GLN HA   H  N N 100 
GLN HB2  H  N N 101 
GLN HB3  H  N N 102 
GLN HG2  H  N N 103 
GLN HG3  H  N N 104 
GLN HE21 H  N N 105 
GLN HE22 H  N N 106 
GLN HXT  H  N N 107 
GLU N    N  N N 108 
GLU CA   C  N S 109 
GLU C    C  N N 110 
GLU O    O  N N 111 
GLU CB   C  N N 112 
GLU CG   C  N N 113 
GLU CD   C  N N 114 
GLU OE1  O  N N 115 
GLU OE2  O  N N 116 
GLU OXT  O  N N 117 
GLU H    H  N N 118 
GLU H2   H  N N 119 
GLU HA   H  N N 120 
GLU HB2  H  N N 121 
GLU HB3  H  N N 122 
GLU HG2  H  N N 123 
GLU HG3  H  N N 124 
GLU HE2  H  N N 125 
GLU HXT  H  N N 126 
GLY N    N  N N 127 
GLY CA   C  N N 128 
GLY C    C  N N 129 
GLY O    O  N N 130 
GLY OXT  O  N N 131 
GLY H    H  N N 132 
GLY H2   H  N N 133 
GLY HA2  H  N N 134 
GLY HA3  H  N N 135 
GLY HXT  H  N N 136 
HIS N    N  N N 137 
HIS CA   C  N S 138 
HIS C    C  N N 139 
HIS O    O  N N 140 
HIS CB   C  N N 141 
HIS CG   C  Y N 142 
HIS ND1  N  Y N 143 
HIS CD2  C  Y N 144 
HIS CE1  C  Y N 145 
HIS NE2  N  Y N 146 
HIS OXT  O  N N 147 
HIS H    H  N N 148 
HIS H2   H  N N 149 
HIS HA   H  N N 150 
HIS HB2  H  N N 151 
HIS HB3  H  N N 152 
HIS HD1  H  N N 153 
HIS HD2  H  N N 154 
HIS HE1  H  N N 155 
HIS HE2  H  N N 156 
HIS HXT  H  N N 157 
HOH O    O  N N 158 
HOH H1   H  N N 159 
HOH H2   H  N N 160 
ILE N    N  N N 161 
ILE CA   C  N S 162 
ILE C    C  N N 163 
ILE O    O  N N 164 
ILE CB   C  N S 165 
ILE CG1  C  N N 166 
ILE CG2  C  N N 167 
ILE CD1  C  N N 168 
ILE OXT  O  N N 169 
ILE H    H  N N 170 
ILE H2   H  N N 171 
ILE HA   H  N N 172 
ILE HB   H  N N 173 
ILE HG12 H  N N 174 
ILE HG13 H  N N 175 
ILE HG21 H  N N 176 
ILE HG22 H  N N 177 
ILE HG23 H  N N 178 
ILE HD11 H  N N 179 
ILE HD12 H  N N 180 
ILE HD13 H  N N 181 
ILE HXT  H  N N 182 
LEU N    N  N N 183 
LEU CA   C  N S 184 
LEU C    C  N N 185 
LEU O    O  N N 186 
LEU CB   C  N N 187 
LEU CG   C  N N 188 
LEU CD1  C  N N 189 
LEU CD2  C  N N 190 
LEU OXT  O  N N 191 
LEU H    H  N N 192 
LEU H2   H  N N 193 
LEU HA   H  N N 194 
LEU HB2  H  N N 195 
LEU HB3  H  N N 196 
LEU HG   H  N N 197 
LEU HD11 H  N N 198 
LEU HD12 H  N N 199 
LEU HD13 H  N N 200 
LEU HD21 H  N N 201 
LEU HD22 H  N N 202 
LEU HD23 H  N N 203 
LEU HXT  H  N N 204 
LYS N    N  N N 205 
LYS CA   C  N S 206 
LYS C    C  N N 207 
LYS O    O  N N 208 
LYS CB   C  N N 209 
LYS CG   C  N N 210 
LYS CD   C  N N 211 
LYS CE   C  N N 212 
LYS NZ   N  N N 213 
LYS OXT  O  N N 214 
LYS H    H  N N 215 
LYS H2   H  N N 216 
LYS HA   H  N N 217 
LYS HB2  H  N N 218 
LYS HB3  H  N N 219 
LYS HG2  H  N N 220 
LYS HG3  H  N N 221 
LYS HD2  H  N N 222 
LYS HD3  H  N N 223 
LYS HE2  H  N N 224 
LYS HE3  H  N N 225 
LYS HZ1  H  N N 226 
LYS HZ2  H  N N 227 
LYS HZ3  H  N N 228 
LYS HXT  H  N N 229 
PHE N    N  N N 230 
PHE CA   C  N S 231 
PHE C    C  N N 232 
PHE O    O  N N 233 
PHE CB   C  N N 234 
PHE CG   C  Y N 235 
PHE CD1  C  Y N 236 
PHE CD2  C  Y N 237 
PHE CE1  C  Y N 238 
PHE CE2  C  Y N 239 
PHE CZ   C  Y N 240 
PHE OXT  O  N N 241 
PHE H    H  N N 242 
PHE H2   H  N N 243 
PHE HA   H  N N 244 
PHE HB2  H  N N 245 
PHE HB3  H  N N 246 
PHE HD1  H  N N 247 
PHE HD2  H  N N 248 
PHE HE1  H  N N 249 
PHE HE2  H  N N 250 
PHE HZ   H  N N 251 
PHE HXT  H  N N 252 
PRO N    N  N N 253 
PRO CA   C  N S 254 
PRO C    C  N N 255 
PRO O    O  N N 256 
PRO CB   C  N N 257 
PRO CG   C  N N 258 
PRO CD   C  N N 259 
PRO OXT  O  N N 260 
PRO H    H  N N 261 
PRO HA   H  N N 262 
PRO HB2  H  N N 263 
PRO HB3  H  N N 264 
PRO HG2  H  N N 265 
PRO HG3  H  N N 266 
PRO HD2  H  N N 267 
PRO HD3  H  N N 268 
PRO HXT  H  N N 269 
SER N    N  N N 270 
SER CA   C  N S 271 
SER C    C  N N 272 
SER O    O  N N 273 
SER CB   C  N N 274 
SER OG   O  N N 275 
SER OXT  O  N N 276 
SER H    H  N N 277 
SER H2   H  N N 278 
SER HA   H  N N 279 
SER HB2  H  N N 280 
SER HB3  H  N N 281 
SER HG   H  N N 282 
SER HXT  H  N N 283 
THR N    N  N N 284 
THR CA   C  N S 285 
THR C    C  N N 286 
THR O    O  N N 287 
THR CB   C  N R 288 
THR OG1  O  N N 289 
THR CG2  C  N N 290 
THR OXT  O  N N 291 
THR H    H  N N 292 
THR H2   H  N N 293 
THR HA   H  N N 294 
THR HB   H  N N 295 
THR HG1  H  N N 296 
THR HG21 H  N N 297 
THR HG22 H  N N 298 
THR HG23 H  N N 299 
THR HXT  H  N N 300 
TRP N    N  N N 301 
TRP CA   C  N S 302 
TRP C    C  N N 303 
TRP O    O  N N 304 
TRP CB   C  N N 305 
TRP CG   C  Y N 306 
TRP CD1  C  Y N 307 
TRP CD2  C  Y N 308 
TRP NE1  N  Y N 309 
TRP CE2  C  Y N 310 
TRP CE3  C  Y N 311 
TRP CZ2  C  Y N 312 
TRP CZ3  C  Y N 313 
TRP CH2  C  Y N 314 
TRP OXT  O  N N 315 
TRP H    H  N N 316 
TRP H2   H  N N 317 
TRP HA   H  N N 318 
TRP HB2  H  N N 319 
TRP HB3  H  N N 320 
TRP HD1  H  N N 321 
TRP HE1  H  N N 322 
TRP HE3  H  N N 323 
TRP HZ2  H  N N 324 
TRP HZ3  H  N N 325 
TRP HH2  H  N N 326 
TRP HXT  H  N N 327 
TYR N    N  N N 328 
TYR CA   C  N S 329 
TYR C    C  N N 330 
TYR O    O  N N 331 
TYR CB   C  N N 332 
TYR CG   C  Y N 333 
TYR CD1  C  Y N 334 
TYR CD2  C  Y N 335 
TYR CE1  C  Y N 336 
TYR CE2  C  Y N 337 
TYR CZ   C  Y N 338 
TYR OH   O  N N 339 
TYR OXT  O  N N 340 
TYR H    H  N N 341 
TYR H2   H  N N 342 
TYR HA   H  N N 343 
TYR HB2  H  N N 344 
TYR HB3  H  N N 345 
TYR HD1  H  N N 346 
TYR HD2  H  N N 347 
TYR HE1  H  N N 348 
TYR HE2  H  N N 349 
TYR HH   H  N N 350 
TYR HXT  H  N N 351 
VAL N    N  N N 352 
VAL CA   C  N S 353 
VAL C    C  N N 354 
VAL O    O  N N 355 
VAL CB   C  N N 356 
VAL CG1  C  N N 357 
VAL CG2  C  N N 358 
VAL OXT  O  N N 359 
VAL H    H  N N 360 
VAL H2   H  N N 361 
VAL HA   H  N N 362 
VAL HB   H  N N 363 
VAL HG11 H  N N 364 
VAL HG12 H  N N 365 
VAL HG13 H  N N 366 
VAL HG21 H  N N 367 
VAL HG22 H  N N 368 
VAL HG23 H  N N 369 
VAL HXT  H  N N 370 
ZN  ZN   ZN N N 371 
# 
loop_
_chem_comp_bond.comp_id 
_chem_comp_bond.atom_id_1 
_chem_comp_bond.atom_id_2 
_chem_comp_bond.value_order 
_chem_comp_bond.pdbx_aromatic_flag 
_chem_comp_bond.pdbx_stereo_config 
_chem_comp_bond.pdbx_ordinal 
ALA N   CA   sing N N 1   
ALA N   H    sing N N 2   
ALA N   H2   sing N N 3   
ALA CA  C    sing N N 4   
ALA CA  CB   sing N N 5   
ALA CA  HA   sing N N 6   
ALA C   O    doub N N 7   
ALA C   OXT  sing N N 8   
ALA CB  HB1  sing N N 9   
ALA CB  HB2  sing N N 10  
ALA CB  HB3  sing N N 11  
ALA OXT HXT  sing N N 12  
ARG N   CA   sing N N 13  
ARG N   H    sing N N 14  
ARG N   H2   sing N N 15  
ARG CA  C    sing N N 16  
ARG CA  CB   sing N N 17  
ARG CA  HA   sing N N 18  
ARG C   O    doub N N 19  
ARG C   OXT  sing N N 20  
ARG CB  CG   sing N N 21  
ARG CB  HB2  sing N N 22  
ARG CB  HB3  sing N N 23  
ARG CG  CD   sing N N 24  
ARG CG  HG2  sing N N 25  
ARG CG  HG3  sing N N 26  
ARG CD  NE   sing N N 27  
ARG CD  HD2  sing N N 28  
ARG CD  HD3  sing N N 29  
ARG NE  CZ   sing N N 30  
ARG NE  HE   sing N N 31  
ARG CZ  NH1  sing N N 32  
ARG CZ  NH2  doub N N 33  
ARG NH1 HH11 sing N N 34  
ARG NH1 HH12 sing N N 35  
ARG NH2 HH21 sing N N 36  
ARG NH2 HH22 sing N N 37  
ARG OXT HXT  sing N N 38  
ASN N   CA   sing N N 39  
ASN N   H    sing N N 40  
ASN N   H2   sing N N 41  
ASN CA  C    sing N N 42  
ASN CA  CB   sing N N 43  
ASN CA  HA   sing N N 44  
ASN C   O    doub N N 45  
ASN C   OXT  sing N N 46  
ASN CB  CG   sing N N 47  
ASN CB  HB2  sing N N 48  
ASN CB  HB3  sing N N 49  
ASN CG  OD1  doub N N 50  
ASN CG  ND2  sing N N 51  
ASN ND2 HD21 sing N N 52  
ASN ND2 HD22 sing N N 53  
ASN OXT HXT  sing N N 54  
ASP N   CA   sing N N 55  
ASP N   H    sing N N 56  
ASP N   H2   sing N N 57  
ASP CA  C    sing N N 58  
ASP CA  CB   sing N N 59  
ASP CA  HA   sing N N 60  
ASP C   O    doub N N 61  
ASP C   OXT  sing N N 62  
ASP CB  CG   sing N N 63  
ASP CB  HB2  sing N N 64  
ASP CB  HB3  sing N N 65  
ASP CG  OD1  doub N N 66  
ASP CG  OD2  sing N N 67  
ASP OD2 HD2  sing N N 68  
ASP OXT HXT  sing N N 69  
CYS N   CA   sing N N 70  
CYS N   H    sing N N 71  
CYS N   H2   sing N N 72  
CYS CA  C    sing N N 73  
CYS CA  CB   sing N N 74  
CYS CA  HA   sing N N 75  
CYS C   O    doub N N 76  
CYS C   OXT  sing N N 77  
CYS CB  SG   sing N N 78  
CYS CB  HB2  sing N N 79  
CYS CB  HB3  sing N N 80  
CYS SG  HG   sing N N 81  
CYS OXT HXT  sing N N 82  
GLN N   CA   sing N N 83  
GLN N   H    sing N N 84  
GLN N   H2   sing N N 85  
GLN CA  C    sing N N 86  
GLN CA  CB   sing N N 87  
GLN CA  HA   sing N N 88  
GLN C   O    doub N N 89  
GLN C   OXT  sing N N 90  
GLN CB  CG   sing N N 91  
GLN CB  HB2  sing N N 92  
GLN CB  HB3  sing N N 93  
GLN CG  CD   sing N N 94  
GLN CG  HG2  sing N N 95  
GLN CG  HG3  sing N N 96  
GLN CD  OE1  doub N N 97  
GLN CD  NE2  sing N N 98  
GLN NE2 HE21 sing N N 99  
GLN NE2 HE22 sing N N 100 
GLN OXT HXT  sing N N 101 
GLU N   CA   sing N N 102 
GLU N   H    sing N N 103 
GLU N   H2   sing N N 104 
GLU CA  C    sing N N 105 
GLU CA  CB   sing N N 106 
GLU CA  HA   sing N N 107 
GLU C   O    doub N N 108 
GLU C   OXT  sing N N 109 
GLU CB  CG   sing N N 110 
GLU CB  HB2  sing N N 111 
GLU CB  HB3  sing N N 112 
GLU CG  CD   sing N N 113 
GLU CG  HG2  sing N N 114 
GLU CG  HG3  sing N N 115 
GLU CD  OE1  doub N N 116 
GLU CD  OE2  sing N N 117 
GLU OE2 HE2  sing N N 118 
GLU OXT HXT  sing N N 119 
GLY N   CA   sing N N 120 
GLY N   H    sing N N 121 
GLY N   H2   sing N N 122 
GLY CA  C    sing N N 123 
GLY CA  HA2  sing N N 124 
GLY CA  HA3  sing N N 125 
GLY C   O    doub N N 126 
GLY C   OXT  sing N N 127 
GLY OXT HXT  sing N N 128 
HIS N   CA   sing N N 129 
HIS N   H    sing N N 130 
HIS N   H2   sing N N 131 
HIS CA  C    sing N N 132 
HIS CA  CB   sing N N 133 
HIS CA  HA   sing N N 134 
HIS C   O    doub N N 135 
HIS C   OXT  sing N N 136 
HIS CB  CG   sing N N 137 
HIS CB  HB2  sing N N 138 
HIS CB  HB3  sing N N 139 
HIS CG  ND1  sing Y N 140 
HIS CG  CD2  doub Y N 141 
HIS ND1 CE1  doub Y N 142 
HIS ND1 HD1  sing N N 143 
HIS CD2 NE2  sing Y N 144 
HIS CD2 HD2  sing N N 145 
HIS CE1 NE2  sing Y N 146 
HIS CE1 HE1  sing N N 147 
HIS NE2 HE2  sing N N 148 
HIS OXT HXT  sing N N 149 
HOH O   H1   sing N N 150 
HOH O   H2   sing N N 151 
ILE N   CA   sing N N 152 
ILE N   H    sing N N 153 
ILE N   H2   sing N N 154 
ILE CA  C    sing N N 155 
ILE CA  CB   sing N N 156 
ILE CA  HA   sing N N 157 
ILE C   O    doub N N 158 
ILE C   OXT  sing N N 159 
ILE CB  CG1  sing N N 160 
ILE CB  CG2  sing N N 161 
ILE CB  HB   sing N N 162 
ILE CG1 CD1  sing N N 163 
ILE CG1 HG12 sing N N 164 
ILE CG1 HG13 sing N N 165 
ILE CG2 HG21 sing N N 166 
ILE CG2 HG22 sing N N 167 
ILE CG2 HG23 sing N N 168 
ILE CD1 HD11 sing N N 169 
ILE CD1 HD12 sing N N 170 
ILE CD1 HD13 sing N N 171 
ILE OXT HXT  sing N N 172 
LEU N   CA   sing N N 173 
LEU N   H    sing N N 174 
LEU N   H2   sing N N 175 
LEU CA  C    sing N N 176 
LEU CA  CB   sing N N 177 
LEU CA  HA   sing N N 178 
LEU C   O    doub N N 179 
LEU C   OXT  sing N N 180 
LEU CB  CG   sing N N 181 
LEU CB  HB2  sing N N 182 
LEU CB  HB3  sing N N 183 
LEU CG  CD1  sing N N 184 
LEU CG  CD2  sing N N 185 
LEU CG  HG   sing N N 186 
LEU CD1 HD11 sing N N 187 
LEU CD1 HD12 sing N N 188 
LEU CD1 HD13 sing N N 189 
LEU CD2 HD21 sing N N 190 
LEU CD2 HD22 sing N N 191 
LEU CD2 HD23 sing N N 192 
LEU OXT HXT  sing N N 193 
LYS N   CA   sing N N 194 
LYS N   H    sing N N 195 
LYS N   H2   sing N N 196 
LYS CA  C    sing N N 197 
LYS CA  CB   sing N N 198 
LYS CA  HA   sing N N 199 
LYS C   O    doub N N 200 
LYS C   OXT  sing N N 201 
LYS CB  CG   sing N N 202 
LYS CB  HB2  sing N N 203 
LYS CB  HB3  sing N N 204 
LYS CG  CD   sing N N 205 
LYS CG  HG2  sing N N 206 
LYS CG  HG3  sing N N 207 
LYS CD  CE   sing N N 208 
LYS CD  HD2  sing N N 209 
LYS CD  HD3  sing N N 210 
LYS CE  NZ   sing N N 211 
LYS CE  HE2  sing N N 212 
LYS CE  HE3  sing N N 213 
LYS NZ  HZ1  sing N N 214 
LYS NZ  HZ2  sing N N 215 
LYS NZ  HZ3  sing N N 216 
LYS OXT HXT  sing N N 217 
PHE N   CA   sing N N 218 
PHE N   H    sing N N 219 
PHE N   H2   sing N N 220 
PHE CA  C    sing N N 221 
PHE CA  CB   sing N N 222 
PHE CA  HA   sing N N 223 
PHE C   O    doub N N 224 
PHE C   OXT  sing N N 225 
PHE CB  CG   sing N N 226 
PHE CB  HB2  sing N N 227 
PHE CB  HB3  sing N N 228 
PHE CG  CD1  doub Y N 229 
PHE CG  CD2  sing Y N 230 
PHE CD1 CE1  sing Y N 231 
PHE CD1 HD1  sing N N 232 
PHE CD2 CE2  doub Y N 233 
PHE CD2 HD2  sing N N 234 
PHE CE1 CZ   doub Y N 235 
PHE CE1 HE1  sing N N 236 
PHE CE2 CZ   sing Y N 237 
PHE CE2 HE2  sing N N 238 
PHE CZ  HZ   sing N N 239 
PHE OXT HXT  sing N N 240 
PRO N   CA   sing N N 241 
PRO N   CD   sing N N 242 
PRO N   H    sing N N 243 
PRO CA  C    sing N N 244 
PRO CA  CB   sing N N 245 
PRO CA  HA   sing N N 246 
PRO C   O    doub N N 247 
PRO C   OXT  sing N N 248 
PRO CB  CG   sing N N 249 
PRO CB  HB2  sing N N 250 
PRO CB  HB3  sing N N 251 
PRO CG  CD   sing N N 252 
PRO CG  HG2  sing N N 253 
PRO CG  HG3  sing N N 254 
PRO CD  HD2  sing N N 255 
PRO CD  HD3  sing N N 256 
PRO OXT HXT  sing N N 257 
SER N   CA   sing N N 258 
SER N   H    sing N N 259 
SER N   H2   sing N N 260 
SER CA  C    sing N N 261 
SER CA  CB   sing N N 262 
SER CA  HA   sing N N 263 
SER C   O    doub N N 264 
SER C   OXT  sing N N 265 
SER CB  OG   sing N N 266 
SER CB  HB2  sing N N 267 
SER CB  HB3  sing N N 268 
SER OG  HG   sing N N 269 
SER OXT HXT  sing N N 270 
THR N   CA   sing N N 271 
THR N   H    sing N N 272 
THR N   H2   sing N N 273 
THR CA  C    sing N N 274 
THR CA  CB   sing N N 275 
THR CA  HA   sing N N 276 
THR C   O    doub N N 277 
THR C   OXT  sing N N 278 
THR CB  OG1  sing N N 279 
THR CB  CG2  sing N N 280 
THR CB  HB   sing N N 281 
THR OG1 HG1  sing N N 282 
THR CG2 HG21 sing N N 283 
THR CG2 HG22 sing N N 284 
THR CG2 HG23 sing N N 285 
THR OXT HXT  sing N N 286 
TRP N   CA   sing N N 287 
TRP N   H    sing N N 288 
TRP N   H2   sing N N 289 
TRP CA  C    sing N N 290 
TRP CA  CB   sing N N 291 
TRP CA  HA   sing N N 292 
TRP C   O    doub N N 293 
TRP C   OXT  sing N N 294 
TRP CB  CG   sing N N 295 
TRP CB  HB2  sing N N 296 
TRP CB  HB3  sing N N 297 
TRP CG  CD1  doub Y N 298 
TRP CG  CD2  sing Y N 299 
TRP CD1 NE1  sing Y N 300 
TRP CD1 HD1  sing N N 301 
TRP CD2 CE2  doub Y N 302 
TRP CD2 CE3  sing Y N 303 
TRP NE1 CE2  sing Y N 304 
TRP NE1 HE1  sing N N 305 
TRP CE2 CZ2  sing Y N 306 
TRP CE3 CZ3  doub Y N 307 
TRP CE3 HE3  sing N N 308 
TRP CZ2 CH2  doub Y N 309 
TRP CZ2 HZ2  sing N N 310 
TRP CZ3 CH2  sing Y N 311 
TRP CZ3 HZ3  sing N N 312 
TRP CH2 HH2  sing N N 313 
TRP OXT HXT  sing N N 314 
TYR N   CA   sing N N 315 
TYR N   H    sing N N 316 
TYR N   H2   sing N N 317 
TYR CA  C    sing N N 318 
TYR CA  CB   sing N N 319 
TYR CA  HA   sing N N 320 
TYR C   O    doub N N 321 
TYR C   OXT  sing N N 322 
TYR CB  CG   sing N N 323 
TYR CB  HB2  sing N N 324 
TYR CB  HB3  sing N N 325 
TYR CG  CD1  doub Y N 326 
TYR CG  CD2  sing Y N 327 
TYR CD1 CE1  sing Y N 328 
TYR CD1 HD1  sing N N 329 
TYR CD2 CE2  doub Y N 330 
TYR CD2 HD2  sing N N 331 
TYR CE1 CZ   doub Y N 332 
TYR CE1 HE1  sing N N 333 
TYR CE2 CZ   sing Y N 334 
TYR CE2 HE2  sing N N 335 
TYR CZ  OH   sing N N 336 
TYR OH  HH   sing N N 337 
TYR OXT HXT  sing N N 338 
VAL N   CA   sing N N 339 
VAL N   H    sing N N 340 
VAL N   H2   sing N N 341 
VAL CA  C    sing N N 342 
VAL CA  CB   sing N N 343 
VAL CA  HA   sing N N 344 
VAL C   O    doub N N 345 
VAL C   OXT  sing N N 346 
VAL CB  CG1  sing N N 347 
VAL CB  CG2  sing N N 348 
VAL CB  HB   sing N N 349 
VAL CG1 HG11 sing N N 350 
VAL CG1 HG12 sing N N 351 
VAL CG1 HG13 sing N N 352 
VAL CG2 HG21 sing N N 353 
VAL CG2 HG22 sing N N 354 
VAL CG2 HG23 sing N N 355 
VAL OXT HXT  sing N N 356 
# 
_atom_sites.entry_id                    1VSR 
_atom_sites.fract_transf_matrix[1][1]   -0.00063447 
_atom_sites.fract_transf_matrix[1][2]   -0.02567732 
_atom_sites.fract_transf_matrix[1][3]   0.01247642 
_atom_sites.fract_transf_matrix[2][1]   -0.01723264 
_atom_sites.fract_transf_matrix[2][2]   0.00320282 
_atom_sites.fract_transf_matrix[2][3]   0.00571527 
_atom_sites.fract_transf_matrix[3][1]   -0.00482422 
_atom_sites.fract_transf_matrix[3][2]   -0.00546145 
_atom_sites.fract_transf_matrix[3][3]   -0.01148537 
_atom_sites.fract_transf_vector[1]      0.481690 
_atom_sites.fract_transf_vector[2]      0.221681 
_atom_sites.fract_transf_vector[3]      0.213552 
# 
loop_
_atom_type.symbol 
C  
N  
O  
S  
ZN 
# 
loop_
_atom_site.group_PDB 
_atom_site.id 
_atom_site.type_symbol 
_atom_site.label_atom_id 
_atom_site.label_alt_id 
_atom_site.label_comp_id 
_atom_site.label_asym_id 
_atom_site.label_entity_id 
_atom_site.label_seq_id 
_atom_site.pdbx_PDB_ins_code 
_atom_site.Cartn_x 
_atom_site.Cartn_y 
_atom_site.Cartn_z 
_atom_site.occupancy 
_atom_site.B_iso_or_equiv 
_atom_site.pdbx_formal_charge 
_atom_site.auth_seq_id 
_atom_site.auth_comp_id 
_atom_site.auth_asym_id 
_atom_site.auth_atom_id 
_atom_site.pdbx_PDB_model_num 
ATOM   1    N  N   . ALA A 1 3   ? -10.550 -0.691  4.656   1.00 37.70 ? 23  ALA A N   1 
ATOM   2    C  CA  . ALA A 1 3   ? -11.439 -1.663  3.950   1.00 38.79 ? 23  ALA A CA  1 
ATOM   3    C  C   . ALA A 1 3   ? -10.590 -2.894  3.627   1.00 40.69 ? 23  ALA A C   1 
ATOM   4    O  O   . ALA A 1 3   ? -9.918  -2.929  2.591   1.00 40.91 ? 23  ALA A O   1 
ATOM   5    C  CB  . ALA A 1 3   ? -12.001 -0.993  2.712   1.00 37.09 ? 23  ALA A CB  1 
ATOM   6    N  N   . ILE A 1 4   ? -10.561 -3.868  4.535   1.00 41.22 ? 24  ILE A N   1 
ATOM   7    C  CA  . ILE A 1 4   ? -9.669  -5.019  4.413   1.00 41.26 ? 24  ILE A CA  1 
ATOM   8    C  C   . ILE A 1 4   ? -9.743  -5.793  3.106   1.00 40.79 ? 24  ILE A C   1 
ATOM   9    O  O   . ILE A 1 4   ? -10.775 -6.296  2.663   1.00 39.93 ? 24  ILE A O   1 
ATOM   10   C  CB  . ILE A 1 4   ? -9.735  -5.930  5.655   1.00 41.85 ? 24  ILE A CB  1 
ATOM   11   C  CG1 . ILE A 1 4   ? -8.431  -6.726  5.812   1.00 42.18 ? 24  ILE A CG1 1 
ATOM   12   C  CG2 . ILE A 1 4   ? -10.972 -6.816  5.683   1.00 42.05 ? 24  ILE A CG2 1 
ATOM   13   C  CD1 . ILE A 1 4   ? -7.268  -5.885  6.311   1.00 43.01 ? 24  ILE A CD1 1 
ATOM   14   N  N   . GLU A 1 5   ? -8.567  -5.883  2.474   1.00 39.81 ? 25  GLU A N   1 
ATOM   15   C  CA  . GLU A 1 5   ? -8.357  -6.561  1.207   1.00 39.90 ? 25  GLU A CA  1 
ATOM   16   C  C   . GLU A 1 5   ? -8.316  -8.081  1.352   1.00 39.37 ? 25  GLU A C   1 
ATOM   17   O  O   . GLU A 1 5   ? -7.373  -8.723  1.815   1.00 33.25 ? 25  GLU A O   1 
ATOM   18   C  CB  . GLU A 1 5   ? -7.053  -6.132  0.517   1.00 41.06 ? 25  GLU A CB  1 
ATOM   19   C  CG  . GLU A 1 5   ? -6.815  -6.733  -0.857  1.00 43.09 ? 25  GLU A CG  1 
ATOM   20   C  CD  . GLU A 1 5   ? -7.863  -6.348  -1.882  1.00 45.94 ? 25  GLU A CD  1 
ATOM   21   O  OE1 . GLU A 1 5   ? -8.408  -5.221  -1.892  1.00 46.17 ? 25  GLU A OE1 1 
ATOM   22   O  OE2 . GLU A 1 5   ? -8.167  -7.214  -2.727  1.00 47.38 ? 25  GLU A OE2 1 
ATOM   23   N  N   . LYS A 1 6   ? -9.415  -8.648  0.859   1.00 40.47 ? 26  LYS A N   1 
ATOM   24   C  CA  . LYS A 1 6   ? -9.632  -10.083 0.797   1.00 41.08 ? 26  LYS A CA  1 
ATOM   25   C  C   . LYS A 1 6   ? -8.484  -10.753 0.038   1.00 39.53 ? 26  LYS A C   1 
ATOM   26   O  O   . LYS A 1 6   ? -7.922  -11.713 0.581   1.00 40.50 ? 26  LYS A O   1 
ATOM   27   C  CB  . LYS A 1 6   ? -10.880 -10.397 -0.034  1.00 43.33 ? 26  LYS A CB  1 
ATOM   28   C  CG  . LYS A 1 6   ? -12.193 -10.104 0.683   1.00 45.82 ? 26  LYS A CG  1 
ATOM   29   C  CD  . LYS A 1 6   ? -12.471 -11.118 1.786   1.00 46.07 ? 26  LYS A CD  1 
ATOM   30   C  CE  . LYS A 1 6   ? -13.841 -10.828 2.393   1.00 47.09 ? 26  LYS A CE  1 
ATOM   31   N  NZ  . LYS A 1 6   ? -14.036 -9.384  2.719   1.00 47.03 ? 26  LYS A NZ  1 
ATOM   32   N  N   . ARG A 1 7   ? -8.213  -10.217 -1.155  1.00 35.25 ? 27  ARG A N   1 
ATOM   33   C  CA  . ARG A 1 7   ? -7.149  -10.817 -1.958  1.00 32.14 ? 27  ARG A CA  1 
ATOM   34   C  C   . ARG A 1 7   ? -5.866  -11.009 -1.148  1.00 28.79 ? 27  ARG A C   1 
ATOM   35   O  O   . ARG A 1 7   ? -5.295  -12.102 -1.146  1.00 24.98 ? 27  ARG A O   1 
ATOM   36   C  CB  . ARG A 1 7   ? -6.771  -10.003 -3.195  1.00 32.71 ? 27  ARG A CB  1 
ATOM   37   C  CG  . ARG A 1 7   ? -7.745  -9.909  -4.352  1.00 34.35 ? 27  ARG A CG  1 
ATOM   38   C  CD  . ARG A 1 7   ? -7.096  -9.206  -5.545  1.00 34.23 ? 27  ARG A CD  1 
ATOM   39   N  NE  . ARG A 1 7   ? -6.331  -10.108 -6.397  1.00 32.66 ? 27  ARG A NE  1 
ATOM   40   C  CZ  . ARG A 1 7   ? -5.577  -9.772  -7.440  1.00 33.82 ? 27  ARG A CZ  1 
ATOM   41   N  NH1 . ARG A 1 7   ? -5.415  -8.522  -7.879  1.00 34.02 ? 27  ARG A NH1 1 
ATOM   42   N  NH2 . ARG A 1 7   ? -4.961  -10.731 -8.129  1.00 31.85 ? 27  ARG A NH2 1 
ATOM   43   N  N   . LEU A 1 8   ? -5.407  -9.910  -0.551  1.00 23.50 ? 28  LEU A N   1 
ATOM   44   C  CA  . LEU A 1 8   ? -4.147  -9.978  0.165   1.00 22.57 ? 28  LEU A CA  1 
ATOM   45   C  C   . LEU A 1 8   ? -4.201  -10.859 1.402   1.00 20.82 ? 28  LEU A C   1 
ATOM   46   O  O   . LEU A 1 8   ? -3.168  -11.505 1.595   1.00 22.40 ? 28  LEU A O   1 
ATOM   47   C  CB  . LEU A 1 8   ? -3.647  -8.595  0.587   1.00 23.90 ? 28  LEU A CB  1 
ATOM   48   C  CG  . LEU A 1 8   ? -3.195  -7.686  -0.554  1.00 27.53 ? 28  LEU A CG  1 
ATOM   49   C  CD1 . LEU A 1 8   ? -2.470  -6.492  0.056   1.00 28.88 ? 28  LEU A CD1 1 
ATOM   50   C  CD2 . LEU A 1 8   ? -2.283  -8.382  -1.552  1.00 28.49 ? 28  LEU A CD2 1 
ATOM   51   N  N   . ALA A 1 9   ? -5.259  -10.866 2.205   1.00 19.57 ? 29  ALA A N   1 
ATOM   52   C  CA  . ALA A 1 9   ? -5.268  -11.773 3.356   1.00 20.76 ? 29  ALA A CA  1 
ATOM   53   C  C   . ALA A 1 9   ? -5.101  -13.220 2.885   1.00 22.70 ? 29  ALA A C   1 
ATOM   54   O  O   . ALA A 1 9   ? -4.338  -14.000 3.462   1.00 20.66 ? 29  ALA A O   1 
ATOM   55   C  CB  . ALA A 1 9   ? -6.577  -11.635 4.128   1.00 22.38 ? 29  ALA A CB  1 
ATOM   56   N  N   . SER A 1 10  ? -5.783  -13.611 1.813   1.00 21.35 ? 30  SER A N   1 
ATOM   57   C  CA  . SER A 1 10  ? -5.633  -14.992 1.349   1.00 24.39 ? 30  SER A CA  1 
ATOM   58   C  C   . SER A 1 10  ? -4.270  -15.256 0.714   1.00 22.62 ? 30  SER A C   1 
ATOM   59   O  O   . SER A 1 10  ? -3.634  -16.301 0.899   1.00 23.20 ? 30  SER A O   1 
ATOM   60   C  CB  . SER A 1 10  ? -6.827  -15.348 0.462   1.00 27.63 ? 30  SER A CB  1 
ATOM   61   O  OG  . SER A 1 10  ? -6.473  -15.056 -0.878  1.00 34.99 ? 30  SER A OG  1 
ATOM   62   N  N   . LEU A 1 11  ? -3.684  -14.285 0.014   1.00 22.50 ? 31  LEU A N   1 
ATOM   63   C  CA  . LEU A 1 11  ? -2.341  -14.466 -0.542  1.00 22.29 ? 31  LEU A CA  1 
ATOM   64   C  C   . LEU A 1 11  ? -1.273  -14.568 0.541   1.00 22.37 ? 31  LEU A C   1 
ATOM   65   O  O   . LEU A 1 11  ? -0.356  -15.395 0.430   1.00 19.93 ? 31  LEU A O   1 
ATOM   66   C  CB  . LEU A 1 11  ? -2.017  -13.365 -1.556  1.00 25.33 ? 31  LEU A CB  1 
ATOM   67   C  CG  . LEU A 1 11  ? -2.910  -13.368 -2.801  1.00 27.34 ? 31  LEU A CG  1 
ATOM   68   C  CD1 . LEU A 1 11  ? -2.618  -12.173 -3.702  1.00 26.99 ? 31  LEU A CD1 1 
ATOM   69   C  CD2 . LEU A 1 11  ? -2.785  -14.669 -3.583  1.00 27.08 ? 31  LEU A CD2 1 
ATOM   70   N  N   . LEU A 1 12  ? -1.345  -13.744 1.587   1.00 18.83 ? 32  LEU A N   1 
ATOM   71   C  CA  . LEU A 1 12  ? -0.363  -13.816 2.658   1.00 18.58 ? 32  LEU A CA  1 
ATOM   72   C  C   . LEU A 1 12  ? -0.489  -15.146 3.416   1.00 19.96 ? 32  LEU A C   1 
ATOM   73   O  O   . LEU A 1 12  ? 0.507   -15.800 3.750   1.00 19.15 ? 32  LEU A O   1 
ATOM   74   C  CB  . LEU A 1 12  ? -0.520  -12.670 3.658   1.00 20.69 ? 32  LEU A CB  1 
ATOM   75   C  CG  . LEU A 1 12  ? -0.160  -11.266 3.146   1.00 22.44 ? 32  LEU A CG  1 
ATOM   76   C  CD1 . LEU A 1 12  ? -0.396  -10.200 4.207   1.00 22.99 ? 32  LEU A CD1 1 
ATOM   77   C  CD2 . LEU A 1 12  ? 1.298   -11.215 2.694   1.00 22.79 ? 32  LEU A CD2 1 
ATOM   78   N  N   . THR A 1 13  ? -1.736  -15.581 3.585   1.00 19.31 ? 33  THR A N   1 
ATOM   79   C  CA  . THR A 1 13  ? -2.022  -16.832 4.293   1.00 20.63 ? 33  THR A CA  1 
ATOM   80   C  C   . THR A 1 13  ? -1.411  -18.003 3.540   1.00 20.66 ? 33  THR A C   1 
ATOM   81   O  O   . THR A 1 13  ? -0.716  -18.842 4.112   1.00 20.42 ? 33  THR A O   1 
ATOM   82   C  CB  . THR A 1 13  ? -3.541  -17.026 4.480   1.00 20.81 ? 33  THR A CB  1 
ATOM   83   O  OG1 . THR A 1 13  ? -4.066  -16.074 5.411   1.00 20.20 ? 33  THR A OG1 1 
ATOM   84   C  CG2 . THR A 1 13  ? -3.867  -18.422 5.014   1.00 22.94 ? 33  THR A CG2 1 
ATOM   85   N  N   . GLY A 1 14  ? -1.578  -17.984 2.216   1.00 20.98 ? 34  GLY A N   1 
ATOM   86   C  CA  . GLY A 1 14  ? -1.032  -19.009 1.338   1.00 22.00 ? 34  GLY A CA  1 
ATOM   87   C  C   . GLY A 1 14  ? 0.493   -19.062 1.372   1.00 24.37 ? 34  GLY A C   1 
ATOM   88   O  O   . GLY A 1 14  ? 1.077   -20.128 1.176   1.00 25.08 ? 34  GLY A O   1 
ATOM   89   N  N   . GLN A 1 15  ? 1.206   -17.969 1.627   1.00 23.85 ? 35  GLN A N   1 
ATOM   90   C  CA  . GLN A 1 15  ? 2.660   -17.979 1.714   1.00 25.05 ? 35  GLN A CA  1 
ATOM   91   C  C   . GLN A 1 15  ? 3.189   -18.515 3.040   1.00 24.70 ? 35  GLN A C   1 
ATOM   92   O  O   . GLN A 1 15  ? 4.408   -18.630 3.197   1.00 28.59 ? 35  GLN A O   1 
ATOM   93   C  CB  . GLN A 1 15  ? 3.205   -16.552 1.555   1.00 28.69 ? 35  GLN A CB  1 
ATOM   94   C  CG  . GLN A 1 15  ? 2.964   -16.078 0.130   1.00 33.02 ? 35  GLN A CG  1 
ATOM   95   C  CD  . GLN A 1 15  ? 3.445   -14.644 -0.006  1.00 35.53 ? 35  GLN A CD  1 
ATOM   96   O  OE1 . GLN A 1 15  ? 4.538   -14.318 0.461   1.00 36.78 ? 35  GLN A OE1 1 
ATOM   97   N  NE2 . GLN A 1 15  ? 2.577   -13.855 -0.637  1.00 37.06 ? 35  GLN A NE2 1 
ATOM   98   N  N   . GLY A 1 16  ? 2.330   -18.836 3.998   1.00 21.66 ? 36  GLY A N   1 
ATOM   99   C  CA  . GLY A 1 16  ? 2.747   -19.361 5.285   1.00 23.30 ? 36  GLY A CA  1 
ATOM   100  C  C   . GLY A 1 16  ? 3.081   -18.270 6.287   1.00 24.40 ? 36  GLY A C   1 
ATOM   101  O  O   . GLY A 1 16  ? 3.802   -18.562 7.234   1.00 25.43 ? 36  GLY A O   1 
ATOM   102  N  N   . LEU A 1 17  ? 2.632   -17.031 6.093   1.00 22.58 ? 37  LEU A N   1 
ATOM   103  C  CA  . LEU A 1 17  ? 3.008   -15.962 7.010   1.00 22.02 ? 37  LEU A CA  1 
ATOM   104  C  C   . LEU A 1 17  ? 1.969   -15.643 8.076   1.00 21.60 ? 37  LEU A C   1 
ATOM   105  O  O   . LEU A 1 17  ? 0.786   -15.736 7.730   1.00 22.41 ? 37  LEU A O   1 
ATOM   106  C  CB  . LEU A 1 17  ? 3.125   -14.677 6.177   1.00 21.44 ? 37  LEU A CB  1 
ATOM   107  C  CG  . LEU A 1 17  ? 4.165   -14.737 5.050   1.00 23.68 ? 37  LEU A CG  1 
ATOM   108  C  CD1 . LEU A 1 17  ? 4.120   -13.454 4.230   1.00 25.84 ? 37  LEU A CD1 1 
ATOM   109  C  CD2 . LEU A 1 17  ? 5.554   -14.964 5.634   1.00 25.00 ? 37  LEU A CD2 1 
ATOM   110  N  N   . ALA A 1 18  ? 2.462   -15.250 9.245   1.00 17.95 ? 38  ALA A N   1 
ATOM   111  C  CA  . ALA A 1 18  ? 1.544   -14.806 10.289  1.00 19.39 ? 38  ALA A CA  1 
ATOM   112  C  C   . ALA A 1 18  ? 1.467   -13.278 10.205  1.00 17.91 ? 38  ALA A C   1 
ATOM   113  O  O   . ALA A 1 18  ? 2.509   -12.680 9.920   1.00 18.45 ? 38  ALA A O   1 
ATOM   114  C  CB  . ALA A 1 18  ? 2.045   -15.209 11.667  1.00 20.67 ? 38  ALA A CB  1 
ATOM   115  N  N   . PHE A 1 19  ? 0.282   -12.693 10.349  1.00 17.13 ? 39  PHE A N   1 
ATOM   116  C  CA  . PHE A 1 19  ? 0.188   -11.241 10.199  1.00 16.02 ? 39  PHE A CA  1 
ATOM   117  C  C   . PHE A 1 19  ? -0.944  -10.686 11.057  1.00 18.66 ? 39  PHE A C   1 
ATOM   118  O  O   . PHE A 1 19  ? -1.837  -11.421 11.507  1.00 18.49 ? 39  PHE A O   1 
ATOM   119  C  CB  . PHE A 1 19  ? -0.037  -10.889 8.719   1.00 17.87 ? 39  PHE A CB  1 
ATOM   120  C  CG  . PHE A 1 19  ? -1.264  -11.527 8.120   1.00 17.91 ? 39  PHE A CG  1 
ATOM   121  C  CD1 . PHE A 1 19  ? -2.520  -10.966 8.284   1.00 16.87 ? 39  PHE A CD1 1 
ATOM   122  C  CD2 . PHE A 1 19  ? -1.149  -12.692 7.379   1.00 18.36 ? 39  PHE A CD2 1 
ATOM   123  C  CE1 . PHE A 1 19  ? -3.649  -11.552 7.729   1.00 20.36 ? 39  PHE A CE1 1 
ATOM   124  C  CE2 . PHE A 1 19  ? -2.275  -13.280 6.827   1.00 17.98 ? 39  PHE A CE2 1 
ATOM   125  C  CZ  . PHE A 1 19  ? -3.529  -12.717 6.997   1.00 18.61 ? 39  PHE A CZ  1 
ATOM   126  N  N   . ARG A 1 20  ? -0.798  -9.393  11.352  1.00 14.85 ? 40  ARG A N   1 
ATOM   127  C  CA  . ARG A 1 20  ? -1.816  -8.665  12.106  1.00 14.57 ? 40  ARG A CA  1 
ATOM   128  C  C   . ARG A 1 20  ? -2.539  -7.781  11.093  1.00 16.11 ? 40  ARG A C   1 
ATOM   129  O  O   . ARG A 1 20  ? -1.931  -7.402  10.080  1.00 17.38 ? 40  ARG A O   1 
ATOM   130  C  CB  . ARG A 1 20  ? -1.119  -7.776  13.142  1.00 15.47 ? 40  ARG A CB  1 
ATOM   131  C  CG  . ARG A 1 20  ? -0.752  -8.576  14.393  1.00 19.03 ? 40  ARG A CG  1 
ATOM   132  C  CD  . ARG A 1 20  ? 0.251   -7.820  15.254  1.00 18.99 ? 40  ARG A CD  1 
ATOM   133  N  NE  . ARG A 1 20  ? -0.382  -6.615  15.770  1.00 21.47 ? 40  ARG A NE  1 
ATOM   134  C  CZ  . ARG A 1 20  ? -1.229  -6.514  16.784  1.00 22.18 ? 40  ARG A CZ  1 
ATOM   135  N  NH1 . ARG A 1 20  ? -1.535  -7.623  17.446  1.00 21.62 ? 40  ARG A NH1 1 
ATOM   136  N  NH2 . ARG A 1 20  ? -1.787  -5.365  17.151  1.00 21.63 ? 40  ARG A NH2 1 
ATOM   137  N  N   . VAL A 1 21  ? -3.790  -7.404  11.363  1.00 15.64 ? 41  VAL A N   1 
ATOM   138  C  CA  . VAL A 1 21  ? -4.482  -6.551  10.405  1.00 17.82 ? 41  VAL A CA  1 
ATOM   139  C  C   . VAL A 1 21  ? -4.949  -5.252  11.051  1.00 17.08 ? 41  VAL A C   1 
ATOM   140  O  O   . VAL A 1 21  ? -5.232  -5.200  12.251  1.00 16.17 ? 41  VAL A O   1 
ATOM   141  C  CB  . VAL A 1 21  ? -5.726  -7.184  9.754   1.00 19.92 ? 41  VAL A CB  1 
ATOM   142  C  CG1 . VAL A 1 21  ? -5.320  -8.377  8.896   1.00 19.15 ? 41  VAL A CG1 1 
ATOM   143  C  CG2 . VAL A 1 21  ? -6.739  -7.568  10.823  1.00 22.43 ? 41  VAL A CG2 1 
ATOM   144  N  N   . GLN A 1 22  ? -4.970  -4.189  10.254  1.00 15.62 ? 42  GLN A N   1 
ATOM   145  C  CA  . GLN A 1 22  ? -5.424  -2.871  10.703  1.00 17.46 ? 42  GLN A CA  1 
ATOM   146  C  C   . GLN A 1 22  ? -4.863  -2.493  12.062  1.00 16.45 ? 42  GLN A C   1 
ATOM   147  O  O   . GLN A 1 22  ? -5.593  -2.230  13.025  1.00 16.56 ? 42  GLN A O   1 
ATOM   148  C  CB  . GLN A 1 22  ? -6.969  -2.871  10.754  1.00 20.43 ? 42  GLN A CB  1 
ATOM   149  C  CG  . GLN A 1 22  ? -7.505  -2.873  9.338   1.00 23.02 ? 42  GLN A CG  1 
ATOM   150  C  CD  . GLN A 1 22  ? -9.005  -2.956  9.155   1.00 25.89 ? 42  GLN A CD  1 
ATOM   151  O  OE1 . GLN A 1 22  ? -9.507  -2.929  8.031   1.00 29.94 ? 42  GLN A OE1 1 
ATOM   152  N  NE2 . GLN A 1 22  ? -9.770  -3.056  10.231  1.00 23.91 ? 42  GLN A NE2 1 
ATOM   153  N  N   . ASP A 1 23  ? -3.530  -2.449  12.147  1.00 14.04 ? 43  ASP A N   1 
ATOM   154  C  CA  . ASP A 1 23  ? -2.866  -2.363  13.441  1.00 13.95 ? 43  ASP A CA  1 
ATOM   155  C  C   . ASP A 1 23  ? -2.777  -0.931  13.951  1.00 14.88 ? 43  ASP A C   1 
ATOM   156  O  O   . ASP A 1 23  ? -1.831  -0.250  13.549  1.00 13.64 ? 43  ASP A O   1 
ATOM   157  C  CB  . ASP A 1 23  ? -1.489  -3.025  13.281  1.00 13.31 ? 43  ASP A CB  1 
ATOM   158  C  CG  . ASP A 1 23  ? -0.771  -3.261  14.592  1.00 17.30 ? 43  ASP A CG  1 
ATOM   159  O  OD1 . ASP A 1 23  ? -1.269  -2.743  15.612  1.00 16.66 ? 43  ASP A OD1 1 
ATOM   160  O  OD2 . ASP A 1 23  ? 0.267   -3.957  14.567  1.00 17.09 ? 43  ASP A OD2 1 
ATOM   161  N  N   . ALA A 1 24  ? -3.678  -0.577  14.863  1.00 14.84 ? 44  ALA A N   1 
ATOM   162  C  CA  . ALA A 1 24  ? -3.618  0.758   15.459  1.00 18.09 ? 44  ALA A CA  1 
ATOM   163  C  C   . ALA A 1 24  ? -2.410  1.094   16.320  1.00 17.10 ? 44  ALA A C   1 
ATOM   164  O  O   . ALA A 1 24  ? -2.163  2.270   16.634  1.00 19.32 ? 44  ALA A O   1 
ATOM   165  C  CB  . ALA A 1 24  ? -4.880  0.862   16.324  1.00 20.35 ? 44  ALA A CB  1 
ATOM   166  N  N   . SER A 1 25  ? -1.535  0.145   16.647  1.00 15.69 ? 45  SER A N   1 
ATOM   167  C  CA  . SER A 1 25  ? -0.355  0.428   17.446  1.00 17.52 ? 45  SER A CA  1 
ATOM   168  C  C   . SER A 1 25  ? 0.775   1.066   16.632  1.00 17.11 ? 45  SER A C   1 
ATOM   169  O  O   . SER A 1 25  ? 1.823   1.341   17.219  1.00 18.55 ? 45  SER A O   1 
ATOM   170  C  CB  . SER A 1 25  ? 0.096   -0.878  18.119  1.00 19.24 ? 45  SER A CB  1 
ATOM   171  O  OG  . SER A 1 25  ? 0.602   -1.792  17.151  1.00 22.38 ? 45  SER A OG  1 
ATOM   172  N  N   . LEU A 1 26  ? 0.669   1.132   15.312  1.00 15.02 ? 46  LEU A N   1 
ATOM   173  C  CA  . LEU A 1 26  ? 1.722   1.688   14.460  1.00 14.38 ? 46  LEU A CA  1 
ATOM   174  C  C   . LEU A 1 26  ? 1.173   2.895   13.691  1.00 15.21 ? 46  LEU A C   1 
ATOM   175  O  O   . LEU A 1 26  ? -0.015  2.964   13.384  1.00 13.79 ? 46  LEU A O   1 
ATOM   176  C  CB  . LEU A 1 26  ? 2.206   0.635   13.452  1.00 14.25 ? 46  LEU A CB  1 
ATOM   177  C  CG  . LEU A 1 26  ? 3.022   -0.498  14.099  1.00 11.82 ? 46  LEU A CG  1 
ATOM   178  C  CD1 . LEU A 1 26  ? 3.256   -1.641  13.117  1.00 14.42 ? 46  LEU A CD1 1 
ATOM   179  C  CD2 . LEU A 1 26  ? 4.379   -0.001  14.575  1.00 14.47 ? 46  LEU A CD2 1 
ATOM   180  N  N   . PRO A 1 27  ? 2.058   3.820   13.326  1.00 14.88 ? 47  PRO A N   1 
ATOM   181  C  CA  . PRO A 1 27  ? 1.687   5.022   12.596  1.00 16.64 ? 47  PRO A CA  1 
ATOM   182  C  C   . PRO A 1 27  ? 0.952   4.697   11.308  1.00 15.96 ? 47  PRO A C   1 
ATOM   183  O  O   . PRO A 1 27  ? 1.405   3.808   10.589  1.00 15.61 ? 47  PRO A O   1 
ATOM   184  C  CB  . PRO A 1 27  ? 3.040   5.679   12.281  1.00 16.80 ? 47  PRO A CB  1 
ATOM   185  C  CG  . PRO A 1 27  ? 3.924   5.236   13.399  1.00 18.10 ? 47  PRO A CG  1 
ATOM   186  C  CD  . PRO A 1 27  ? 3.506   3.810   13.666  1.00 16.06 ? 47  PRO A CD  1 
ATOM   187  N  N   . GLY A 1 28  ? -0.192  5.343   11.062  1.00 14.38 ? 48  GLY A N   1 
ATOM   188  C  CA  . GLY A 1 28  ? -0.913  5.135   9.820   1.00 14.11 ? 48  GLY A CA  1 
ATOM   189  C  C   . GLY A 1 28  ? -1.898  3.974   9.835   1.00 14.42 ? 48  GLY A C   1 
ATOM   190  O  O   . GLY A 1 28  ? -2.634  3.775   8.878   1.00 15.51 ? 48  GLY A O   1 
ATOM   191  N  N   . ARG A 1 29  ? -1.919  3.207   10.917  1.00 12.63 ? 49  ARG A N   1 
ATOM   192  C  CA  . ARG A 1 29  ? -2.740  2.014   11.088  1.00 13.47 ? 49  ARG A CA  1 
ATOM   193  C  C   . ARG A 1 29  ? -2.650  1.112   9.862   1.00 12.89 ? 49  ARG A C   1 
ATOM   194  O  O   . ARG A 1 29  ? -3.579  0.926   9.076   1.00 13.12 ? 49  ARG A O   1 
ATOM   195  C  CB  . ARG A 1 29  ? -4.195  2.418   11.405  1.00 17.82 ? 49  ARG A CB  1 
ATOM   196  C  CG  . ARG A 1 29  ? -4.985  1.190   11.859  1.00 20.96 ? 49  ARG A CG  1 
ATOM   197  C  CD  . ARG A 1 29  ? -6.476  1.390   11.607  1.00 28.33 ? 49  ARG A CD  1 
ATOM   198  N  NE  . ARG A 1 29  ? -7.282  0.588   12.529  1.00 33.84 ? 49  ARG A NE  1 
ATOM   199  C  CZ  . ARG A 1 29  ? -8.574  0.310   12.328  1.00 38.98 ? 49  ARG A CZ  1 
ATOM   200  N  NH1 . ARG A 1 29  ? -9.208  0.714   11.230  1.00 38.45 ? 49  ARG A NH1 1 
ATOM   201  N  NH2 . ARG A 1 29  ? -9.226  -0.415  13.235  1.00 39.43 ? 49  ARG A NH2 1 
ATOM   202  N  N   . PRO A 1 30  ? -1.480  0.521   9.628   1.00 12.10 ? 50  PRO A N   1 
ATOM   203  C  CA  . PRO A 1 30  ? -1.216  -0.256  8.429   1.00 12.76 ? 50  PRO A CA  1 
ATOM   204  C  C   . PRO A 1 30  ? -2.139  -1.454  8.258   1.00 11.71 ? 50  PRO A C   1 
ATOM   205  O  O   . PRO A 1 30  ? -2.575  -2.040  9.244   1.00 11.95 ? 50  PRO A O   1 
ATOM   206  C  CB  . PRO A 1 30  ? 0.233   -0.733  8.534   1.00 12.64 ? 50  PRO A CB  1 
ATOM   207  C  CG  . PRO A 1 30  ? 0.737   -0.251  9.845   1.00 15.02 ? 50  PRO A CG  1 
ATOM   208  C  CD  . PRO A 1 30  ? -0.287  0.620   10.509  1.00 11.99 ? 50  PRO A CD  1 
ATOM   209  N  N   . ASP A 1 31  ? -2.557  -1.700  7.027   1.00 11.09 ? 51  ASP A N   1 
ATOM   210  C  CA  . ASP A 1 31  ? -3.574  -2.698  6.728   1.00 12.79 ? 51  ASP A CA  1 
ATOM   211  C  C   . ASP A 1 31  ? -3.066  -4.078  7.150   1.00 12.56 ? 51  ASP A C   1 
ATOM   212  O  O   . ASP A 1 31  ? -3.875  -4.888  7.619   1.00 13.43 ? 51  ASP A O   1 
ATOM   213  C  CB  . ASP A 1 31  ? -3.960  -2.618  5.247   1.00 13.57 ? 51  ASP A CB  1 
ATOM   214  C  CG  . ASP A 1 31  ? -4.512  -1.222  4.970   1.00 16.81 ? 51  ASP A CG  1 
ATOM   215  O  OD1 . ASP A 1 31  ? -5.673  -1.008  5.401   1.00 17.29 ? 51  ASP A OD1 1 
ATOM   216  O  OD2 . ASP A 1 31  ? -3.840  -0.315  4.425   1.00 15.20 ? 51  ASP A OD2 1 
ATOM   217  N  N   . PHE A 1 32  ? -1.828  -4.418  6.804   1.00 12.51 ? 52  PHE A N   1 
ATOM   218  C  CA  . PHE A 1 32  ? -1.265  -5.706  7.236   1.00 11.42 ? 52  PHE A CA  1 
ATOM   219  C  C   . PHE A 1 32  ? 0.107   -5.472  7.855   1.00 12.64 ? 52  PHE A C   1 
ATOM   220  O  O   . PHE A 1 32  ? 0.872   -4.614  7.392   1.00 13.95 ? 52  PHE A O   1 
ATOM   221  C  CB  . PHE A 1 32  ? -1.051  -6.657  6.049   1.00 14.68 ? 52  PHE A CB  1 
ATOM   222  C  CG  . PHE A 1 32  ? -2.351  -6.970  5.343   1.00 15.60 ? 52  PHE A CG  1 
ATOM   223  C  CD1 . PHE A 1 32  ? -2.795  -6.180  4.300   1.00 15.52 ? 52  PHE A CD1 1 
ATOM   224  C  CD2 . PHE A 1 32  ? -3.102  -8.065  5.741   1.00 16.49 ? 52  PHE A CD2 1 
ATOM   225  C  CE1 . PHE A 1 32  ? -4.002  -6.456  3.679   1.00 16.66 ? 52  PHE A CE1 1 
ATOM   226  C  CE2 . PHE A 1 32  ? -4.299  -8.351  5.110   1.00 17.44 ? 52  PHE A CE2 1 
ATOM   227  C  CZ  . PHE A 1 32  ? -4.752  -7.550  4.080   1.00 16.11 ? 52  PHE A CZ  1 
ATOM   228  N  N   . VAL A 1 33  ? 0.447   -6.204  8.925   1.00 10.69 ? 53  VAL A N   1 
ATOM   229  C  CA  . VAL A 1 33  ? 1.741   -6.080  9.576   1.00 12.32 ? 53  VAL A CA  1 
ATOM   230  C  C   . VAL A 1 33  ? 2.302   -7.502  9.730   1.00 13.80 ? 53  VAL A C   1 
ATOM   231  O  O   . VAL A 1 33  ? 1.576   -8.415  10.134  1.00 14.46 ? 53  VAL A O   1 
ATOM   232  C  CB  . VAL A 1 33  ? 1.569   -5.427  10.953  1.00 14.38 ? 53  VAL A CB  1 
ATOM   233  C  CG1 . VAL A 1 33  ? 2.919   -5.453  11.669  1.00 16.49 ? 53  VAL A CG1 1 
ATOM   234  C  CG2 . VAL A 1 33  ? 1.061   -3.984  10.867  1.00 15.69 ? 53  VAL A CG2 1 
ATOM   235  N  N   . VAL A 1 34  ? 3.543   -7.734  9.305   1.00 13.67 ? 54  VAL A N   1 
ATOM   236  C  CA  . VAL A 1 34  ? 4.160   -9.062  9.352   1.00 14.65 ? 54  VAL A CA  1 
ATOM   237  C  C   . VAL A 1 34  ? 5.366   -8.915  10.275  1.00 15.29 ? 54  VAL A C   1 
ATOM   238  O  O   . VAL A 1 34  ? 6.452   -8.531  9.833   1.00 15.20 ? 54  VAL A O   1 
ATOM   239  C  CB  . VAL A 1 34  ? 4.623   -9.560  7.974   1.00 15.22 ? 54  VAL A CB  1 
ATOM   240  C  CG1 . VAL A 1 34  ? 5.207   -10.975 8.090   1.00 15.51 ? 54  VAL A CG1 1 
ATOM   241  C  CG2 . VAL A 1 34  ? 3.488   -9.538  6.966   1.00 16.92 ? 54  VAL A CG2 1 
ATOM   242  N  N   . ASP A 1 35  ? 5.188   -9.189  11.564  1.00 15.16 ? 55  ASP A N   1 
ATOM   243  C  CA  . ASP A 1 35  ? 6.229   -8.975  12.559  1.00 15.64 ? 55  ASP A CA  1 
ATOM   244  C  C   . ASP A 1 35  ? 7.504   -9.761  12.259  1.00 17.95 ? 55  ASP A C   1 
ATOM   245  O  O   . ASP A 1 35  ? 8.623   -9.262  12.410  1.00 18.47 ? 55  ASP A O   1 
ATOM   246  C  CB  . ASP A 1 35  ? 5.753   -9.268  13.986  1.00 17.65 ? 55  ASP A CB  1 
ATOM   247  C  CG  . ASP A 1 35  ? 5.126   -8.022  14.588  1.00 19.22 ? 55  ASP A CG  1 
ATOM   248  O  OD1 . ASP A 1 35  ? 3.910   -7.831  14.364  1.00 20.31 ? 55  ASP A OD1 1 
ATOM   249  O  OD2 . ASP A 1 35  ? 5.769   -7.257  15.332  1.00 21.35 ? 55  ASP A OD2 1 
ATOM   250  N  N   . GLU A 1 36  ? 7.312   -10.983 11.757  1.00 18.14 ? 56  GLU A N   1 
ATOM   251  C  CA  . GLU A 1 36  ? 8.471   -11.840 11.492  1.00 21.08 ? 56  GLU A CA  1 
ATOM   252  C  C   . GLU A 1 36  ? 9.474   -11.240 10.512  1.00 20.62 ? 56  GLU A C   1 
ATOM   253  O  O   . GLU A 1 36  ? 10.683  -11.468 10.663  1.00 21.84 ? 56  GLU A O   1 
ATOM   254  C  CB  . GLU A 1 36  ? 8.019   -13.229 11.025  1.00 23.20 ? 56  GLU A CB  1 
ATOM   255  C  CG  . GLU A 1 36  ? 9.214   -14.133 10.713  1.00 31.85 ? 56  GLU A CG  1 
ATOM   256  C  CD  . GLU A 1 36  ? 8.844   -15.490 10.147  1.00 35.24 ? 56  GLU A CD  1 
ATOM   257  O  OE1 . GLU A 1 36  ? 7.665   -15.696 9.784   1.00 37.95 ? 56  GLU A OE1 1 
ATOM   258  O  OE2 . GLU A 1 36  ? 9.717   -16.381 10.033  1.00 37.91 ? 56  GLU A OE2 1 
ATOM   259  N  N   . TYR A 1 37  ? 9.010   -10.469 9.529   1.00 17.18 ? 57  TYR A N   1 
ATOM   260  C  CA  . TYR A 1 37  ? 9.911   -9.888  8.544   1.00 16.42 ? 57  TYR A CA  1 
ATOM   261  C  C   . TYR A 1 37  ? 9.972   -8.363  8.668   1.00 15.81 ? 57  TYR A C   1 
ATOM   262  O  O   . TYR A 1 37  ? 10.459  -7.730  7.736   1.00 17.13 ? 57  TYR A O   1 
ATOM   263  C  CB  . TYR A 1 37  ? 9.422   -10.312 7.160   1.00 18.66 ? 57  TYR A CB  1 
ATOM   264  C  CG  . TYR A 1 37  ? 9.743   -11.781 6.924   1.00 23.43 ? 57  TYR A CG  1 
ATOM   265  C  CD1 . TYR A 1 37  ? 11.041  -12.145 6.567   1.00 24.93 ? 57  TYR A CD1 1 
ATOM   266  C  CD2 . TYR A 1 37  ? 8.764   -12.755 7.064   1.00 24.36 ? 57  TYR A CD2 1 
ATOM   267  C  CE1 . TYR A 1 37  ? 11.379  -13.476 6.360   1.00 27.87 ? 57  TYR A CE1 1 
ATOM   268  C  CE2 . TYR A 1 37  ? 9.096   -14.081 6.847   1.00 26.95 ? 57  TYR A CE2 1 
ATOM   269  C  CZ  . TYR A 1 37  ? 10.390  -14.428 6.501   1.00 28.75 ? 57  TYR A CZ  1 
ATOM   270  O  OH  . TYR A 1 37  ? 10.709  -15.751 6.267   1.00 31.13 ? 57  TYR A OH  1 
ATOM   271  N  N   . ARG A 1 38  ? 9.561   -7.833  9.804   1.00 15.31 ? 58  ARG A N   1 
ATOM   272  C  CA  . ARG A 1 38  ? 9.606   -6.400  10.065  1.00 17.86 ? 58  ARG A CA  1 
ATOM   273  C  C   . ARG A 1 38  ? 9.095   -5.580  8.884   1.00 13.93 ? 58  ARG A C   1 
ATOM   274  O  O   . ARG A 1 38  ? 9.723   -4.582  8.518   1.00 13.61 ? 58  ARG A O   1 
ATOM   275  C  CB  . ARG A 1 38  ? 11.048  -6.012  10.418  1.00 22.39 ? 58  ARG A CB  1 
ATOM   276  C  CG  . ARG A 1 38  ? 11.498  -6.585  11.748  1.00 30.30 ? 58  ARG A CG  1 
ATOM   277  C  CD  . ARG A 1 38  ? 10.509  -6.196  12.847  1.00 34.65 ? 58  ARG A CD  1 
ATOM   278  N  NE  . ARG A 1 38  ? 10.668  -4.770  13.103  1.00 40.48 ? 58  ARG A NE  1 
ATOM   279  C  CZ  . ARG A 1 38  ? 10.377  -4.108  14.216  1.00 42.83 ? 58  ARG A CZ  1 
ATOM   280  N  NH1 . ARG A 1 38  ? 9.851   -4.743  15.260  1.00 43.88 ? 58  ARG A NH1 1 
ATOM   281  N  NH2 . ARG A 1 38  ? 10.626  -2.802  14.221  1.00 44.20 ? 58  ARG A NH2 1 
ATOM   282  N  N   . CYS A 1 39  ? 7.885   -5.882  8.411   1.00 11.35 ? 59  CYS A N   1 
ATOM   283  C  CA  . CYS A 1 39  ? 7.393   -5.090  7.294   1.00 12.71 ? 59  CYS A CA  1 
ATOM   284  C  C   . CYS A 1 39  ? 5.900   -4.841  7.480   1.00 13.49 ? 59  CYS A C   1 
ATOM   285  O  O   . CYS A 1 39  ? 5.248   -5.593  8.201   1.00 13.65 ? 59  CYS A O   1 
ATOM   286  C  CB  . CYS A 1 39  ? 7.609   -5.673  5.900   1.00 14.37 ? 59  CYS A CB  1 
ATOM   287  S  SG  . CYS A 1 39  ? 6.955   -7.353  5.716   1.00 18.66 ? 59  CYS A SG  1 
ATOM   288  N  N   . VAL A 1 40  ? 5.423   -3.746  6.885   1.00 12.38 ? 60  VAL A N   1 
ATOM   289  C  CA  . VAL A 1 40  ? 4.005   -3.412  6.933   1.00 12.49 ? 60  VAL A CA  1 
ATOM   290  C  C   . VAL A 1 40  ? 3.561   -3.144  5.505   1.00 12.99 ? 60  VAL A C   1 
ATOM   291  O  O   . VAL A 1 40  ? 4.386   -2.887  4.623   1.00 12.16 ? 60  VAL A O   1 
ATOM   292  C  CB  . VAL A 1 40  ? 3.688   -2.184  7.798   1.00 15.73 ? 60  VAL A CB  1 
ATOM   293  C  CG1 . VAL A 1 40  ? 4.224   -2.327  9.216   1.00 16.32 ? 60  VAL A CG1 1 
ATOM   294  C  CG2 . VAL A 1 40  ? 4.302   -0.922  7.195   1.00 15.31 ? 60  VAL A CG2 1 
ATOM   295  N  N   . ILE A 1 41  ? 2.287   -3.390  5.219   1.00 12.32 ? 61  ILE A N   1 
ATOM   296  C  CA  . ILE A 1 41  ? 1.725   -3.212  3.885   1.00 12.43 ? 61  ILE A CA  1 
ATOM   297  C  C   . ILE A 1 41  ? 0.491   -2.330  3.978   1.00 12.27 ? 61  ILE A C   1 
ATOM   298  O  O   . ILE A 1 41  ? -0.405  -2.604  4.786   1.00 12.46 ? 61  ILE A O   1 
ATOM   299  C  CB  . ILE A 1 41  ? 1.264   -4.558  3.275   1.00 12.70 ? 61  ILE A CB  1 
ATOM   300  C  CG1 . ILE A 1 41  ? 2.456   -5.531  3.279   1.00 15.58 ? 61  ILE A CG1 1 
ATOM   301  C  CG2 . ILE A 1 41  ? 0.790   -4.370  1.846   1.00 14.81 ? 61  ILE A CG2 1 
ATOM   302  C  CD1 . ILE A 1 41  ? 2.151   -6.905  2.731   1.00 19.34 ? 61  ILE A CD1 1 
ATOM   303  N  N   . PHE A 1 42  ? 0.456   -1.262  3.171   1.00 10.76 ? 62  PHE A N   1 
ATOM   304  C  CA  . PHE A 1 42  ? -0.737  -0.432  3.068   1.00 11.37 ? 62  PHE A CA  1 
ATOM   305  C  C   . PHE A 1 42  ? -1.406  -0.679  1.718   1.00 11.96 ? 62  PHE A C   1 
ATOM   306  O  O   . PHE A 1 42  ? -0.713  -0.843  0.698   1.00 15.65 ? 62  PHE A O   1 
ATOM   307  C  CB  . PHE A 1 42  ? -0.318  1.044   3.029   1.00 13.12 ? 62  PHE A CB  1 
ATOM   308  C  CG  . PHE A 1 42  ? 0.139   1.605   4.341   1.00 13.90 ? 62  PHE A CG  1 
ATOM   309  C  CD1 . PHE A 1 42  ? -0.797  2.075   5.258   1.00 13.71 ? 62  PHE A CD1 1 
ATOM   310  C  CD2 . PHE A 1 42  ? 1.500   1.757   4.584   1.00 15.43 ? 62  PHE A CD2 1 
ATOM   311  C  CE1 . PHE A 1 42  ? -0.377  2.626   6.458   1.00 15.06 ? 62  PHE A CE1 1 
ATOM   312  C  CE2 . PHE A 1 42  ? 1.924   2.319   5.775   1.00 16.95 ? 62  PHE A CE2 1 
ATOM   313  C  CZ  . PHE A 1 42  ? 0.982   2.758   6.702   1.00 16.10 ? 62  PHE A CZ  1 
ATOM   314  N  N   . THR A 1 43  ? -2.735  -0.710  1.726   1.00 11.91 ? 63  THR A N   1 
ATOM   315  C  CA  . THR A 1 43  ? -3.513  -0.864  0.497   1.00 13.49 ? 63  THR A CA  1 
ATOM   316  C  C   . THR A 1 43  ? -4.227  0.470   0.298   1.00 16.93 ? 63  THR A C   1 
ATOM   317  O  O   . THR A 1 43  ? -5.235  0.688   0.969   1.00 19.55 ? 63  THR A O   1 
ATOM   318  C  CB  . THR A 1 43  ? -4.555  -1.994  0.620   1.00 16.02 ? 63  THR A CB  1 
ATOM   319  O  OG1 . THR A 1 43  ? -5.322  -1.861  1.830   1.00 16.57 ? 63  THR A OG1 1 
ATOM   320  C  CG2 . THR A 1 43  ? -3.770  -3.295  0.629   1.00 15.36 ? 63  THR A CG2 1 
ATOM   321  N  N   . HIS A 1 44  ? -3.639  1.367   -0.497  1.00 14.40 ? 64  HIS A N   1 
ATOM   322  C  CA  . HIS A 1 44  ? -4.219  2.706   -0.603  1.00 14.43 ? 64  HIS A CA  1 
ATOM   323  C  C   . HIS A 1 44  ? -5.158  2.865   -1.796  1.00 16.51 ? 64  HIS A C   1 
ATOM   324  O  O   . HIS A 1 44  ? -4.764  2.444   -2.887  1.00 16.04 ? 64  HIS A O   1 
ATOM   325  C  CB  . HIS A 1 44  ? -3.033  3.665   -0.818  1.00 15.99 ? 64  HIS A CB  1 
ATOM   326  C  CG  . HIS A 1 44  ? -2.307  4.121   0.404   1.00 19.06 ? 64  HIS A CG  1 
ATOM   327  N  ND1 . HIS A 1 44  ? -2.828  3.879   1.656   1.00 20.06 ? 64  HIS A ND1 1 
ATOM   328  C  CD2 . HIS A 1 44  ? -1.126  4.773   0.595   1.00 18.03 ? 64  HIS A CD2 1 
ATOM   329  C  CE1 . HIS A 1 44  ? -2.029  4.396   2.582   1.00 19.59 ? 64  HIS A CE1 1 
ATOM   330  N  NE2 . HIS A 1 44  ? -0.991  4.912   1.953   1.00 16.25 ? 64  HIS A NE2 1 
ATOM   331  N  N   . GLY A 1 45  ? -6.262  3.580   -1.563  1.00 15.62 ? 65  GLY A N   1 
ATOM   332  C  CA  . GLY A 1 45  ? -7.170  3.910   -2.663  1.00 14.18 ? 65  GLY A CA  1 
ATOM   333  C  C   . GLY A 1 45  ? -6.456  4.947   -3.530  1.00 14.82 ? 65  GLY A C   1 
ATOM   334  O  O   . GLY A 1 45  ? -5.803  5.840   -2.991  1.00 15.60 ? 65  GLY A O   1 
ATOM   335  N  N   . CYS A 1 46  ? -6.675  4.918   -4.841  1.00 14.38 ? 66  CYS A N   1 
ATOM   336  C  CA  . CYS A 1 46  ? -5.921  5.786   -5.748  1.00 14.09 ? 66  CYS A CA  1 
ATOM   337  C  C   . CYS A 1 46  ? -6.474  7.210   -5.760  1.00 15.50 ? 66  CYS A C   1 
ATOM   338  O  O   . CYS A 1 46  ? -5.679  8.148   -5.887  1.00 15.59 ? 66  CYS A O   1 
ATOM   339  C  CB  . CYS A 1 46  ? -5.913  5.161   -7.148  1.00 15.47 ? 66  CYS A CB  1 
ATOM   340  S  SG  . CYS A 1 46  ? -4.797  3.726   -7.164  1.00 18.26 ? 66  CYS A SG  1 
ATOM   341  N  N   . PHE A 1 47  ? -7.777  7.347   -5.517  1.00 14.84 ? 67  PHE A N   1 
ATOM   342  C  CA  . PHE A 1 47  ? -8.325  8.710   -5.403  1.00 15.16 ? 67  PHE A CA  1 
ATOM   343  C  C   . PHE A 1 47  ? -7.858  9.380   -4.124  1.00 14.81 ? 67  PHE A C   1 
ATOM   344  O  O   . PHE A 1 47  ? -7.295  10.484  -4.107  1.00 14.92 ? 67  PHE A O   1 
ATOM   345  C  CB  . PHE A 1 47  ? -9.860  8.655   -5.450  1.00 16.57 ? 67  PHE A CB  1 
ATOM   346  C  CG  . PHE A 1 47  ? -10.547 9.962   -5.125  1.00 18.46 ? 67  PHE A CG  1 
ATOM   347  C  CD1 . PHE A 1 47  ? -10.442 11.023  -6.007  1.00 21.88 ? 67  PHE A CD1 1 
ATOM   348  C  CD2 . PHE A 1 47  ? -11.307 10.110  -3.976  1.00 19.56 ? 67  PHE A CD2 1 
ATOM   349  C  CE1 . PHE A 1 47  ? -11.043 12.243  -5.718  1.00 22.82 ? 67  PHE A CE1 1 
ATOM   350  C  CE2 . PHE A 1 47  ? -11.960 11.301  -3.681  1.00 21.79 ? 67  PHE A CE2 1 
ATOM   351  C  CZ  . PHE A 1 47  ? -11.801 12.352  -4.567  1.00 23.74 ? 67  PHE A CZ  1 
ATOM   352  N  N   . TRP A 1 48  ? -8.109  8.705   -2.998  1.00 13.09 ? 68  TRP A N   1 
ATOM   353  C  CA  . TRP A 1 48  ? -7.907  9.359   -1.716  1.00 15.33 ? 68  TRP A CA  1 
ATOM   354  C  C   . TRP A 1 48  ? -6.447  9.679   -1.406  1.00 12.71 ? 68  TRP A C   1 
ATOM   355  O  O   . TRP A 1 48  ? -6.212  10.590  -0.620  1.00 12.74 ? 68  TRP A O   1 
ATOM   356  C  CB  . TRP A 1 48  ? -8.520  8.458   -0.644  1.00 16.88 ? 68  TRP A CB  1 
ATOM   357  C  CG  . TRP A 1 48  ? -8.859  9.082   0.673   1.00 18.15 ? 68  TRP A CG  1 
ATOM   358  C  CD1 . TRP A 1 48  ? -8.297  8.739   1.872   1.00 20.04 ? 68  TRP A CD1 1 
ATOM   359  C  CD2 . TRP A 1 48  ? -9.838  10.084  0.961   1.00 17.50 ? 68  TRP A CD2 1 
ATOM   360  N  NE1 . TRP A 1 48  ? -8.880  9.468   2.880   1.00 19.99 ? 68  TRP A NE1 1 
ATOM   361  C  CE2 . TRP A 1 48  ? -9.823  10.306  2.347   1.00 18.56 ? 68  TRP A CE2 1 
ATOM   362  C  CE3 . TRP A 1 48  ? -10.739 10.796  0.161   1.00 19.09 ? 68  TRP A CE3 1 
ATOM   363  C  CZ2 . TRP A 1 48  ? -10.679 11.215  2.972   1.00 21.27 ? 68  TRP A CZ2 1 
ATOM   364  C  CZ3 . TRP A 1 48  ? -11.586 11.711  0.777   1.00 21.35 ? 68  TRP A CZ3 1 
ATOM   365  C  CH2 . TRP A 1 48  ? -11.540 11.907  2.162   1.00 19.60 ? 68  TRP A CH2 1 
ATOM   366  N  N   . HIS A 1 49  ? -5.545  8.830   -1.898  1.00 11.48 ? 69  HIS A N   1 
ATOM   367  C  CA  . HIS A 1 49  ? -4.109  9.007   -1.672  1.00 12.00 ? 69  HIS A CA  1 
ATOM   368  C  C   . HIS A 1 49  ? -3.383  9.598   -2.880  1.00 11.98 ? 69  HIS A C   1 
ATOM   369  O  O   . HIS A 1 49  ? -2.156  9.619   -2.969  1.00 13.32 ? 69  HIS A O   1 
ATOM   370  C  CB  . HIS A 1 49  ? -3.485  7.669   -1.236  1.00 11.78 ? 69  HIS A CB  1 
ATOM   371  C  CG  . HIS A 1 49  ? -4.070  7.226   0.076   1.00 14.65 ? 69  HIS A CG  1 
ATOM   372  N  ND1 . HIS A 1 49  ? -3.583  7.547   1.323   1.00 15.94 ? 69  HIS A ND1 1 
ATOM   373  C  CD2 . HIS A 1 49  ? -5.214  6.516   0.278   1.00 15.25 ? 69  HIS A CD2 1 
ATOM   374  C  CE1 . HIS A 1 49  ? -4.418  7.047   2.232   1.00 17.04 ? 69  HIS A CE1 1 
ATOM   375  N  NE2 . HIS A 1 49  ? -5.409  6.396   1.632   1.00 15.85 ? 69  HIS A NE2 1 
ATOM   376  N  N   . HIS A 1 50  ? -4.086  10.147  -3.859  1.00 12.84 ? 70  HIS A N   1 
ATOM   377  C  CA  . HIS A 1 50  ? -3.533  10.903  -4.970  1.00 14.97 ? 70  HIS A CA  1 
ATOM   378  C  C   . HIS A 1 50  ? -2.532  10.164  -5.841  1.00 16.63 ? 70  HIS A C   1 
ATOM   379  O  O   . HIS A 1 50  ? -1.392  10.606  -6.051  1.00 17.92 ? 70  HIS A O   1 
ATOM   380  C  CB  . HIS A 1 50  ? -2.887  12.191  -4.421  1.00 18.25 ? 70  HIS A CB  1 
ATOM   381  C  CG  . HIS A 1 50  ? -2.683  13.250  -5.467  1.00 21.95 ? 70  HIS A CG  1 
ATOM   382  N  ND1 . HIS A 1 50  ? -1.500  13.955  -5.614  1.00 25.67 ? 70  HIS A ND1 1 
ATOM   383  C  CD2 . HIS A 1 50  ? -3.472  13.662  -6.489  1.00 23.93 ? 70  HIS A CD2 1 
ATOM   384  C  CE1 . HIS A 1 50  ? -1.605  14.790  -6.637  1.00 27.32 ? 70  HIS A CE1 1 
ATOM   385  N  NE2 . HIS A 1 50  ? -2.799  14.643  -7.190  1.00 26.06 ? 70  HIS A NE2 1 
ATOM   386  N  N   . HIS A 1 51  ? -2.933  9.006   -6.360  1.00 14.64 ? 71  HIS A N   1 
ATOM   387  C  CA  . HIS A 1 51  ? -2.024  8.267   -7.233  1.00 15.56 ? 71  HIS A CA  1 
ATOM   388  C  C   . HIS A 1 51  ? -2.049  8.952   -8.600  1.00 17.53 ? 71  HIS A C   1 
ATOM   389  O  O   . HIS A 1 51  ? -2.915  9.778   -8.918  1.00 18.50 ? 71  HIS A O   1 
ATOM   390  C  CB  . HIS A 1 51  ? -2.424  6.796   -7.377  1.00 17.14 ? 71  HIS A CB  1 
ATOM   391  C  CG  . HIS A 1 51  ? -1.278  5.913   -7.787  1.00 15.50 ? 71  HIS A CG  1 
ATOM   392  N  ND1 . HIS A 1 51  ? -1.464  4.773   -8.531  1.00 16.72 ? 71  HIS A ND1 1 
ATOM   393  C  CD2 . HIS A 1 51  ? 0.046   5.980   -7.536  1.00 15.89 ? 71  HIS A CD2 1 
ATOM   394  C  CE1 . HIS A 1 51  ? -0.292  4.166   -8.706  1.00 17.77 ? 71  HIS A CE1 1 
ATOM   395  N  NE2 . HIS A 1 51  ? 0.644   4.887   -8.117  1.00 17.12 ? 71  HIS A NE2 1 
ATOM   396  N  N   . HIS A 1 52  ? -1.084  8.587   -9.444  1.00 18.95 ? 72  HIS A N   1 
ATOM   397  C  CA  . HIS A 1 52  ? -0.960  9.202   -10.761 1.00 19.80 ? 72  HIS A CA  1 
ATOM   398  C  C   . HIS A 1 52  ? -1.624  8.448   -11.896 1.00 24.40 ? 72  HIS A C   1 
ATOM   399  O  O   . HIS A 1 52  ? -1.404  8.793   -13.062 1.00 26.11 ? 72  HIS A O   1 
ATOM   400  C  CB  . HIS A 1 52  ? 0.535   9.330   -11.068 1.00 22.62 ? 72  HIS A CB  1 
ATOM   401  C  CG  . HIS A 1 52  ? 1.373   8.093   -10.945 1.00 25.95 ? 72  HIS A CG  1 
ATOM   402  N  ND1 . HIS A 1 52  ? 2.269   7.896   -9.922  1.00 28.37 ? 72  HIS A ND1 1 
ATOM   403  C  CD2 . HIS A 1 52  ? 1.457   6.978   -11.705 1.00 28.52 ? 72  HIS A CD2 1 
ATOM   404  C  CE1 . HIS A 1 52  ? 2.890   6.733   -10.066 1.00 29.11 ? 72  HIS A CE1 1 
ATOM   405  N  NE2 . HIS A 1 52  ? 2.402   6.152   -11.143 1.00 28.53 ? 72  HIS A NE2 1 
ATOM   406  N  N   . CYS A 1 53  ? -2.419  7.430   -11.592 1.00 21.73 ? 73  CYS A N   1 
ATOM   407  C  CA  . CYS A 1 53  ? -2.957  6.536   -12.602 1.00 24.06 ? 73  CYS A CA  1 
ATOM   408  C  C   . CYS A 1 53  ? -4.325  6.971   -13.117 1.00 26.73 ? 73  CYS A C   1 
ATOM   409  O  O   . CYS A 1 53  ? -4.938  7.926   -12.639 1.00 25.31 ? 73  CYS A O   1 
ATOM   410  C  CB  . CYS A 1 53  ? -3.090  5.153   -11.940 1.00 21.97 ? 73  CYS A CB  1 
ATOM   411  S  SG  . CYS A 1 53  ? -4.320  5.180   -10.608 1.00 19.09 ? 73  CYS A SG  1 
ATOM   412  N  N   . TYR A 1 54  ? -4.885  6.128   -13.978 1.00 29.79 ? 74  TYR A N   1 
ATOM   413  C  CA  . TYR A 1 54  ? -6.218  6.359   -14.531 1.00 32.62 ? 74  TYR A CA  1 
ATOM   414  C  C   . TYR A 1 54  ? -7.371  6.375   -13.536 1.00 32.47 ? 74  TYR A C   1 
ATOM   415  O  O   . TYR A 1 54  ? -8.431  6.943   -13.826 1.00 33.02 ? 74  TYR A O   1 
ATOM   416  C  CB  . TYR A 1 54  ? -6.492  5.328   -15.627 1.00 35.57 ? 74  TYR A CB  1 
ATOM   417  C  CG  . TYR A 1 54  ? -6.920  3.958   -15.145 1.00 38.61 ? 74  TYR A CG  1 
ATOM   418  C  CD1 . TYR A 1 54  ? -5.979  3.013   -14.748 1.00 38.69 ? 74  TYR A CD1 1 
ATOM   419  C  CD2 . TYR A 1 54  ? -8.271  3.630   -15.101 1.00 39.54 ? 74  TYR A CD2 1 
ATOM   420  C  CE1 . TYR A 1 54  ? -6.375  1.761   -14.306 1.00 39.99 ? 74  TYR A CE1 1 
ATOM   421  C  CE2 . TYR A 1 54  ? -8.672  2.376   -14.664 1.00 41.05 ? 74  TYR A CE2 1 
ATOM   422  C  CZ  . TYR A 1 54  ? -7.722  1.452   -14.275 1.00 41.18 ? 74  TYR A CZ  1 
ATOM   423  O  OH  . TYR A 1 54  ? -8.143  0.214   -13.849 1.00 41.84 ? 74  TYR A OH  1 
ATOM   424  N  N   . LEU A 1 55  ? -7.221  5.846   -12.328 1.00 29.82 ? 75  LEU A N   1 
ATOM   425  C  CA  . LEU A 1 55  ? -8.285  5.906   -11.332 1.00 29.82 ? 75  LEU A CA  1 
ATOM   426  C  C   . LEU A 1 55  ? -8.404  7.286   -10.694 1.00 29.58 ? 75  LEU A C   1 
ATOM   427  O  O   . LEU A 1 55  ? -9.388  7.524   -9.984  1.00 30.66 ? 75  LEU A O   1 
ATOM   428  C  CB  . LEU A 1 55  ? -8.104  4.839   -10.243 1.00 29.16 ? 75  LEU A CB  1 
ATOM   429  C  CG  . LEU A 1 55  ? -8.295  3.397   -10.724 1.00 29.52 ? 75  LEU A CG  1 
ATOM   430  C  CD1 . LEU A 1 55  ? -7.896  2.446   -9.602  1.00 27.02 ? 75  LEU A CD1 1 
ATOM   431  C  CD2 . LEU A 1 55  ? -9.756  3.213   -11.129 1.00 29.53 ? 75  LEU A CD2 1 
ATOM   432  N  N   . PHE A 1 56  ? -7.366  8.114   -10.828 1.00 28.16 ? 76  PHE A N   1 
ATOM   433  C  CA  . PHE A 1 56  ? -7.479  9.432   -10.211 1.00 29.49 ? 76  PHE A CA  1 
ATOM   434  C  C   . PHE A 1 56  ? -8.332  10.369  -11.066 1.00 30.58 ? 76  PHE A C   1 
ATOM   435  O  O   . PHE A 1 56  ? -7.958  10.614  -12.211 1.00 30.90 ? 76  PHE A O   1 
ATOM   436  C  CB  . PHE A 1 56  ? -6.138  10.139  -9.991  1.00 27.00 ? 76  PHE A CB  1 
ATOM   437  C  CG  . PHE A 1 56  ? -6.375  11.348  -9.121  1.00 28.40 ? 76  PHE A CG  1 
ATOM   438  C  CD1 . PHE A 1 56  ? -6.496  11.239  -7.747  1.00 28.12 ? 76  PHE A CD1 1 
ATOM   439  C  CD2 . PHE A 1 56  ? -6.504  12.606  -9.697  1.00 29.09 ? 76  PHE A CD2 1 
ATOM   440  C  CE1 . PHE A 1 56  ? -6.707  12.350  -6.950  1.00 28.89 ? 76  PHE A CE1 1 
ATOM   441  C  CE2 . PHE A 1 56  ? -6.725  13.726  -8.919  1.00 27.63 ? 76  PHE A CE2 1 
ATOM   442  C  CZ  . PHE A 1 56  ? -6.824  13.597  -7.549  1.00 29.55 ? 76  PHE A CZ  1 
ATOM   443  N  N   . LYS A 1 57  ? -9.457  10.829  -10.524 1.00 31.72 ? 77  LYS A N   1 
ATOM   444  C  CA  . LYS A 1 57  ? -10.305 11.786  -11.222 1.00 35.76 ? 77  LYS A CA  1 
ATOM   445  C  C   . LYS A 1 57  ? -10.539 12.981  -10.299 1.00 37.18 ? 77  LYS A C   1 
ATOM   446  O  O   . LYS A 1 57  ? -10.784 12.788  -9.107  1.00 38.95 ? 77  LYS A O   1 
ATOM   447  C  CB  . LYS A 1 57  ? -11.685 11.247  -11.597 1.00 37.72 ? 77  LYS A CB  1 
ATOM   448  C  CG  . LYS A 1 57  ? -11.706 9.952   -12.383 1.00 41.31 ? 77  LYS A CG  1 
ATOM   449  C  CD  . LYS A 1 57  ? -13.134 9.416   -12.463 1.00 43.29 ? 77  LYS A CD  1 
ATOM   450  C  CE  . LYS A 1 57  ? -13.121 7.948   -12.859 1.00 45.00 ? 77  LYS A CE  1 
ATOM   451  N  NZ  . LYS A 1 57  ? -14.479 7.337   -12.765 1.00 46.81 ? 77  LYS A NZ  1 
ATOM   452  N  N   . VAL A 1 58  ? -10.428 14.182  -10.854 1.00 38.55 ? 78  VAL A N   1 
ATOM   453  C  CA  . VAL A 1 58  ? -10.712 15.414  -10.122 1.00 39.49 ? 78  VAL A CA  1 
ATOM   454  C  C   . VAL A 1 58  ? -12.225 15.637  -10.170 1.00 40.00 ? 78  VAL A C   1 
ATOM   455  O  O   . VAL A 1 58  ? -12.814 15.607  -11.245 1.00 40.45 ? 78  VAL A O   1 
ATOM   456  C  CB  . VAL A 1 58  ? -10.067 16.609  -10.852 1.00 40.55 ? 78  VAL A CB  1 
ATOM   457  C  CG1 . VAL A 1 58  ? -10.251 17.906  -10.082 1.00 40.50 ? 78  VAL A CG1 1 
ATOM   458  C  CG2 . VAL A 1 58  ? -8.603  16.350  -11.197 1.00 41.50 ? 78  VAL A CG2 1 
ATOM   459  N  N   . PRO A 1 59  ? -12.885 15.759  -9.030  1.00 40.84 ? 79  PRO A N   1 
ATOM   460  C  CA  . PRO A 1 59  ? -14.329 15.956  -8.961  1.00 41.62 ? 79  PRO A CA  1 
ATOM   461  C  C   . PRO A 1 59  ? -14.696 17.280  -9.622  1.00 41.70 ? 79  PRO A C   1 
ATOM   462  O  O   . PRO A 1 59  ? -13.912 18.228  -9.533  1.00 41.83 ? 79  PRO A O   1 
ATOM   463  C  CB  . PRO A 1 59  ? -14.645 15.892  -7.472  1.00 41.92 ? 79  PRO A CB  1 
ATOM   464  C  CG  . PRO A 1 59  ? -13.431 15.310  -6.833  1.00 40.89 ? 79  PRO A CG  1 
ATOM   465  C  CD  . PRO A 1 59  ? -12.269 15.764  -7.680  1.00 41.80 ? 79  PRO A CD  1 
ATOM   466  N  N   . ALA A 1 60  ? -15.848 17.367  -10.283 1.00 41.73 ? 80  ALA A N   1 
ATOM   467  C  CA  . ALA A 1 60  ? -16.210 18.596  -10.991 1.00 41.65 ? 80  ALA A CA  1 
ATOM   468  C  C   . ALA A 1 60  ? -16.885 19.643  -10.108 1.00 40.69 ? 80  ALA A C   1 
ATOM   469  O  O   . ALA A 1 60  ? -17.050 20.823  -10.430 1.00 40.60 ? 80  ALA A O   1 
ATOM   470  C  CB  . ALA A 1 60  ? -17.104 18.255  -12.170 1.00 42.62 ? 80  ALA A CB  1 
ATOM   471  N  N   . THR A 1 61  ? -17.290 19.176  -8.935  1.00 39.22 ? 81  THR A N   1 
ATOM   472  C  CA  . THR A 1 61  ? -17.952 19.970  -7.917  1.00 38.58 ? 81  THR A CA  1 
ATOM   473  C  C   . THR A 1 61  ? -17.030 20.206  -6.734  1.00 35.94 ? 81  THR A C   1 
ATOM   474  O  O   . THR A 1 61  ? -16.304 19.295  -6.338  1.00 35.15 ? 81  THR A O   1 
ATOM   475  C  CB  . THR A 1 61  ? -19.240 19.219  -7.502  1.00 41.45 ? 81  THR A CB  1 
ATOM   476  O  OG1 . THR A 1 61  ? -20.036 20.161  -6.772  1.00 43.02 ? 81  THR A OG1 1 
ATOM   477  C  CG2 . THR A 1 61  ? -18.968 17.987  -6.651  1.00 42.05 ? 81  THR A CG2 1 
ATOM   478  N  N   . ARG A 1 62  ? -16.933 21.429  -6.223  1.00 31.96 ? 82  ARG A N   1 
ATOM   479  C  CA  . ARG A 1 62  ? -16.069 21.792  -5.116  1.00 28.16 ? 82  ARG A CA  1 
ATOM   480  C  C   . ARG A 1 62  ? -14.627 21.332  -5.355  1.00 24.91 ? 82  ARG A C   1 
ATOM   481  O  O   . ARG A 1 62  ? -13.932 20.906  -4.435  1.00 23.42 ? 82  ARG A O   1 
ATOM   482  C  CB  . ARG A 1 62  ? -16.556 21.266  -3.765  1.00 29.52 ? 82  ARG A CB  1 
ATOM   483  C  CG  . ARG A 1 62  ? -18.030 21.590  -3.517  1.00 32.80 ? 82  ARG A CG  1 
ATOM   484  C  CD  . ARG A 1 62  ? -18.402 21.363  -2.062  1.00 35.07 ? 82  ARG A CD  1 
ATOM   485  N  NE  . ARG A 1 62  ? -17.812 22.438  -1.275  1.00 38.71 ? 82  ARG A NE  1 
ATOM   486  C  CZ  . ARG A 1 62  ? -17.358 22.332  -0.037  1.00 40.54 ? 82  ARG A CZ  1 
ATOM   487  N  NH1 . ARG A 1 62  ? -17.403 21.166  0.593   1.00 43.02 ? 82  ARG A NH1 1 
ATOM   488  N  NH2 . ARG A 1 62  ? -16.859 23.417  0.538   1.00 43.33 ? 82  ARG A NH2 1 
ATOM   489  N  N   . THR A 1 63  ? -14.150 21.432  -6.580  1.00 23.76 ? 83  THR A N   1 
ATOM   490  C  CA  . THR A 1 63  ? -12.812 21.029  -6.985  1.00 23.63 ? 83  THR A CA  1 
ATOM   491  C  C   . THR A 1 63  ? -11.687 21.424  -6.043  1.00 24.06 ? 83  THR A C   1 
ATOM   492  O  O   . THR A 1 63  ? -10.832 20.581  -5.735  1.00 19.68 ? 83  THR A O   1 
ATOM   493  C  CB  . THR A 1 63  ? -12.578 21.546  -8.415  1.00 25.55 ? 83  THR A CB  1 
ATOM   494  O  OG1 . THR A 1 63  ? -13.703 21.153  -9.209  1.00 26.77 ? 83  THR A OG1 1 
ATOM   495  C  CG2 . THR A 1 63  ? -11.322 20.961  -9.039  1.00 25.98 ? 83  THR A CG2 1 
ATOM   496  N  N   . GLU A 1 64  ? -11.639 22.701  -5.662  1.00 20.69 ? 84  GLU A N   1 
ATOM   497  C  CA  . GLU A 1 64  ? -10.552 23.233  -4.859  1.00 24.53 ? 84  GLU A CA  1 
ATOM   498  C  C   . GLU A 1 64  ? -10.523 22.568  -3.489  1.00 24.27 ? 84  GLU A C   1 
ATOM   499  O  O   . GLU A 1 64  ? -9.478  22.205  -2.946  1.00 23.97 ? 84  GLU A O   1 
ATOM   500  C  CB  . GLU A 1 64  ? -10.702 24.756  -4.716  1.00 27.07 ? 84  GLU A CB  1 
ATOM   501  C  CG  . GLU A 1 64  ? -10.830 25.447  -6.064  1.00 30.65 ? 84  GLU A CG  1 
ATOM   502  C  CD  . GLU A 1 64  ? -12.229 25.652  -6.614  1.00 33.18 ? 84  GLU A CD  1 
ATOM   503  O  OE1 . GLU A 1 64  ? -13.236 25.216  -6.010  1.00 34.23 ? 84  GLU A OE1 1 
ATOM   504  O  OE2 . GLU A 1 64  ? -12.358 26.296  -7.679  1.00 37.41 ? 84  GLU A OE2 1 
ATOM   505  N  N   . PHE A 1 65  ? -11.723 22.436  -2.926  1.00 22.68 ? 85  PHE A N   1 
ATOM   506  C  CA  . PHE A 1 65  ? -11.897 21.736  -1.663  1.00 24.67 ? 85  PHE A CA  1 
ATOM   507  C  C   . PHE A 1 65  ? -11.334 20.321  -1.766  1.00 22.52 ? 85  PHE A C   1 
ATOM   508  O  O   . PHE A 1 65  ? -10.644 19.932  -0.828  1.00 25.54 ? 85  PHE A O   1 
ATOM   509  C  CB  . PHE A 1 65  ? -13.402 21.643  -1.360  1.00 27.65 ? 85  PHE A CB  1 
ATOM   510  C  CG  . PHE A 1 65  ? -13.703 20.603  -0.312  1.00 33.13 ? 85  PHE A CG  1 
ATOM   511  C  CD1 . PHE A 1 65  ? -13.436 20.859  1.018   1.00 32.98 ? 85  PHE A CD1 1 
ATOM   512  C  CD2 . PHE A 1 65  ? -14.222 19.373  -0.682  1.00 34.79 ? 85  PHE A CD2 1 
ATOM   513  C  CE1 . PHE A 1 65  ? -13.693 19.891  1.974   1.00 36.39 ? 85  PHE A CE1 1 
ATOM   514  C  CE2 . PHE A 1 65  ? -14.482 18.406  0.274   1.00 36.96 ? 85  PHE A CE2 1 
ATOM   515  C  CZ  . PHE A 1 65  ? -14.226 18.675  1.602   1.00 36.54 ? 85  PHE A CZ  1 
ATOM   516  N  N   . TRP A 1 66  ? -11.679 19.564  -2.800  1.00 21.52 ? 86  TRP A N   1 
ATOM   517  C  CA  . TRP A 1 66  ? -11.172 18.196  -2.914  1.00 22.86 ? 86  TRP A CA  1 
ATOM   518  C  C   . TRP A 1 66  ? -9.650  18.128  -3.060  1.00 21.48 ? 86  TRP A C   1 
ATOM   519  O  O   . TRP A 1 66  ? -8.963  17.277  -2.480  1.00 20.82 ? 86  TRP A O   1 
ATOM   520  C  CB  . TRP A 1 66  ? -11.761 17.418  -4.092  1.00 23.98 ? 86  TRP A CB  1 
ATOM   521  C  CG  . TRP A 1 66  ? -13.215 17.092  -3.902  1.00 26.95 ? 86  TRP A CG  1 
ATOM   522  C  CD1 . TRP A 1 66  ? -14.276 17.743  -4.458  1.00 27.89 ? 86  TRP A CD1 1 
ATOM   523  C  CD2 . TRP A 1 66  ? -13.770 16.045  -3.094  1.00 28.78 ? 86  TRP A CD2 1 
ATOM   524  N  NE1 . TRP A 1 66  ? -15.457 17.170  -4.034  1.00 30.33 ? 86  TRP A NE1 1 
ATOM   525  C  CE2 . TRP A 1 66  ? -15.174 16.114  -3.208  1.00 29.16 ? 86  TRP A CE2 1 
ATOM   526  C  CE3 . TRP A 1 66  ? -13.200 15.051  -2.290  1.00 29.98 ? 86  TRP A CE3 1 
ATOM   527  C  CZ2 . TRP A 1 66  ? -16.036 15.238  -2.539  1.00 31.08 ? 86  TRP A CZ2 1 
ATOM   528  C  CZ3 . TRP A 1 66  ? -14.067 14.181  -1.641  1.00 30.38 ? 86  TRP A CZ3 1 
ATOM   529  C  CH2 . TRP A 1 66  ? -15.464 14.270  -1.759  1.00 30.05 ? 86  TRP A CH2 1 
ATOM   530  N  N   . LEU A 1 67  ? -9.101  18.940  -3.959  1.00 20.50 ? 87  LEU A N   1 
ATOM   531  C  CA  . LEU A 1 67  ? -7.643  18.934  -4.141  1.00 20.57 ? 87  LEU A CA  1 
ATOM   532  C  C   . LEU A 1 67  ? -6.946  19.285  -2.839  1.00 20.90 ? 87  LEU A C   1 
ATOM   533  O  O   . LEU A 1 67  ? -5.922  18.656  -2.562  1.00 20.58 ? 87  LEU A O   1 
ATOM   534  C  CB  . LEU A 1 67  ? -7.218  19.874  -5.272  1.00 20.46 ? 87  LEU A CB  1 
ATOM   535  C  CG  . LEU A 1 67  ? -7.735  19.386  -6.630  1.00 21.32 ? 87  LEU A CG  1 
ATOM   536  C  CD1 . LEU A 1 67  ? -7.417  20.377  -7.742  1.00 20.42 ? 87  LEU A CD1 1 
ATOM   537  C  CD2 . LEU A 1 67  ? -7.133  18.023  -6.948  1.00 22.59 ? 87  LEU A CD2 1 
ATOM   538  N  N   . GLU A 1 68  ? -7.432  20.247  -2.063  1.00 20.85 ? 88  GLU A N   1 
ATOM   539  C  CA  . GLU A 1 68  ? -6.769  20.590  -0.819  1.00 21.91 ? 88  GLU A CA  1 
ATOM   540  C  C   . GLU A 1 68  ? -6.802  19.422  0.165   1.00 22.69 ? 88  GLU A C   1 
ATOM   541  O  O   . GLU A 1 68  ? -5.810  19.066  0.811   1.00 19.20 ? 88  GLU A O   1 
ATOM   542  C  CB  . GLU A 1 68  ? -7.360  21.847  -0.168  1.00 27.81 ? 88  GLU A CB  1 
ATOM   543  C  CG  . GLU A 1 68  ? -6.518  22.327  0.998   1.00 35.62 ? 88  GLU A CG  1 
ATOM   544  C  CD  . GLU A 1 68  ? -5.998  23.752  0.904   1.00 42.03 ? 88  GLU A CD  1 
ATOM   545  O  OE1 . GLU A 1 68  ? -6.859  24.649  0.715   1.00 43.43 ? 88  GLU A OE1 1 
ATOM   546  O  OE2 . GLU A 1 68  ? -4.765  23.975  1.028   1.00 44.09 ? 88  GLU A OE2 1 
ATOM   547  N  N   . LYS A 1 69  ? -7.960  18.777  0.283   1.00 20.76 ? 89  LYS A N   1 
ATOM   548  C  CA  . LYS A 1 69  ? -8.147  17.639  1.177   1.00 21.56 ? 89  LYS A CA  1 
ATOM   549  C  C   . LYS A 1 69  ? -7.261  16.446  0.810   1.00 18.04 ? 89  LYS A C   1 
ATOM   550  O  O   . LYS A 1 69  ? -6.581  15.841  1.648   1.00 17.61 ? 89  LYS A O   1 
ATOM   551  C  CB  . LYS A 1 69  ? -9.622  17.206  1.177   1.00 24.97 ? 89  LYS A CB  1 
ATOM   552  C  CG  . LYS A 1 69  ? -9.961  16.217  2.291   1.00 28.00 ? 89  LYS A CG  1 
ATOM   553  C  CD  . LYS A 1 69  ? -11.448 16.363  2.614   1.00 34.48 ? 89  LYS A CD  1 
ATOM   554  C  CE  . LYS A 1 69  ? -11.873 15.717  3.925   1.00 36.60 ? 89  LYS A CE  1 
ATOM   555  N  NZ  . LYS A 1 69  ? -10.763 15.643  4.913   1.00 40.45 ? 89  LYS A NZ  1 
ATOM   556  N  N   . ILE A 1 70  ? -7.225  16.086  -0.461  1.00 15.69 ? 90  ILE A N   1 
ATOM   557  C  CA  . ILE A 1 70  ? -6.370  14.970  -0.864  1.00 17.97 ? 90  ILE A CA  1 
ATOM   558  C  C   . ILE A 1 70  ? -4.889  15.328  -0.710  1.00 18.85 ? 90  ILE A C   1 
ATOM   559  O  O   . ILE A 1 70  ? -4.145  14.477  -0.213  1.00 16.51 ? 90  ILE A O   1 
ATOM   560  C  CB  . ILE A 1 70  ? -6.780  14.560  -2.281  1.00 18.89 ? 90  ILE A CB  1 
ATOM   561  C  CG1 . ILE A 1 70  ? -8.124  13.817  -2.137  1.00 19.48 ? 90  ILE A CG1 1 
ATOM   562  C  CG2 . ILE A 1 70  ? -5.750  13.669  -2.953  1.00 20.51 ? 90  ILE A CG2 1 
ATOM   563  C  CD1 . ILE A 1 70  ? -8.943  14.059  -3.381  1.00 24.04 ? 90  ILE A CD1 1 
ATOM   564  N  N   . GLY A 1 71  ? -4.505  16.594  -0.919  1.00 16.02 ? 91  GLY A N   1 
ATOM   565  C  CA  . GLY A 1 71  ? -3.125  17.002  -0.660  1.00 17.85 ? 91  GLY A CA  1 
ATOM   566  C  C   . GLY A 1 71  ? -2.735  16.750  0.792   1.00 17.23 ? 91  GLY A C   1 
ATOM   567  O  O   . GLY A 1 71  ? -1.596  16.353  1.087   1.00 19.95 ? 91  GLY A O   1 
ATOM   568  N  N   . LYS A 1 72  ? -3.603  17.106  1.736   1.00 14.22 ? 92  LYS A N   1 
ATOM   569  C  CA  . LYS A 1 72  ? -3.370  16.875  3.151   1.00 17.58 ? 92  LYS A CA  1 
ATOM   570  C  C   . LYS A 1 72  ? -3.247  15.375  3.447   1.00 16.53 ? 92  LYS A C   1 
ATOM   571  O  O   . LYS A 1 72  ? -2.410  14.973  4.253   1.00 14.06 ? 92  LYS A O   1 
ATOM   572  C  CB  . LYS A 1 72  ? -4.523  17.417  4.004   1.00 19.88 ? 92  LYS A CB  1 
ATOM   573  C  CG  . LYS A 1 72  ? -4.514  18.944  4.058   1.00 25.27 ? 92  LYS A CG  1 
ATOM   574  C  CD  . LYS A 1 72  ? -5.582  19.378  5.062   1.00 29.01 ? 92  LYS A CD  1 
ATOM   575  C  CE  . LYS A 1 72  ? -6.117  20.760  4.716   1.00 31.43 ? 92  LYS A CE  1 
ATOM   576  N  NZ  . LYS A 1 72  ? -6.962  21.316  5.810   1.00 33.09 ? 92  LYS A NZ  1 
ATOM   577  N  N   . ASN A 1 73  ? -4.026  14.517  2.802   1.00 16.56 ? 93  ASN A N   1 
ATOM   578  C  CA  . ASN A 1 73  ? -3.865  13.075  3.027   1.00 16.65 ? 93  ASN A CA  1 
ATOM   579  C  C   . ASN A 1 73  ? -2.451  12.593  2.687   1.00 16.27 ? 93  ASN A C   1 
ATOM   580  O  O   . ASN A 1 73  ? -1.871  11.729  3.363   1.00 17.05 ? 93  ASN A O   1 
ATOM   581  C  CB  . ASN A 1 73  ? -4.855  12.284  2.169   1.00 15.38 ? 93  ASN A CB  1 
ATOM   582  C  CG  . ASN A 1 73  ? -6.301  12.427  2.614   1.00 19.41 ? 93  ASN A CG  1 
ATOM   583  O  OD1 . ASN A 1 73  ? -6.563  12.819  3.755   1.00 21.17 ? 93  ASN A OD1 1 
ATOM   584  N  ND2 . ASN A 1 73  ? -7.237  12.108  1.733   1.00 18.01 ? 93  ASN A ND2 1 
ATOM   585  N  N   . VAL A 1 74  ? -1.932  13.095  1.568   1.00 13.41 ? 94  VAL A N   1 
ATOM   586  C  CA  . VAL A 1 74  ? -0.587  12.773  1.086   1.00 14.79 ? 94  VAL A CA  1 
ATOM   587  C  C   . VAL A 1 74  ? 0.445   13.222  2.105   1.00 13.80 ? 94  VAL A C   1 
ATOM   588  O  O   . VAL A 1 74  ? 1.405   12.489  2.351   1.00 14.96 ? 94  VAL A O   1 
ATOM   589  C  CB  . VAL A 1 74  ? -0.291  13.397  -0.295  1.00 17.42 ? 94  VAL A CB  1 
ATOM   590  C  CG1 . VAL A 1 74  ? 1.158   13.184  -0.737  1.00 18.82 ? 94  VAL A CG1 1 
ATOM   591  C  CG2 . VAL A 1 74  ? -1.229  12.767  -1.327  1.00 17.88 ? 94  VAL A CG2 1 
ATOM   592  N  N   . GLU A 1 75  ? 0.344   14.441  2.636   1.00 13.12 ? 95  GLU A N   1 
ATOM   593  C  CA  . GLU A 1 75  ? 1.314   14.859  3.644   1.00 15.84 ? 95  GLU A CA  1 
ATOM   594  C  C   . GLU A 1 75  ? 1.304   13.990  4.898   1.00 15.10 ? 95  GLU A C   1 
ATOM   595  O  O   . GLU A 1 75  ? 2.368   13.664  5.443   1.00 15.59 ? 95  GLU A O   1 
ATOM   596  C  CB  . GLU A 1 75  ? 0.967   16.280  4.118   1.00 20.11 ? 95  GLU A CB  1 
ATOM   597  C  CG  . GLU A 1 75  ? 1.125   17.253  2.958   1.00 26.07 ? 95  GLU A CG  1 
ATOM   598  C  CD  . GLU A 1 75  ? 2.476   17.933  3.112   1.00 34.53 ? 95  GLU A CD  1 
ATOM   599  O  OE1 . GLU A 1 75  ? 3.478   17.258  2.768   1.00 34.66 ? 95  GLU A OE1 1 
ATOM   600  O  OE2 . GLU A 1 75  ? 2.411   19.070  3.634   1.00 36.20 ? 95  GLU A OE2 1 
ATOM   601  N  N   . ARG A 1 76  ? 0.098   13.561  5.268   1.00 14.74 ? 96  ARG A N   1 
ATOM   602  C  CA  . ARG A 1 76  ? -0.038  12.674  6.430   1.00 16.56 ? 96  ARG A CA  1 
ATOM   603  C  C   . ARG A 1 76  ? 0.575   11.307  6.131   1.00 14.75 ? 96  ARG A C   1 
ATOM   604  O  O   . ARG A 1 76  ? 1.296   10.777  6.977   1.00 14.28 ? 96  ARG A O   1 
ATOM   605  C  CB  . ARG A 1 76  ? -1.499  12.529  6.863   1.00 19.08 ? 96  ARG A CB  1 
ATOM   606  C  CG  . ARG A 1 76  ? -2.045  13.776  7.547   1.00 25.19 ? 96  ARG A CG  1 
ATOM   607  C  CD  . ARG A 1 76  ? -3.412  13.453  8.152   1.00 29.96 ? 96  ARG A CD  1 
ATOM   608  N  NE  . ARG A 1 76  ? -4.202  14.630  8.492   1.00 34.75 ? 96  ARG A NE  1 
ATOM   609  C  CZ  . ARG A 1 76  ? -3.853  15.673  9.235   1.00 35.82 ? 96  ARG A CZ  1 
ATOM   610  N  NH1 . ARG A 1 76  ? -2.643  15.788  9.779   1.00 34.19 ? 96  ARG A NH1 1 
ATOM   611  N  NH2 . ARG A 1 76  ? -4.813  16.590  9.370   1.00 36.74 ? 96  ARG A NH2 1 
ATOM   612  N  N   . ASP A 1 77  ? 0.371   10.791  4.924   1.00 14.12 ? 97  ASP A N   1 
ATOM   613  C  CA  . ASP A 1 77  ? 0.968   9.513   4.523   1.00 13.08 ? 97  ASP A CA  1 
ATOM   614  C  C   . ASP A 1 77  ? 2.494   9.603   4.554   1.00 13.78 ? 97  ASP A C   1 
ATOM   615  O  O   . ASP A 1 77  ? 3.143   8.682   5.067   1.00 13.19 ? 97  ASP A O   1 
ATOM   616  C  CB  . ASP A 1 77  ? 0.628   9.151   3.072   1.00 13.37 ? 97  ASP A CB  1 
ATOM   617  C  CG  . ASP A 1 77  ? -0.821  8.750   2.870   1.00 14.21 ? 97  ASP A CG  1 
ATOM   618  O  OD1 . ASP A 1 77  ? -1.545  8.453   3.848   1.00 15.50 ? 97  ASP A OD1 1 
ATOM   619  O  OD2 . ASP A 1 77  ? -1.264  8.784   1.702   1.00 14.89 ? 97  ASP A OD2 1 
ATOM   620  N  N   . ARG A 1 78  ? 3.067   10.723  4.085   1.00 13.36 ? 98  ARG A N   1 
ATOM   621  C  CA  . ARG A 1 78  ? 4.527   10.831  4.120   1.00 15.04 ? 98  ARG A CA  1 
ATOM   622  C  C   . ARG A 1 78  ? 5.078   10.782  5.535   1.00 13.73 ? 98  ARG A C   1 
ATOM   623  O  O   . ARG A 1 78  ? 6.142   10.191  5.750   1.00 13.30 ? 98  ARG A O   1 
ATOM   624  C  CB  . ARG A 1 78  ? 5.050   12.091  3.419   1.00 19.77 ? 98  ARG A CB  1 
ATOM   625  C  CG  . ARG A 1 78  ? 4.847   11.967  1.918   1.00 27.63 ? 98  ARG A CG  1 
ATOM   626  C  CD  . ARG A 1 78  ? 4.912   13.360  1.302   1.00 33.88 ? 98  ARG A CD  1 
ATOM   627  N  NE  . ARG A 1 78  ? 5.154   13.211  -0.127  1.00 40.17 ? 98  ARG A NE  1 
ATOM   628  C  CZ  . ARG A 1 78  ? 5.104   14.205  -1.010  1.00 41.82 ? 98  ARG A CZ  1 
ATOM   629  N  NH1 . ARG A 1 78  ? 4.818   15.432  -0.592  1.00 42.39 ? 98  ARG A NH1 1 
ATOM   630  N  NH2 . ARG A 1 78  ? 5.360   13.884  -2.271  1.00 44.10 ? 98  ARG A NH2 1 
ATOM   631  N  N   . ARG A 1 79  ? 4.434   11.476  6.469   1.00 12.56 ? 99  ARG A N   1 
ATOM   632  C  CA  . ARG A 1 79  ? 4.913   11.415  7.843   1.00 12.48 ? 99  ARG A CA  1 
ATOM   633  C  C   . ARG A 1 79  ? 4.723   10.026  8.464   1.00 13.38 ? 99  ARG A C   1 
ATOM   634  O  O   . ARG A 1 79  ? 5.642   9.589   9.164   1.00 12.91 ? 99  ARG A O   1 
ATOM   635  C  CB  . ARG A 1 79  ? 4.153   12.457  8.671   1.00 12.55 ? 99  ARG A CB  1 
ATOM   636  C  CG  . ARG A 1 79  ? 4.657   12.539  10.103  1.00 13.68 ? 99  ARG A CG  1 
ATOM   637  C  CD  . ARG A 1 79  ? 4.357   13.908  10.719  1.00 13.28 ? 99  ARG A CD  1 
ATOM   638  N  NE  . ARG A 1 79  ? 4.975   13.950  12.053  1.00 14.32 ? 99  ARG A NE  1 
ATOM   639  C  CZ  . ARG A 1 79  ? 4.455   13.605  13.218  1.00 12.00 ? 99  ARG A CZ  1 
ATOM   640  N  NH1 . ARG A 1 79  ? 3.224   13.129  13.368  1.00 14.76 ? 99  ARG A NH1 1 
ATOM   641  N  NH2 . ARG A 1 79  ? 5.160   13.722  14.343  1.00 12.87 ? 99  ARG A NH2 1 
ATOM   642  N  N   . ASP A 1 80  ? 3.601   9.354   8.222   1.00 11.20 ? 100 ASP A N   1 
ATOM   643  C  CA  . ASP A 1 80  ? 3.458   8.002   8.772   1.00 13.71 ? 100 ASP A CA  1 
ATOM   644  C  C   . ASP A 1 80  ? 4.578   7.089   8.247   1.00 13.00 ? 100 ASP A C   1 
ATOM   645  O  O   . ASP A 1 80  ? 5.185   6.324   9.001   1.00 11.45 ? 100 ASP A O   1 
ATOM   646  C  CB  . ASP A 1 80  ? 2.106   7.370   8.407   1.00 16.01 ? 100 ASP A CB  1 
ATOM   647  C  CG  . ASP A 1 80  ? 0.903   8.046   9.052   1.00 18.46 ? 100 ASP A CG  1 
ATOM   648  O  OD1 . ASP A 1 80  ? 1.028   8.629   10.142  1.00 19.66 ? 100 ASP A OD1 1 
ATOM   649  O  OD2 . ASP A 1 80  ? -0.187  8.010   8.454   1.00 19.54 ? 100 ASP A OD2 1 
ATOM   650  N  N   . ILE A 1 81  ? 4.866   7.124   6.955   1.00 10.39 ? 101 ILE A N   1 
ATOM   651  C  CA  . ILE A 1 81  ? 5.919   6.306   6.351   1.00 13.96 ? 101 ILE A CA  1 
ATOM   652  C  C   . ILE A 1 81  ? 7.283   6.661   6.914   1.00 13.79 ? 101 ILE A C   1 
ATOM   653  O  O   . ILE A 1 81  ? 8.080   5.801   7.300   1.00 13.13 ? 101 ILE A O   1 
ATOM   654  C  CB  . ILE A 1 81  ? 5.895   6.465   4.816   1.00 15.07 ? 101 ILE A CB  1 
ATOM   655  C  CG1 . ILE A 1 81  ? 4.642   5.770   4.278   1.00 18.63 ? 101 ILE A CG1 1 
ATOM   656  C  CG2 . ILE A 1 81  ? 7.152   5.853   4.205   1.00 16.77 ? 101 ILE A CG2 1 
ATOM   657  C  CD1 . ILE A 1 81  ? 4.275   6.227   2.877   1.00 20.38 ? 101 ILE A CD1 1 
ATOM   658  N  N   . SER A 1 82  ? 7.566   7.952   7.133   1.00 12.92 ? 102 SER A N   1 
ATOM   659  C  CA  . SER A 1 82  ? 8.848   8.265   7.760   1.00 13.00 ? 102 SER A CA  1 
ATOM   660  C  C   . SER A 1 82  ? 8.961   7.712   9.181   1.00 12.22 ? 102 SER A C   1 
ATOM   661  O  O   . SER A 1 82  ? 10.043  7.245   9.550   1.00 13.32 ? 102 SER A O   1 
ATOM   662  C  CB  . SER A 1 82  ? 8.940   9.801   7.833   1.00 15.40 ? 102 SER A CB  1 
ATOM   663  O  OG  . SER A 1 82  ? 9.240   10.160  6.485   1.00 24.28 ? 102 SER A OG  1 
ATOM   664  N  N   . ARG A 1 83  ? 7.913   7.851   9.983   1.00 10.50 ? 103 ARG A N   1 
ATOM   665  C  CA  . ARG A 1 83  ? 7.905   7.356   11.350  1.00 11.91 ? 103 ARG A CA  1 
ATOM   666  C  C   . ARG A 1 83  ? 8.065   5.834   11.355  1.00 13.33 ? 103 ARG A C   1 
ATOM   667  O  O   . ARG A 1 83  ? 8.812   5.331   12.196  1.00 12.20 ? 103 ARG A O   1 
ATOM   668  C  CB  . ARG A 1 83  ? 6.638   7.775   12.100  1.00 13.89 ? 103 ARG A CB  1 
ATOM   669  C  CG  . ARG A 1 83  ? 6.674   9.277   12.378  1.00 18.93 ? 103 ARG A CG  1 
ATOM   670  C  CD  . ARG A 1 83  ? 5.650   9.589   13.465  1.00 24.73 ? 103 ARG A CD  1 
ATOM   671  N  NE  . ARG A 1 83  ? 4.274   9.532   12.981  1.00 29.95 ? 103 ARG A NE  1 
ATOM   672  C  CZ  . ARG A 1 83  ? 3.265   9.389   13.850  1.00 31.70 ? 103 ARG A CZ  1 
ATOM   673  N  NH1 . ARG A 1 83  ? 3.499   9.273   15.148  1.00 33.84 ? 103 ARG A NH1 1 
ATOM   674  N  NH2 . ARG A 1 83  ? 2.012   9.351   13.417  1.00 33.54 ? 103 ARG A NH2 1 
ATOM   675  N  N   . LEU A 1 84  ? 7.399   5.142   10.441  1.00 12.71 ? 104 LEU A N   1 
ATOM   676  C  CA  . LEU A 1 84  ? 7.591   3.681   10.418  1.00 10.93 ? 104 LEU A CA  1 
ATOM   677  C  C   . LEU A 1 84  ? 9.037   3.271   10.152  1.00 12.52 ? 104 LEU A C   1 
ATOM   678  O  O   . LEU A 1 84  ? 9.592   2.331   10.737  1.00 13.14 ? 104 LEU A O   1 
ATOM   679  C  CB  . LEU A 1 84  ? 6.647   3.127   9.349   1.00 13.28 ? 104 LEU A CB  1 
ATOM   680  C  CG  . LEU A 1 84  ? 5.180   3.074   9.816   1.00 13.97 ? 104 LEU A CG  1 
ATOM   681  C  CD1 . LEU A 1 84  ? 4.238   2.914   8.639   1.00 13.09 ? 104 LEU A CD1 1 
ATOM   682  C  CD2 . LEU A 1 84  ? 5.022   1.916   10.803  1.00 15.62 ? 104 LEU A CD2 1 
ATOM   683  N  N   . GLN A 1 85  ? 9.647   3.897   9.147   1.00 10.93 ? 105 GLN A N   1 
ATOM   684  C  CA  . GLN A 1 85  ? 11.042  3.637   8.795   1.00 13.28 ? 105 GLN A CA  1 
ATOM   685  C  C   . GLN A 1 85  ? 12.011  4.001   9.911   1.00 15.19 ? 105 GLN A C   1 
ATOM   686  O  O   . GLN A 1 85  ? 12.980  3.260   10.135  1.00 15.80 ? 105 GLN A O   1 
ATOM   687  C  CB  . GLN A 1 85  ? 11.401  4.397   7.518   1.00 13.93 ? 105 GLN A CB  1 
ATOM   688  C  CG  . GLN A 1 85  ? 10.689  3.739   6.342   1.00 18.94 ? 105 GLN A CG  1 
ATOM   689  C  CD  . GLN A 1 85  ? 10.947  4.455   5.030   1.00 24.64 ? 105 GLN A CD  1 
ATOM   690  O  OE1 . GLN A 1 85  ? 10.928  3.800   3.991   1.00 27.43 ? 105 GLN A OE1 1 
ATOM   691  N  NE2 . GLN A 1 85  ? 11.135  5.771   5.087   1.00 23.96 ? 105 GLN A NE2 1 
ATOM   692  N  N   . GLU A 1 86  ? 11.751  5.081   10.646  1.00 15.03 ? 106 GLU A N   1 
ATOM   693  C  CA  . GLU A 1 86  ? 12.623  5.418   11.762  1.00 17.18 ? 106 GLU A CA  1 
ATOM   694  C  C   . GLU A 1 86  ? 12.556  4.338   12.845  1.00 17.45 ? 106 GLU A C   1 
ATOM   695  O  O   . GLU A 1 86  ? 13.521  4.051   13.559  1.00 17.77 ? 106 GLU A O   1 
ATOM   696  C  CB  . GLU A 1 86  ? 12.180  6.740   12.396  1.00 19.21 ? 106 GLU A CB  1 
ATOM   697  C  CG  . GLU A 1 86  ? 12.409  7.978   11.540  1.00 23.65 ? 106 GLU A CG  1 
ATOM   698  C  CD  . GLU A 1 86  ? 11.710  9.153   12.212  1.00 27.33 ? 106 GLU A CD  1 
ATOM   699  O  OE1 . GLU A 1 86  ? 11.220  9.115   13.363  1.00 30.53 ? 106 GLU A OE1 1 
ATOM   700  O  OE2 . GLU A 1 86  ? 11.624  10.204  11.556  1.00 31.93 ? 106 GLU A OE2 1 
ATOM   701  N  N   . LEU A 1 87  ? 11.397  3.694   12.972  1.00 14.87 ? 107 LEU A N   1 
ATOM   702  C  CA  . LEU A 1 87  ? 11.200  2.609   13.927  1.00 15.49 ? 107 LEU A CA  1 
ATOM   703  C  C   . LEU A 1 87  ? 11.767  1.283   13.422  1.00 17.92 ? 107 LEU A C   1 
ATOM   704  O  O   . LEU A 1 87  ? 11.605  0.295   14.150  1.00 19.65 ? 107 LEU A O   1 
ATOM   705  C  CB  . LEU A 1 87  ? 9.714   2.440   14.275  1.00 16.70 ? 107 LEU A CB  1 
ATOM   706  C  CG  . LEU A 1 87  ? 9.069   3.478   15.198  1.00 20.76 ? 107 LEU A CG  1 
ATOM   707  C  CD1 . LEU A 1 87  ? 7.547   3.328   15.198  1.00 20.96 ? 107 LEU A CD1 1 
ATOM   708  C  CD2 . LEU A 1 87  ? 9.595   3.380   16.619  1.00 22.31 ? 107 LEU A CD2 1 
ATOM   709  N  N   . GLY A 1 88  ? 12.255  1.212   12.191  1.00 15.33 ? 108 GLY A N   1 
ATOM   710  C  CA  . GLY A 1 88  ? 12.851  -0.031  11.714  1.00 16.18 ? 108 GLY A CA  1 
ATOM   711  C  C   . GLY A 1 88  ? 11.934  -0.894  10.875  1.00 16.52 ? 108 GLY A C   1 
ATOM   712  O  O   . GLY A 1 88  ? 12.352  -2.004  10.534  1.00 20.48 ? 108 GLY A O   1 
ATOM   713  N  N   . TRP A 1 89  ? 10.770  -0.390  10.464  1.00 13.16 ? 109 TRP A N   1 
ATOM   714  C  CA  . TRP A 1 89  ? 9.893   -1.143  9.593   1.00 13.85 ? 109 TRP A CA  1 
ATOM   715  C  C   . TRP A 1 89  ? 10.142  -0.880  8.115   1.00 15.82 ? 109 TRP A C   1 
ATOM   716  O  O   . TRP A 1 89  ? 10.436  0.261   7.757   1.00 15.74 ? 109 TRP A O   1 
ATOM   717  C  CB  . TRP A 1 89  ? 8.427   -0.764  9.901   1.00 13.86 ? 109 TRP A CB  1 
ATOM   718  C  CG  . TRP A 1 89  ? 8.045   -1.216  11.280  1.00 12.68 ? 109 TRP A CG  1 
ATOM   719  C  CD1 . TRP A 1 89  ? 8.128   -0.455  12.413  1.00 13.38 ? 109 TRP A CD1 1 
ATOM   720  C  CD2 . TRP A 1 89  ? 7.501   -2.477  11.688  1.00 14.58 ? 109 TRP A CD2 1 
ATOM   721  N  NE1 . TRP A 1 89  ? 7.701   -1.172  13.507  1.00 15.12 ? 109 TRP A NE1 1 
ATOM   722  C  CE2 . TRP A 1 89  ? 7.295   -2.413  13.076  1.00 15.08 ? 109 TRP A CE2 1 
ATOM   723  C  CE3 . TRP A 1 89  ? 7.165   -3.646  11.009  1.00 14.41 ? 109 TRP A CE3 1 
ATOM   724  C  CZ2 . TRP A 1 89  ? 6.801   -3.495  13.812  1.00 16.77 ? 109 TRP A CZ2 1 
ATOM   725  C  CZ3 . TRP A 1 89  ? 6.645   -4.721  11.720  1.00 14.27 ? 109 TRP A CZ3 1 
ATOM   726  C  CH2 . TRP A 1 89  ? 6.480   -4.618  13.103  1.00 15.25 ? 109 TRP A CH2 1 
ATOM   727  N  N   . ARG A 1 90  ? 10.004  -1.903  7.272   1.00 11.82 ? 110 ARG A N   1 
ATOM   728  C  CA  . ARG A 1 90  ? 10.065  -1.676  5.832   1.00 11.29 ? 110 ARG A CA  1 
ATOM   729  C  C   . ARG A 1 90  ? 8.606   -1.485  5.415   1.00 13.85 ? 110 ARG A C   1 
ATOM   730  O  O   . ARG A 1 90  ? 7.723   -2.120  6.003   1.00 15.42 ? 110 ARG A O   1 
ATOM   731  C  CB  . ARG A 1 90  ? 10.656  -2.900  5.118   1.00 13.90 ? 110 ARG A CB  1 
ATOM   732  C  CG  . ARG A 1 90  ? 12.030  -3.295  5.647   1.00 17.52 ? 110 ARG A CG  1 
ATOM   733  C  CD  . ARG A 1 90  ? 12.611  -4.406  4.774   1.00 18.16 ? 110 ARG A CD  1 
ATOM   734  N  NE  . ARG A 1 90  ? 11.961  -5.667  5.133   1.00 17.42 ? 110 ARG A NE  1 
ATOM   735  C  CZ  . ARG A 1 90  ? 11.298  -6.424  4.272   1.00 18.00 ? 110 ARG A CZ  1 
ATOM   736  N  NH1 . ARG A 1 90  ? 11.193  -6.114  2.987   1.00 18.02 ? 110 ARG A NH1 1 
ATOM   737  N  NH2 . ARG A 1 90  ? 10.731  -7.550  4.699   1.00 19.50 ? 110 ARG A NH2 1 
ATOM   738  N  N   . VAL A 1 91  ? 8.370   -0.664  4.396   1.00 11.38 ? 111 VAL A N   1 
ATOM   739  C  CA  . VAL A 1 91  ? 7.000   -0.322  4.026   1.00 11.99 ? 111 VAL A CA  1 
ATOM   740  C  C   . VAL A 1 91  ? 6.734   -0.673  2.569   1.00 12.51 ? 111 VAL A C   1 
ATOM   741  O  O   . VAL A 1 91  ? 7.536   -0.287  1.707   1.00 13.23 ? 111 VAL A O   1 
ATOM   742  C  CB  . VAL A 1 91  ? 6.758   1.200   4.207   1.00 11.89 ? 111 VAL A CB  1 
ATOM   743  C  CG1 . VAL A 1 91  ? 5.383   1.617   3.694   1.00 14.13 ? 111 VAL A CG1 1 
ATOM   744  C  CG2 . VAL A 1 91  ? 6.868   1.624   5.662   1.00 12.59 ? 111 VAL A CG2 1 
ATOM   745  N  N   . LEU A 1 92  ? 5.617   -1.350  2.326   1.00 11.37 ? 112 LEU A N   1 
ATOM   746  C  CA  . LEU A 1 92  ? 5.174   -1.601  0.966   1.00 11.15 ? 112 LEU A CA  1 
ATOM   747  C  C   . LEU A 1 92  ? 3.819   -0.929  0.767   1.00 12.49 ? 112 LEU A C   1 
ATOM   748  O  O   . LEU A 1 92  ? 2.918   -1.164  1.578   1.00 14.75 ? 112 LEU A O   1 
ATOM   749  C  CB  . LEU A 1 92  ? 4.961   -3.107  0.733   1.00 11.95 ? 112 LEU A CB  1 
ATOM   750  C  CG  . LEU A 1 92  ? 4.589   -3.525  -0.687  1.00 13.11 ? 112 LEU A CG  1 
ATOM   751  C  CD1 . LEU A 1 92  ? 5.700   -3.242  -1.695  1.00 14.79 ? 112 LEU A CD1 1 
ATOM   752  C  CD2 . LEU A 1 92  ? 4.297   -5.020  -0.724  1.00 14.73 ? 112 LEU A CD2 1 
ATOM   753  N  N   . ILE A 1 93  ? 3.615   -0.205  -0.331  1.00 11.04 ? 113 ILE A N   1 
ATOM   754  C  CA  . ILE A 1 93  ? 2.277   0.293   -0.634  1.00 11.69 ? 113 ILE A CA  1 
ATOM   755  C  C   . ILE A 1 93  ? 1.782   -0.471  -1.863  1.00 14.16 ? 113 ILE A C   1 
ATOM   756  O  O   . ILE A 1 93  ? 2.505   -0.540  -2.867  1.00 14.33 ? 113 ILE A O   1 
ATOM   757  C  CB  . ILE A 1 93  ? 2.261   1.784   -1.025  1.00 14.95 ? 113 ILE A CB  1 
ATOM   758  C  CG1 . ILE A 1 93  ? 2.766   2.623   0.159   1.00 17.56 ? 113 ILE A CG1 1 
ATOM   759  C  CG2 . ILE A 1 93  ? 0.885   2.232   -1.520  1.00 16.98 ? 113 ILE A CG2 1 
ATOM   760  C  CD1 . ILE A 1 93  ? 2.829   4.073   -0.295  1.00 19.41 ? 113 ILE A CD1 1 
ATOM   761  N  N   . VAL A 1 94  ? 0.610   -1.094  -1.771  1.00 12.26 ? 114 VAL A N   1 
ATOM   762  C  CA  . VAL A 1 94  ? 0.042   -1.769  -2.929  1.00 13.50 ? 114 VAL A CA  1 
ATOM   763  C  C   . VAL A 1 94  ? -1.125  -0.860  -3.325  1.00 13.98 ? 114 VAL A C   1 
ATOM   764  O  O   . VAL A 1 94  ? -2.117  -0.728  -2.606  1.00 15.07 ? 114 VAL A O   1 
ATOM   765  C  CB  . VAL A 1 94  ? -0.462  -3.189  -2.604  1.00 15.91 ? 114 VAL A CB  1 
ATOM   766  C  CG1 . VAL A 1 94  ? -0.979  -3.782  -3.892  1.00 16.51 ? 114 VAL A CG1 1 
ATOM   767  C  CG2 . VAL A 1 94  ? 0.652   -4.024  -1.958  1.00 14.46 ? 114 VAL A CG2 1 
ATOM   768  N  N   . TRP A 1 95  ? -1.000  -0.189  -4.468  1.00 13.26 ? 115 TRP A N   1 
ATOM   769  C  CA  . TRP A 1 95  ? -2.039  0.731   -4.920  1.00 14.37 ? 115 TRP A CA  1 
ATOM   770  C  C   . TRP A 1 95  ? -3.259  -0.024  -5.440  1.00 13.74 ? 115 TRP A C   1 
ATOM   771  O  O   . TRP A 1 95  ? -3.199  -1.132  -5.975  1.00 16.34 ? 115 TRP A O   1 
ATOM   772  C  CB  . TRP A 1 95  ? -1.407  1.571   -6.044  1.00 11.28 ? 115 TRP A CB  1 
ATOM   773  C  CG  . TRP A 1 95  ? -0.385  2.538   -5.513  1.00 12.20 ? 115 TRP A CG  1 
ATOM   774  C  CD1 . TRP A 1 95  ? 0.976   2.439   -5.548  1.00 12.65 ? 115 TRP A CD1 1 
ATOM   775  C  CD2 . TRP A 1 95  ? -0.726  3.784   -4.882  1.00 14.09 ? 115 TRP A CD2 1 
ATOM   776  N  NE1 . TRP A 1 95  ? 1.493   3.570   -4.950  1.00 13.88 ? 115 TRP A NE1 1 
ATOM   777  C  CE2 . TRP A 1 95  ? 0.486   4.404   -4.536  1.00 14.94 ? 115 TRP A CE2 1 
ATOM   778  C  CE3 . TRP A 1 95  ? -1.937  4.421   -4.560  1.00 13.70 ? 115 TRP A CE3 1 
ATOM   779  C  CZ2 . TRP A 1 95  ? 0.533   5.651   -3.912  1.00 15.90 ? 115 TRP A CZ2 1 
ATOM   780  C  CZ3 . TRP A 1 95  ? -1.923  5.665   -3.937  1.00 15.06 ? 115 TRP A CZ3 1 
ATOM   781  C  CH2 . TRP A 1 95  ? -0.678  6.224   -3.588  1.00 15.68 ? 115 TRP A CH2 1 
ATOM   782  N  N   . GLU A 1 96  ? -4.421  0.605   -5.341  1.00 14.00 ? 116 GLU A N   1 
ATOM   783  C  CA  . GLU A 1 96  ? -5.697  -0.002  -5.714  1.00 16.66 ? 116 GLU A CA  1 
ATOM   784  C  C   . GLU A 1 96  ? -5.759  -0.458  -7.163  1.00 17.26 ? 116 GLU A C   1 
ATOM   785  O  O   . GLU A 1 96  ? -6.301  -1.518  -7.508  1.00 18.80 ? 116 GLU A O   1 
ATOM   786  C  CB  . GLU A 1 96  ? -6.796  1.026   -5.414  1.00 17.21 ? 116 GLU A CB  1 
ATOM   787  C  CG  . GLU A 1 96  ? -8.187  0.622   -5.878  1.00 21.15 ? 116 GLU A CG  1 
ATOM   788  C  CD  . GLU A 1 96  ? -9.161  1.787   -5.761  1.00 24.56 ? 116 GLU A CD  1 
ATOM   789  O  OE1 . GLU A 1 96  ? -8.745  2.937   -5.513  1.00 21.60 ? 116 GLU A OE1 1 
ATOM   790  O  OE2 . GLU A 1 96  ? -10.370 1.565   -5.991  1.00 25.77 ? 116 GLU A OE2 1 
ATOM   791  N  N   . CYS A 1 97  ? -5.091  0.275   -8.041  1.00 16.24 ? 117 CYS A N   1 
ATOM   792  C  CA  . CYS A 1 97  ? -5.026  0.016   -9.474  1.00 16.21 ? 117 CYS A CA  1 
ATOM   793  C  C   . CYS A 1 97  ? -4.340  -1.328  -9.742  1.00 19.70 ? 117 CYS A C   1 
ATOM   794  O  O   . CYS A 1 97  ? -4.656  -1.941  -10.758 1.00 18.20 ? 117 CYS A O   1 
ATOM   795  C  CB  . CYS A 1 97  ? -4.368  1.158   -10.245 1.00 17.54 ? 117 CYS A CB  1 
ATOM   796  S  SG  . CYS A 1 97  ? -2.749  1.718   -9.701  1.00 16.97 ? 117 CYS A SG  1 
ATOM   797  N  N   . ALA A 1 98  ? -3.504  -1.827  -8.839  1.00 17.94 ? 118 ALA A N   1 
ATOM   798  C  CA  . ALA A 1 98  ? -2.858  -3.126  -8.982  1.00 19.00 ? 118 ALA A CA  1 
ATOM   799  C  C   . ALA A 1 98  ? -3.783  -4.238  -8.502  1.00 20.27 ? 118 ALA A C   1 
ATOM   800  O  O   . ALA A 1 98  ? -3.630  -5.431  -8.791  1.00 22.68 ? 118 ALA A O   1 
ATOM   801  C  CB  . ALA A 1 98  ? -1.572  -3.160  -8.165  1.00 19.47 ? 118 ALA A CB  1 
ATOM   802  N  N   . LEU A 1 99  ? -4.724  -3.894  -7.629  1.00 19.24 ? 119 LEU A N   1 
ATOM   803  C  CA  . LEU A 1 99  ? -5.575  -4.892  -6.989  1.00 21.83 ? 119 LEU A CA  1 
ATOM   804  C  C   . LEU A 1 99  ? -6.945  -5.062  -7.627  1.00 25.28 ? 119 LEU A C   1 
ATOM   805  O  O   . LEU A 1 99  ? -7.495  -6.158  -7.517  1.00 27.49 ? 119 LEU A O   1 
ATOM   806  C  CB  . LEU A 1 99  ? -5.827  -4.503  -5.530  1.00 22.03 ? 119 LEU A CB  1 
ATOM   807  C  CG  . LEU A 1 99  ? -4.595  -4.598  -4.621  1.00 22.50 ? 119 LEU A CG  1 
ATOM   808  C  CD1 . LEU A 1 99  ? -4.807  -3.751  -3.378  1.00 25.05 ? 119 LEU A CD1 1 
ATOM   809  C  CD2 . LEU A 1 99  ? -4.310  -6.066  -4.338  1.00 25.00 ? 119 LEU A CD2 1 
ATOM   810  N  N   . ARG A 1 100 ? -7.513  -4.011  -8.209  1.00 26.51 ? 120 ARG A N   1 
ATOM   811  C  CA  . ARG A 1 100 ? -8.876  -4.118  -8.723  1.00 30.32 ? 120 ARG A CA  1 
ATOM   812  C  C   . ARG A 1 100 ? -9.041  -3.293  -9.990  1.00 31.51 ? 120 ARG A C   1 
ATOM   813  O  O   . ARG A 1 100 ? -8.255  -2.399  -10.319 1.00 30.23 ? 120 ARG A O   1 
ATOM   814  C  CB  . ARG A 1 100 ? -9.876  -3.723  -7.628  1.00 33.69 ? 120 ARG A CB  1 
ATOM   815  C  CG  . ARG A 1 100 ? -9.961  -2.239  -7.318  1.00 36.11 ? 120 ARG A CG  1 
ATOM   816  C  CD  . ARG A 1 100 ? -10.797 -1.890  -6.091  1.00 39.03 ? 120 ARG A CD  1 
ATOM   817  N  NE  . ARG A 1 100 ? -12.227 -1.811  -6.368  1.00 40.26 ? 120 ARG A NE  1 
ATOM   818  C  CZ  . ARG A 1 100 ? -12.903 -0.771  -6.845  1.00 41.95 ? 120 ARG A CZ  1 
ATOM   819  N  NH1 . ARG A 1 100 ? -12.333 0.391   -7.147  1.00 41.79 ? 120 ARG A NH1 1 
ATOM   820  N  NH2 . ARG A 1 100 ? -14.212 -0.880  -7.052  1.00 41.49 ? 120 ARG A NH2 1 
ATOM   821  N  N   . GLY A 1 101 ? -10.072 -3.643  -10.752 1.00 34.11 ? 121 GLY A N   1 
ATOM   822  C  CA  . GLY A 1 101 ? -10.306 -2.912  -11.993 1.00 35.84 ? 121 GLY A CA  1 
ATOM   823  C  C   . GLY A 1 101 ? -9.599  -3.591  -13.161 1.00 38.85 ? 121 GLY A C   1 
ATOM   824  O  O   . GLY A 1 101 ? -8.954  -4.636  -13.095 1.00 39.54 ? 121 GLY A O   1 
ATOM   825  N  N   . ARG A 1 102 ? -9.699  -2.918  -14.298 1.00 41.11 ? 122 ARG A N   1 
ATOM   826  C  CA  . ARG A 1 102 ? -9.253  -3.317  -15.616 1.00 41.44 ? 122 ARG A CA  1 
ATOM   827  C  C   . ARG A 1 102 ? -7.791  -3.729  -15.747 1.00 42.15 ? 122 ARG A C   1 
ATOM   828  O  O   . ARG A 1 102 ? -7.486  -4.649  -16.506 1.00 43.07 ? 122 ARG A O   1 
ATOM   829  C  CB  . ARG A 1 102 ? -9.508  -2.139  -16.569 1.00 42.77 ? 122 ARG A CB  1 
ATOM   830  C  CG  . ARG A 1 102 ? -11.150 -1.823  -16.742 0.00 37.98 ? 122 ARG A CG  1 
ATOM   831  C  CD  . ARG A 1 102 ? -11.158 -0.573  -17.614 0.00 37.36 ? 122 ARG A CD  1 
ATOM   832  N  NE  . ARG A 1 102 ? -12.511 -0.127  -17.932 0.00 36.61 ? 122 ARG A NE  1 
ATOM   833  C  CZ  . ARG A 1 102 ? -12.795 0.939   -18.678 0.00 36.07 ? 122 ARG A CZ  1 
ATOM   834  N  NH1 . ARG A 1 102 ? -11.819 1.603   -19.281 0.00 35.52 ? 122 ARG A NH1 1 
ATOM   835  N  NH2 . ARG A 1 102 ? -14.050 1.342   -18.821 0.00 35.51 ? 122 ARG A NH2 1 
ATOM   836  N  N   . GLU A 1 103 ? -6.895  -3.008  -15.089 1.00 41.18 ? 123 GLU A N   1 
ATOM   837  C  CA  . GLU A 1 103 ? -5.468  -3.277  -15.237 1.00 40.92 ? 123 GLU A CA  1 
ATOM   838  C  C   . GLU A 1 103 ? -4.853  -4.018  -14.058 1.00 37.52 ? 123 GLU A C   1 
ATOM   839  O  O   . GLU A 1 103 ? -3.625  -4.015  -13.966 1.00 35.04 ? 123 GLU A O   1 
ATOM   840  C  CB  . GLU A 1 103 ? -4.730  -1.952  -15.436 1.00 44.66 ? 123 GLU A CB  1 
ATOM   841  C  CG  . GLU A 1 103 ? -5.284  -1.085  -16.555 1.00 49.55 ? 123 GLU A CG  1 
ATOM   842  C  CD  . GLU A 1 103 ? -4.666  -1.451  -17.892 1.00 52.11 ? 123 GLU A CD  1 
ATOM   843  O  OE1 . GLU A 1 103 ? -3.424  -1.615  -17.944 1.00 54.23 ? 123 GLU A OE1 1 
ATOM   844  O  OE2 . GLU A 1 103 ? -5.430  -1.574  -18.871 1.00 54.12 ? 123 GLU A OE2 1 
ATOM   845  N  N   . LYS A 1 104 ? -5.660  -4.636  -13.204 1.00 36.37 ? 124 LYS A N   1 
ATOM   846  C  CA  . LYS A 1 104 ? -5.136  -5.297  -12.016 1.00 34.52 ? 124 LYS A CA  1 
ATOM   847  C  C   . LYS A 1 104 ? -4.179  -6.449  -12.325 1.00 35.12 ? 124 LYS A C   1 
ATOM   848  O  O   . LYS A 1 104 ? -4.240  -7.018  -13.414 1.00 34.48 ? 124 LYS A O   1 
ATOM   849  C  CB  . LYS A 1 104 ? -6.317  -5.800  -11.184 1.00 33.90 ? 124 LYS A CB  1 
ATOM   850  C  CG  . LYS A 1 104 ? -7.087  -6.942  -11.824 1.00 35.63 ? 124 LYS A CG  1 
ATOM   851  C  CD  . LYS A 1 104 ? -8.264  -7.332  -10.937 1.00 37.43 ? 124 LYS A CD  1 
ATOM   852  C  CE  . LYS A 1 104 ? -9.274  -8.172  -11.695 1.00 39.87 ? 124 LYS A CE  1 
ATOM   853  N  NZ  . LYS A 1 104 ? -9.181  -9.596  -11.262 1.00 42.57 ? 124 LYS A NZ  1 
ATOM   854  N  N   . LEU A 1 105 ? -3.277  -6.735  -11.392 1.00 32.64 ? 125 LEU A N   1 
ATOM   855  C  CA  . LEU A 1 105 ? -2.318  -7.817  -11.592 1.00 32.36 ? 125 LEU A CA  1 
ATOM   856  C  C   . LEU A 1 105 ? -3.005  -9.160  -11.361 1.00 31.91 ? 125 LEU A C   1 
ATOM   857  O  O   . LEU A 1 105 ? -3.917  -9.295  -10.541 1.00 31.61 ? 125 LEU A O   1 
ATOM   858  C  CB  . LEU A 1 105 ? -1.124  -7.753  -10.643 1.00 31.61 ? 125 LEU A CB  1 
ATOM   859  C  CG  . LEU A 1 105 ? -0.284  -6.482  -10.519 1.00 33.43 ? 125 LEU A CG  1 
ATOM   860  C  CD1 . LEU A 1 105 ? 0.898   -6.735  -9.592  1.00 33.22 ? 125 LEU A CD1 1 
ATOM   861  C  CD2 . LEU A 1 105 ? 0.198   -5.945  -11.855 1.00 33.91 ? 125 LEU A CD2 1 
ATOM   862  N  N   . THR A 1 106 ? -2.447  -10.188 -12.001 1.00 33.55 ? 126 THR A N   1 
ATOM   863  C  CA  . THR A 1 106 ? -2.973  -11.522 -11.720 1.00 34.21 ? 126 THR A CA  1 
ATOM   864  C  C   . THR A 1 106 ? -2.488  -11.907 -10.332 1.00 35.14 ? 126 THR A C   1 
ATOM   865  O  O   . THR A 1 106 ? -1.467  -11.382 -9.891  1.00 34.15 ? 126 THR A O   1 
ATOM   866  C  CB  . THR A 1 106 ? -2.430  -12.541 -12.740 1.00 34.67 ? 126 THR A CB  1 
ATOM   867  O  OG1 . THR A 1 106 ? -0.994  -12.470 -12.756 1.00 34.57 ? 126 THR A OG1 1 
ATOM   868  C  CG2 . THR A 1 106 ? -2.961  -12.153 -14.108 1.00 34.51 ? 126 THR A CG2 1 
ATOM   869  N  N   . ASP A 1 107 ? -3.160  -12.889 -9.737  1.00 37.66 ? 127 ASP A N   1 
ATOM   870  C  CA  . ASP A 1 107 ? -2.741  -13.454 -8.465  1.00 39.55 ? 127 ASP A CA  1 
ATOM   871  C  C   . ASP A 1 107 ? -1.288  -13.930 -8.555  1.00 38.65 ? 127 ASP A C   1 
ATOM   872  O  O   . ASP A 1 107 ? -0.528  -13.733 -7.613  1.00 36.94 ? 127 ASP A O   1 
ATOM   873  C  CB  . ASP A 1 107 ? -3.598  -14.652 -8.054  1.00 43.15 ? 127 ASP A CB  1 
ATOM   874  C  CG  . ASP A 1 107 ? -5.026  -14.291 -7.677  1.00 46.01 ? 127 ASP A CG  1 
ATOM   875  O  OD1 . ASP A 1 107 ? -5.301  -13.477 -6.771  1.00 45.96 ? 127 ASP A OD1 1 
ATOM   876  O  OD2 . ASP A 1 107 ? -5.901  -14.879 -8.346  1.00 48.78 ? 127 ASP A OD2 1 
ATOM   877  N  N   . GLU A 1 108 ? -0.902  -14.553 -9.662  1.00 38.20 ? 128 GLU A N   1 
ATOM   878  C  CA  . GLU A 1 108 ? 0.458   -15.033 -9.888  1.00 38.65 ? 128 GLU A CA  1 
ATOM   879  C  C   . GLU A 1 108 ? 1.505   -13.927 -9.882  1.00 35.15 ? 128 GLU A C   1 
ATOM   880  O  O   . GLU A 1 108 ? 2.497   -14.041 -9.170  1.00 33.40 ? 128 GLU A O   1 
ATOM   881  C  CB  . GLU A 1 108 ? 0.544   -15.756 -11.234 1.00 42.18 ? 128 GLU A CB  1 
ATOM   882  C  CG  . GLU A 1 108 ? -0.563  -16.790 -11.390 1.00 45.82 ? 128 GLU A CG  1 
ATOM   883  C  CD  . GLU A 1 108 ? -1.792  -16.229 -12.087 1.00 47.47 ? 128 GLU A CD  1 
ATOM   884  O  OE1 . GLU A 1 108 ? -1.695  -15.846 -13.273 1.00 49.52 ? 128 GLU A OE1 1 
ATOM   885  O  OE2 . GLU A 1 108 ? -2.856  -16.181 -11.426 1.00 48.10 ? 128 GLU A OE2 1 
ATOM   886  N  N   . ALA A 1 109 ? 1.311   -12.854 -10.642 1.00 33.66 ? 129 ALA A N   1 
ATOM   887  C  CA  . ALA A 1 109 ? 2.231   -11.720 -10.654 1.00 31.47 ? 129 ALA A CA  1 
ATOM   888  C  C   . ALA A 1 109 ? 2.281   -11.030 -9.290  1.00 29.74 ? 129 ALA A C   1 
ATOM   889  O  O   . ALA A 1 109 ? 3.348   -10.686 -8.779  1.00 27.59 ? 129 ALA A O   1 
ATOM   890  C  CB  . ALA A 1 109 ? 1.737   -10.713 -11.683 1.00 31.06 ? 129 ALA A CB  1 
ATOM   891  N  N   . LEU A 1 110 ? 1.102   -10.849 -8.694  1.00 28.22 ? 130 LEU A N   1 
ATOM   892  C  CA  . LEU A 1 110 ? 1.025   -10.207 -7.383  1.00 27.54 ? 130 LEU A CA  1 
ATOM   893  C  C   . LEU A 1 110 ? 1.702   -11.052 -6.312  1.00 27.17 ? 130 LEU A C   1 
ATOM   894  O  O   . LEU A 1 110 ? 2.554   -10.619 -5.548  1.00 25.69 ? 130 LEU A O   1 
ATOM   895  C  CB  . LEU A 1 110 ? -0.427  -9.910  -7.002  1.00 26.93 ? 130 LEU A CB  1 
ATOM   896  C  CG  . LEU A 1 110 ? -0.662  -9.102  -5.731  1.00 29.25 ? 130 LEU A CG  1 
ATOM   897  C  CD1 . LEU A 1 110 ? 0.085   -7.779  -5.846  1.00 28.76 ? 130 LEU A CD1 1 
ATOM   898  C  CD2 . LEU A 1 110 ? -2.159  -8.884  -5.533  1.00 28.64 ? 130 LEU A CD2 1 
ATOM   899  N  N   . THR A 1 111 ? 1.445   -12.356 -6.308  1.00 27.87 ? 131 THR A N   1 
ATOM   900  C  CA  . THR A 1 111 ? 2.098   -13.289 -5.398  1.00 26.89 ? 131 THR A CA  1 
ATOM   901  C  C   . THR A 1 111 ? 3.619   -13.265 -5.520  1.00 24.88 ? 131 THR A C   1 
ATOM   902  O  O   . THR A 1 111 ? 4.330   -13.313 -4.518  1.00 22.67 ? 131 THR A O   1 
ATOM   903  C  CB  . THR A 1 111 ? 1.601   -14.717 -5.710  1.00 30.39 ? 131 THR A CB  1 
ATOM   904  O  OG1 . THR A 1 111 ? 0.167   -14.718 -5.571  1.00 33.71 ? 131 THR A OG1 1 
ATOM   905  C  CG2 . THR A 1 111 ? 2.194   -15.735 -4.750  1.00 31.27 ? 131 THR A CG2 1 
ATOM   906  N  N   . GLU A 1 112 ? 4.138   -13.254 -6.743  1.00 24.87 ? 132 GLU A N   1 
ATOM   907  C  CA  . GLU A 1 112 ? 5.591   -13.265 -6.927  1.00 26.09 ? 132 GLU A CA  1 
ATOM   908  C  C   . GLU A 1 112 ? 6.269   -11.984 -6.455  1.00 25.24 ? 132 GLU A C   1 
ATOM   909  O  O   . GLU A 1 112 ? 7.346   -12.019 -5.856  1.00 24.29 ? 132 GLU A O   1 
ATOM   910  C  CB  . GLU A 1 112 ? 5.942   -13.533 -8.391  1.00 30.62 ? 132 GLU A CB  1 
ATOM   911  C  CG  . GLU A 1 112 ? 6.329   -15.011 -8.446  1.00 35.20 ? 132 GLU A CG  1 
ATOM   912  C  CD  . GLU A 1 112 ? 6.654   -15.433 -9.866  1.00 38.80 ? 132 GLU A CD  1 
ATOM   913  O  OE1 . GLU A 1 112 ? 7.458   -14.732 -10.523 1.00 39.48 ? 132 GLU A OE1 1 
ATOM   914  O  OE2 . GLU A 1 112 ? 6.026   -16.456 -10.216 1.00 42.98 ? 132 GLU A OE2 1 
ATOM   915  N  N   . ARG A 1 113 ? 5.588   -10.864 -6.696  1.00 24.37 ? 133 ARG A N   1 
ATOM   916  C  CA  . ARG A 1 113 ? 6.189   -9.622  -6.199  1.00 24.49 ? 133 ARG A CA  1 
ATOM   917  C  C   . ARG A 1 113 ? 6.163   -9.616  -4.677  1.00 21.53 ? 133 ARG A C   1 
ATOM   918  O  O   . ARG A 1 113 ? 7.130   -9.160  -4.062  1.00 21.10 ? 133 ARG A O   1 
ATOM   919  C  CB  . ARG A 1 113 ? 5.457   -8.409  -6.768  1.00 27.31 ? 133 ARG A CB  1 
ATOM   920  C  CG  . ARG A 1 113 ? 5.487   -8.190  -8.268  1.00 32.38 ? 133 ARG A CG  1 
ATOM   921  C  CD  . ARG A 1 113 ? 6.912   -8.062  -8.797  1.00 36.18 ? 133 ARG A CD  1 
ATOM   922  N  NE  . ARG A 1 113 ? 7.622   -9.340  -8.768  1.00 39.54 ? 133 ARG A NE  1 
ATOM   923  C  CZ  . ARG A 1 113 ? 8.856   -9.566  -8.314  1.00 41.13 ? 133 ARG A CZ  1 
ATOM   924  N  NH1 . ARG A 1 113 ? 9.559   -8.545  -7.833  1.00 41.62 ? 133 ARG A NH1 1 
ATOM   925  N  NH2 . ARG A 1 113 ? 9.364   -10.799 -8.318  1.00 39.39 ? 133 ARG A NH2 1 
ATOM   926  N  N   . LEU A 1 114 ? 5.110   -10.135 -4.042  1.00 20.23 ? 134 LEU A N   1 
ATOM   927  C  CA  . LEU A 1 114 ? 5.047   -10.151 -2.591  1.00 21.14 ? 134 LEU A CA  1 
ATOM   928  C  C   . LEU A 1 114 ? 6.088   -11.070 -1.957  1.00 20.93 ? 134 LEU A C   1 
ATOM   929  O  O   . LEU A 1 114 ? 6.743   -10.807 -0.947  1.00 20.04 ? 134 LEU A O   1 
ATOM   930  C  CB  . LEU A 1 114 ? 3.642   -10.576 -2.141  1.00 23.11 ? 134 LEU A CB  1 
ATOM   931  C  CG  . LEU A 1 114 ? 2.566   -9.489  -2.192  1.00 24.14 ? 134 LEU A CG  1 
ATOM   932  C  CD1 . LEU A 1 114 ? 1.198   -10.138 -1.984  1.00 25.45 ? 134 LEU A CD1 1 
ATOM   933  C  CD2 . LEU A 1 114 ? 2.817   -8.425  -1.138  1.00 25.14 ? 134 LEU A CD2 1 
ATOM   934  N  N   . GLU A 1 115 ? 6.253   -12.229 -2.599  1.00 20.65 ? 135 GLU A N   1 
ATOM   935  C  CA  . GLU A 1 115 ? 7.233   -13.202 -2.111  1.00 21.83 ? 135 GLU A CA  1 
ATOM   936  C  C   . GLU A 1 115 ? 8.645   -12.624 -2.138  1.00 19.68 ? 135 GLU A C   1 
ATOM   937  O  O   . GLU A 1 115 ? 9.342   -12.682 -1.128  1.00 21.11 ? 135 GLU A O   1 
ATOM   938  C  CB  . GLU A 1 115 ? 7.217   -14.441 -3.015  1.00 24.62 ? 135 GLU A CB  1 
ATOM   939  C  CG  . GLU A 1 115 ? 5.919   -15.229 -2.899  1.00 28.06 ? 135 GLU A CG  1 
ATOM   940  C  CD  . GLU A 1 115 ? 5.787   -16.305 -3.955  1.00 28.88 ? 135 GLU A CD  1 
ATOM   941  O  OE1 . GLU A 1 115 ? 6.489   -16.285 -4.988  1.00 28.23 ? 135 GLU A OE1 1 
ATOM   942  O  OE2 . GLU A 1 115 ? 4.986   -17.245 -3.765  1.00 32.48 ? 135 GLU A OE2 1 
ATOM   943  N  N   . GLU A 1 116 ? 9.052   -12.023 -3.258  1.00 17.91 ? 136 GLU A N   1 
ATOM   944  C  CA  . GLU A 1 116 ? 10.403  -11.477 -3.359  1.00 17.53 ? 136 GLU A CA  1 
ATOM   945  C  C   . GLU A 1 116 ? 10.597  -10.317 -2.396  1.00 18.14 ? 136 GLU A C   1 
ATOM   946  O  O   . GLU A 1 116 ? 11.640  -10.247 -1.756  1.00 19.48 ? 136 GLU A O   1 
ATOM   947  C  CB  . GLU A 1 116 ? 10.786  -11.002 -4.774  1.00 21.25 ? 136 GLU A CB  1 
ATOM   948  C  CG  . GLU A 1 116 ? 12.212  -10.462 -4.815  1.00 24.32 ? 136 GLU A CG  1 
ATOM   949  C  CD  . GLU A 1 116 ? 12.913  -10.102 -6.111  1.00 26.32 ? 136 GLU A CD  1 
ATOM   950  O  OE1 . GLU A 1 116 ? 12.196  -10.024 -7.128  1.00 27.26 ? 136 GLU A OE1 1 
ATOM   951  O  OE2 . GLU A 1 116 ? 14.144  -9.830  -6.100  1.00 28.08 ? 136 GLU A OE2 1 
ATOM   952  N  N   . TRP A 1 117 ? 9.608   -9.421  -2.257  1.00 19.22 ? 137 TRP A N   1 
ATOM   953  C  CA  . TRP A 1 117 ? 9.791   -8.246  -1.411  1.00 16.33 ? 137 TRP A CA  1 
ATOM   954  C  C   . TRP A 1 117 ? 9.785   -8.580  0.072   1.00 15.89 ? 137 TRP A C   1 
ATOM   955  O  O   . TRP A 1 117 ? 10.675  -8.157  0.807   1.00 14.85 ? 137 TRP A O   1 
ATOM   956  C  CB  . TRP A 1 117 ? 8.705   -7.199  -1.712  1.00 15.53 ? 137 TRP A CB  1 
ATOM   957  C  CG  . TRP A 1 117 ? 8.965   -5.949  -0.921  1.00 16.79 ? 137 TRP A CG  1 
ATOM   958  C  CD1 . TRP A 1 117 ? 9.769   -4.925  -1.345  1.00 16.36 ? 137 TRP A CD1 1 
ATOM   959  C  CD2 . TRP A 1 117 ? 8.440   -5.569  0.349   1.00 14.87 ? 137 TRP A CD2 1 
ATOM   960  N  NE1 . TRP A 1 117 ? 9.803   -3.942  -0.387  1.00 16.39 ? 137 TRP A NE1 1 
ATOM   961  C  CE2 . TRP A 1 117 ? 8.988   -4.306  0.653   1.00 16.53 ? 137 TRP A CE2 1 
ATOM   962  C  CE3 . TRP A 1 117 ? 7.591   -6.159  1.285   1.00 17.53 ? 137 TRP A CE3 1 
ATOM   963  C  CZ2 . TRP A 1 117 ? 8.690   -3.659  1.843   1.00 15.76 ? 137 TRP A CZ2 1 
ATOM   964  C  CZ3 . TRP A 1 117 ? 7.267   -5.499  2.456   1.00 18.87 ? 137 TRP A CZ3 1 
ATOM   965  C  CH2 . TRP A 1 117 ? 7.835   -4.248  2.733   1.00 17.13 ? 137 TRP A CH2 1 
ATOM   966  N  N   . ILE A 1 118 ? 8.836   -9.398  0.531   1.00 16.45 ? 138 ILE A N   1 
ATOM   967  C  CA  . ILE A 1 118 ? 8.791   -9.766  1.944   1.00 16.95 ? 138 ILE A CA  1 
ATOM   968  C  C   . ILE A 1 118 ? 10.002  -10.600 2.354   1.00 18.04 ? 138 ILE A C   1 
ATOM   969  O  O   . ILE A 1 118 ? 10.709  -10.247 3.300   1.00 17.74 ? 138 ILE A O   1 
ATOM   970  C  CB  . ILE A 1 118 ? 7.472   -10.469 2.324   1.00 17.96 ? 138 ILE A CB  1 
ATOM   971  C  CG1 . ILE A 1 118 ? 6.264   -9.556  2.081   1.00 16.80 ? 138 ILE A CG1 1 
ATOM   972  C  CG2 . ILE A 1 118 ? 7.489   -11.004 3.752   1.00 18.07 ? 138 ILE A CG2 1 
ATOM   973  C  CD1 . ILE A 1 118 ? 4.896   -10.209 2.031   1.00 18.72 ? 138 ILE A CD1 1 
ATOM   974  N  N   . CYS A 1 119 ? 10.147  -11.765 1.728   1.00 19.58 ? 139 CYS A N   1 
ATOM   975  C  CA  . CYS A 1 119 ? 11.179  -12.718 2.122   1.00 20.32 ? 139 CYS A CA  1 
ATOM   976  C  C   . CYS A 1 119 ? 12.574  -12.332 1.645   1.00 19.64 ? 139 CYS A C   1 
ATOM   977  O  O   . CYS A 1 119 ? 13.526  -12.742 2.309   1.00 19.97 ? 139 CYS A O   1 
ATOM   978  C  CB  . CYS A 1 119 ? 10.747  -14.137 1.729   1.00 20.86 ? 139 CYS A CB  1 
ATOM   979  S  SG  . CYS A 1 119 ? 9.321   -14.700 2.710   1.00 29.12 ? 139 CYS A SG  1 
ATOM   980  N  N   . GLY A 1 120 ? 12.739  -11.558 0.574   1.00 17.83 ? 140 GLY A N   1 
ATOM   981  C  CA  . GLY A 1 120 ? 14.053  -11.107 0.139   1.00 19.01 ? 140 GLY A CA  1 
ATOM   982  C  C   . GLY A 1 120 ? 14.473  -9.818  0.833   1.00 21.37 ? 140 GLY A C   1 
ATOM   983  O  O   . GLY A 1 120 ? 15.531  -9.268  0.532   1.00 21.04 ? 140 GLY A O   1 
ATOM   984  N  N   . GLU A 1 121 ? 13.689  -9.325  1.794   1.00 22.80 ? 141 GLU A N   1 
ATOM   985  C  CA  . GLU A 1 121 ? 14.045  -8.130  2.543   1.00 23.93 ? 141 GLU A CA  1 
ATOM   986  C  C   . GLU A 1 121 ? 14.280  -6.911  1.657   1.00 21.33 ? 141 GLU A C   1 
ATOM   987  O  O   . GLU A 1 121 ? 15.219  -6.147  1.872   1.00 21.46 ? 141 GLU A O   1 
ATOM   988  C  CB  . GLU A 1 121 ? 15.316  -8.390  3.366   1.00 28.34 ? 141 GLU A CB  1 
ATOM   989  C  CG  . GLU A 1 121 ? 15.091  -9.623  4.243   1.00 34.22 ? 141 GLU A CG  1 
ATOM   990  C  CD  . GLU A 1 121 ? 15.473  -9.367  5.684   1.00 37.90 ? 141 GLU A CD  1 
ATOM   991  O  OE1 . GLU A 1 121 ? 16.665  -9.117  5.960   1.00 40.28 ? 141 GLU A OE1 1 
ATOM   992  O  OE2 . GLU A 1 121 ? 14.561  -9.398  6.539   1.00 41.15 ? 141 GLU A OE2 1 
ATOM   993  N  N   . GLY A 1 122 ? 13.395  -6.652  0.706   1.00 21.25 ? 142 GLY A N   1 
ATOM   994  C  CA  . GLY A 1 122 ? 13.526  -5.525  -0.206  1.00 19.09 ? 142 GLY A CA  1 
ATOM   995  C  C   . GLY A 1 122 ? 13.318  -4.187  0.497   1.00 20.67 ? 142 GLY A C   1 
ATOM   996  O  O   . GLY A 1 122 ? 12.701  -4.135  1.557   1.00 18.14 ? 142 GLY A O   1 
ATOM   997  N  N   . ALA A 1 123 ? 13.927  -3.129  -0.038  1.00 18.88 ? 143 ALA A N   1 
ATOM   998  C  CA  . ALA A 1 123 ? 13.777  -1.803  0.546   1.00 18.45 ? 143 ALA A CA  1 
ATOM   999  C  C   . ALA A 1 123 ? 12.323  -1.337  0.391   1.00 17.44 ? 143 ALA A C   1 
ATOM   1000 O  O   . ALA A 1 123 ? 11.661  -1.875  -0.497  1.00 16.66 ? 143 ALA A O   1 
ATOM   1001 C  CB  . ALA A 1 123 ? 14.694  -0.893  -0.277  1.00 22.19 ? 143 ALA A CB  1 
ATOM   1002 N  N   . SER A 1 124 ? 11.880  -0.352  1.176   1.00 15.26 ? 144 SER A N   1 
ATOM   1003 C  CA  . SER A 1 124 ? 10.512  0.149   1.027   1.00 13.85 ? 144 SER A CA  1 
ATOM   1004 C  C   . SER A 1 124 ? 10.166  0.455   -0.422  1.00 14.94 ? 144 SER A C   1 
ATOM   1005 O  O   . SER A 1 124 ? 10.919  1.093   -1.177  1.00 15.25 ? 144 SER A O   1 
ATOM   1006 C  CB  . SER A 1 124 ? 10.335  1.408   1.892   1.00 15.08 ? 144 SER A CB  1 
ATOM   1007 O  OG  . SER A 1 124 ? 10.494  1.075   3.269   1.00 16.29 ? 144 SER A OG  1 
ATOM   1008 N  N   . ALA A 1 125 ? 8.950   0.111   -0.832  1.00 12.62 ? 145 ALA A N   1 
ATOM   1009 C  CA  . ALA A 1 125 ? 8.593   0.179   -2.245  1.00 12.77 ? 145 ALA A CA  1 
ATOM   1010 C  C   . ALA A 1 125 ? 7.088   0.289   -2.442  1.00 14.58 ? 145 ALA A C   1 
ATOM   1011 O  O   . ALA A 1 125 ? 6.335   0.305   -1.463  1.00 13.03 ? 145 ALA A O   1 
ATOM   1012 C  CB  . ALA A 1 125 ? 9.062   -1.127  -2.894  1.00 15.57 ? 145 ALA A CB  1 
ATOM   1013 N  N   . GLN A 1 126 ? 6.695   0.383   -3.709  1.00 14.84 ? 146 GLN A N   1 
ATOM   1014 C  CA  . GLN A 1 126 ? 5.259   0.491   -3.974  1.00 15.30 ? 146 GLN A CA  1 
ATOM   1015 C  C   . GLN A 1 126 ? 4.986   -0.313  -5.241  1.00 16.66 ? 146 GLN A C   1 
ATOM   1016 O  O   . GLN A 1 126 ? 5.880   -0.378  -6.091  1.00 16.21 ? 146 GLN A O   1 
ATOM   1017 C  CB  . GLN A 1 126 ? 4.805   1.946   -4.113  1.00 16.11 ? 146 GLN A CB  1 
ATOM   1018 C  CG  . GLN A 1 126 ? 5.468   2.693   -5.265  1.00 18.68 ? 146 GLN A CG  1 
ATOM   1019 C  CD  . GLN A 1 126 ? 5.247   4.194   -5.206  1.00 21.12 ? 146 GLN A CD  1 
ATOM   1020 O  OE1 . GLN A 1 126 ? 4.153   4.689   -4.906  1.00 23.07 ? 146 GLN A OE1 1 
ATOM   1021 N  NE2 . GLN A 1 126 ? 6.338   4.921   -5.434  1.00 24.72 ? 146 GLN A NE2 1 
ATOM   1022 N  N   . ILE A 1 127 ? 3.822   -0.960  -5.262  1.00 15.27 ? 147 ILE A N   1 
ATOM   1023 C  CA  . ILE A 1 127 ? 3.457   -1.772  -6.416  1.00 16.38 ? 147 ILE A CA  1 
ATOM   1024 C  C   . ILE A 1 127 ? 2.284   -1.141  -7.165  1.00 16.58 ? 147 ILE A C   1 
ATOM   1025 O  O   . ILE A 1 127 ? 1.260   -0.828  -6.541  1.00 14.49 ? 147 ILE A O   1 
ATOM   1026 C  CB  . ILE A 1 127 ? 3.051   -3.192  -5.969  1.00 17.20 ? 147 ILE A CB  1 
ATOM   1027 C  CG1 . ILE A 1 127 ? 4.296   -3.920  -5.429  1.00 20.11 ? 147 ILE A CG1 1 
ATOM   1028 C  CG2 . ILE A 1 127 ? 2.515   -3.933  -7.184  1.00 18.12 ? 147 ILE A CG2 1 
ATOM   1029 C  CD1 . ILE A 1 127 ? 3.966   -5.219  -4.712  1.00 18.41 ? 147 ILE A CD1 1 
ATOM   1030 N  N   . ASP A 1 128 ? 2.400   -0.943  -8.477  1.00 15.69 ? 148 ASP A N   1 
ATOM   1031 C  CA  . ASP A 1 128 ? 1.256   -0.476  -9.250  1.00 18.25 ? 148 ASP A CA  1 
ATOM   1032 C  C   . ASP A 1 128 ? 1.080   -1.334  -10.497 1.00 20.12 ? 148 ASP A C   1 
ATOM   1033 O  O   . ASP A 1 128 ? 1.639   -2.435  -10.479 1.00 20.55 ? 148 ASP A O   1 
ATOM   1034 C  CB  . ASP A 1 128 ? 1.396   0.994   -9.632  1.00 19.72 ? 148 ASP A CB  1 
ATOM   1035 C  CG  . ASP A 1 128 ? 2.669   1.287   -10.403 1.00 21.72 ? 148 ASP A CG  1 
ATOM   1036 O  OD1 . ASP A 1 128 ? 3.266   0.417   -11.075 1.00 21.02 ? 148 ASP A OD1 1 
ATOM   1037 O  OD2 . ASP A 1 128 ? 3.006   2.483   -10.269 1.00 23.37 ? 148 ASP A OD2 1 
ATOM   1038 N  N   . THR A 1 129 ? 0.347   -0.889  -11.508 1.00 21.81 ? 149 THR A N   1 
ATOM   1039 C  CA  . THR A 1 129 ? 0.112   -1.724  -12.675 1.00 24.11 ? 149 THR A CA  1 
ATOM   1040 C  C   . THR A 1 129 ? 1.382   -1.971  -13.489 1.00 26.36 ? 149 THR A C   1 
ATOM   1041 O  O   . THR A 1 129 ? 1.362   -2.866  -14.334 1.00 27.68 ? 149 THR A O   1 
ATOM   1042 C  CB  . THR A 1 129 ? -0.984  -1.143  -13.597 1.00 26.22 ? 149 THR A CB  1 
ATOM   1043 O  OG1 . THR A 1 129 ? -0.667  0.200   -13.988 1.00 26.07 ? 149 THR A OG1 1 
ATOM   1044 C  CG2 . THR A 1 129 ? -2.329  -1.106  -12.875 1.00 25.40 ? 149 THR A CG2 1 
ATOM   1045 N  N   . GLN A 1 130 ? 2.437   -1.196  -13.304 1.00 25.78 ? 150 GLN A N   1 
ATOM   1046 C  CA  . GLN A 1 130 ? 3.710   -1.293  -14.013 1.00 32.02 ? 150 GLN A CA  1 
ATOM   1047 C  C   . GLN A 1 130 ? 4.796   -2.055  -13.261 1.00 33.27 ? 150 GLN A C   1 
ATOM   1048 O  O   . GLN A 1 130 ? 5.953   -2.117  -13.703 1.00 37.60 ? 150 GLN A O   1 
ATOM   1049 C  CB  . GLN A 1 130 ? 4.238   0.128   -14.220 1.00 35.47 ? 150 GLN A CB  1 
ATOM   1050 C  CG  . GLN A 1 130 ? 3.839   0.834   -15.503 1.00 41.48 ? 150 GLN A CG  1 
ATOM   1051 C  CD  . GLN A 1 130 ? 2.460   1.466   -15.401 1.00 45.51 ? 150 GLN A CD  1 
ATOM   1052 O  OE1 . GLN A 1 130 ? 1.525   0.980   -16.041 1.00 48.37 ? 150 GLN A OE1 1 
ATOM   1053 N  NE2 . GLN A 1 130 ? 2.346   2.524   -14.606 1.00 47.37 ? 150 GLN A NE2 1 
ATOM   1054 N  N   . GLY A 1 131 ? 4.503   -2.586  -12.083 1.00 29.45 ? 151 GLY A N   1 
ATOM   1055 C  CA  . GLY A 1 131 ? 5.515   -3.343  -11.349 1.00 29.24 ? 151 GLY A CA  1 
ATOM   1056 C  C   . GLY A 1 131 ? 5.830   -2.736  -9.989  1.00 25.52 ? 151 GLY A C   1 
ATOM   1057 O  O   . GLY A 1 131 ? 4.999   -2.036  -9.405  1.00 23.27 ? 151 GLY A O   1 
ATOM   1058 N  N   . ILE A 1 132 ? 7.036   -3.025  -9.507  1.00 24.97 ? 152 ILE A N   1 
ATOM   1059 C  CA  . ILE A 1 132 ? 7.468   -2.549  -8.199  1.00 22.30 ? 152 ILE A CA  1 
ATOM   1060 C  C   . ILE A 1 132 ? 8.499   -1.442  -8.366  1.00 24.52 ? 152 ILE A C   1 
ATOM   1061 O  O   . ILE A 1 132 ? 9.313   -1.404  -9.298  1.00 25.28 ? 152 ILE A O   1 
ATOM   1062 C  CB  . ILE A 1 132 ? 7.986   -3.716  -7.346  1.00 23.00 ? 152 ILE A CB  1 
ATOM   1063 C  CG1 . ILE A 1 132 ? 8.290   -3.311  -5.906  1.00 21.48 ? 152 ILE A CG1 1 
ATOM   1064 C  CG2 . ILE A 1 132 ? 9.218   -4.359  -7.985  1.00 24.16 ? 152 ILE A CG2 1 
ATOM   1065 C  CD1 . ILE A 1 132 ? 8.301   -4.505  -4.967  1.00 23.35 ? 152 ILE A CD1 1 
ATOM   1066 N  N   . HIS A 1 133 ? 8.395   -0.403  -7.547  1.00 22.14 ? 153 HIS A N   1 
ATOM   1067 C  CA  . HIS A 1 133 ? 9.214   0.802   -7.619  1.00 24.31 ? 153 HIS A CA  1 
ATOM   1068 C  C   . HIS A 1 133 ? 9.652   1.179   -6.211  1.00 25.34 ? 153 HIS A C   1 
ATOM   1069 O  O   . HIS A 1 133 ? 8.825   1.072   -5.302  1.00 21.55 ? 153 HIS A O   1 
ATOM   1070 C  CB  . HIS A 1 133 ? 8.413   1.976   -8.207  1.00 24.54 ? 153 HIS A CB  1 
ATOM   1071 C  CG  . HIS A 1 133 ? 7.508   1.642   -9.346  1.00 26.59 ? 153 HIS A CG  1 
ATOM   1072 N  ND1 . HIS A 1 133 ? 7.955   1.675   -10.654 1.00 26.74 ? 153 HIS A ND1 1 
ATOM   1073 C  CD2 . HIS A 1 133 ? 6.216   1.232   -9.407  1.00 25.97 ? 153 HIS A CD2 1 
ATOM   1074 C  CE1 . HIS A 1 133 ? 6.980   1.290   -11.449 1.00 26.39 ? 153 HIS A CE1 1 
ATOM   1075 N  NE2 . HIS A 1 133 ? 5.906   1.008   -10.723 1.00 25.03 ? 153 HIS A NE2 1 
ATOM   1076 N  N   . LEU A 1 134 ? 10.872  1.689   -6.043  1.00 26.21 ? 154 LEU A N   1 
ATOM   1077 C  CA  . LEU A 1 134 ? 11.285  2.074   -4.699  1.00 26.20 ? 154 LEU A CA  1 
ATOM   1078 C  C   . LEU A 1 134 ? 10.492  3.319   -4.310  1.00 28.22 ? 154 LEU A C   1 
ATOM   1079 O  O   . LEU A 1 134 ? 9.852   3.962   -5.143  1.00 26.93 ? 154 LEU A O   1 
ATOM   1080 C  CB  . LEU A 1 134 ? 12.785  2.351   -4.591  1.00 27.86 ? 154 LEU A CB  1 
ATOM   1081 C  CG  . LEU A 1 134 ? 13.756  1.193   -4.822  1.00 29.59 ? 154 LEU A CG  1 
ATOM   1082 C  CD1 . LEU A 1 134 ? 15.187  1.714   -4.795  1.00 32.15 ? 154 LEU A CD1 1 
ATOM   1083 C  CD2 . LEU A 1 134 ? 13.585  0.045   -3.840  1.00 30.60 ? 154 LEU A CD2 1 
ATOM   1084 N  N   . LEU A 1 135 ? 10.369  3.533   -3.005  1.00 26.20 ? 155 LEU A N   1 
ATOM   1085 C  CA  . LEU A 1 135 ? 9.681   4.720   -2.498  1.00 30.08 ? 155 LEU A CA  1 
ATOM   1086 C  C   . LEU A 1 135 ? 10.604  5.936   -2.509  1.00 32.32 ? 155 LEU A C   1 
ATOM   1087 O  O   . LEU A 1 135 ? 10.128  7.076   -2.511  1.00 34.87 ? 155 LEU A O   1 
ATOM   1088 C  CB  . LEU A 1 135 ? 9.207   4.538   -1.058  1.00 29.47 ? 155 LEU A CB  1 
ATOM   1089 C  CG  . LEU A 1 135 ? 7.802   3.992   -0.805  1.00 29.54 ? 155 LEU A CG  1 
ATOM   1090 C  CD1 . LEU A 1 135 ? 7.562   3.928   0.699   1.00 29.90 ? 155 LEU A CD1 1 
ATOM   1091 C  CD2 . LEU A 1 135 ? 6.698   4.817   -1.450  1.00 31.59 ? 155 LEU A CD2 1 
ATOM   1092 N  N   . ALA A 1 136 ? 11.910  5.684   -2.445  1.00 31.87 ? 156 ALA A N   1 
ATOM   1093 C  CA  . ALA A 1 136 ? 12.956  6.702   -2.547  1.00 29.97 ? 156 ALA A CA  1 
ATOM   1094 C  C   . ALA A 1 136 ? 14.354  6.076   -2.458  1.00 25.82 ? 156 ALA A C   1 
ATOM   1095 O  O   . ALA A 1 136 ? 14.296  4.895   -2.015  1.00 31.72 ? 156 ALA A O   1 
ATOM   1096 C  CB  . ALA A 1 136 ? 12.671  7.751   -1.480  1.00 33.02 ? 156 ALA A CB  1 
ATOM   1097 O  OXT . ALA A 1 136 ? 15.381  6.233   -3.201  1.00 2.11  ? 156 ALA A OXT 1 
HETATM 1098 ZN ZN  . ZN  B 2 .   ? -3.403  3.853   -8.978  1.00 17.58 ? 201 ZN  A ZN  1 
HETATM 1099 O  O   . HOH C 3 .   ? 1.120   12.912  -4.449  1.00 31.70 ? 202 HOH A O   1 
HETATM 1100 O  O   . HOH C 3 .   ? 5.292   -15.006 9.811   1.00 35.47 ? 203 HOH A O   1 
HETATM 1101 O  O   . HOH C 3 .   ? 4.826   -12.539 11.431  1.00 20.81 ? 204 HOH A O   1 
HETATM 1102 O  O   . HOH C 3 .   ? 0.776   10.074  -3.411  1.00 27.29 ? 205 HOH A O   1 
HETATM 1103 O  O   . HOH C 3 .   ? -2.915  5.295   6.462   1.00 30.52 ? 206 HOH A O   1 
HETATM 1104 O  O   . HOH C 3 .   ? 2.108   15.611  7.957   1.00 20.14 ? 207 HOH A O   1 
HETATM 1105 O  O   . HOH C 3 .   ? 0.566   15.790  10.152  1.00 20.55 ? 208 HOH A O   1 
HETATM 1106 O  O   . HOH C 3 .   ? -0.871  6.770   6.119   1.00 24.53 ? 209 HOH A O   1 
HETATM 1107 O  O   . HOH C 3 .   ? 8.974   7.175   14.739  1.00 32.62 ? 210 HOH A O   1 
HETATM 1108 O  O   . HOH C 3 .   ? -5.729  -13.861 -10.984 1.00 45.78 ? 211 HOH A O   1 
HETATM 1109 O  O   . HOH C 3 .   ? -6.758  -3.993  3.097   1.00 22.65 ? 212 HOH A O   1 
HETATM 1110 O  O   . HOH C 3 .   ? 3.268   3.945   -8.128  1.00 20.61 ? 213 HOH A O   1 
HETATM 1111 O  O   . HOH C 3 .   ? -10.041 5.263   -5.452  1.00 21.80 ? 214 HOH A O   1 
HETATM 1112 O  O   . HOH C 3 .   ? 2.570   -9.627  12.714  1.00 21.65 ? 215 HOH A O   1 
HETATM 1113 O  O   . HOH C 3 .   ? -9.770  6.312   -2.868  1.00 17.17 ? 216 HOH A O   1 
HETATM 1114 O  O   . HOH C 3 .   ? 12.923  2.913   -0.489  1.00 24.97 ? 217 HOH A O   1 
HETATM 1115 O  O   . HOH C 3 .   ? -11.396 6.307   -8.439  1.00 40.35 ? 218 HOH A O   1 
HETATM 1116 O  O   . HOH C 3 .   ? -1.213  16.781  -4.052  1.00 29.79 ? 219 HOH A O   1 
HETATM 1117 O  O   . HOH C 3 .   ? -3.990  -5.566  14.784  1.00 33.36 ? 220 HOH A O   1 
HETATM 1118 O  O   . HOH C 3 .   ? 0.055   8.926   -0.537  1.00 26.29 ? 221 HOH A O   1 
HETATM 1119 O  O   . HOH C 3 .   ? -3.611  9.803   5.076   1.00 32.16 ? 222 HOH A O   1 
HETATM 1120 O  O   . HOH C 3 .   ? 0.864   13.177  11.515  1.00 23.18 ? 223 HOH A O   1 
HETATM 1121 O  O   . HOH C 3 .   ? 13.508  0.518   3.469   1.00 27.63 ? 224 HOH A O   1 
HETATM 1122 O  O   . HOH C 3 .   ? 13.372  -6.661  7.661   1.00 32.91 ? 225 HOH A O   1 
HETATM 1123 O  O   . HOH C 3 .   ? 0.415   17.048  -1.006  1.00 29.34 ? 226 HOH A O   1 
HETATM 1124 O  O   . HOH C 3 .   ? 3.901   17.307  6.990   1.00 23.52 ? 227 HOH A O   1 
HETATM 1125 O  O   . HOH C 3 .   ? -4.884  -8.638  13.835  1.00 27.91 ? 228 HOH A O   1 
HETATM 1126 O  O   . HOH C 3 .   ? -2.032  4.504   14.463  1.00 35.09 ? 229 HOH A O   1 
HETATM 1127 O  O   . HOH C 3 .   ? -6.070  0.042   7.968   1.00 40.60 ? 230 HOH A O   1 
HETATM 1128 O  O   . HOH C 3 .   ? 8.020   9.584   3.680   1.00 30.07 ? 231 HOH A O   1 
HETATM 1129 O  O   . HOH C 3 .   ? -5.352  -2.626  16.360  1.00 35.07 ? 232 HOH A O   1 
HETATM 1130 O  O   . HOH C 3 .   ? -4.257  -10.744 16.016  1.00 29.55 ? 233 HOH A O   1 
HETATM 1131 O  O   . HOH C 3 .   ? -0.455  -19.340 6.883   1.00 32.94 ? 234 HOH A O   1 
HETATM 1132 O  O   . HOH C 3 .   ? 13.007  0.759   6.511   1.00 32.90 ? 235 HOH A O   1 
HETATM 1133 O  O   . HOH C 3 .   ? -4.273  -13.467 10.857  1.00 36.53 ? 236 HOH A O   1 
HETATM 1134 O  O   . HOH C 3 .   ? -0.683  -9.216  -14.310 1.00 41.97 ? 237 HOH A O   1 
HETATM 1135 O  O   . HOH C 3 .   ? 13.835  -3.453  9.034   1.00 48.60 ? 238 HOH A O   1 
HETATM 1136 O  O   . HOH C 3 .   ? -3.136  -0.062  20.073  1.00 41.21 ? 239 HOH A O   1 
HETATM 1137 O  O   . HOH C 3 .   ? -7.681  -2.843  5.464   1.00 41.40 ? 240 HOH A O   1 
HETATM 1138 O  O   . HOH C 3 .   ? 4.589   15.233  4.929   1.00 33.81 ? 241 HOH A O   1 
HETATM 1139 O  O   . HOH C 3 .   ? -6.773  -1.490  -12.336 1.00 32.09 ? 242 HOH A O   1 
HETATM 1140 O  O   . HOH C 3 .   ? 3.501   6.972   -6.300  1.00 37.53 ? 243 HOH A O   1 
HETATM 1141 O  O   . HOH C 3 .   ? 5.577   4.554   -11.400 1.00 45.88 ? 244 HOH A O   1 
HETATM 1142 O  O   . HOH C 3 .   ? -0.310  -17.168 -1.747  1.00 39.51 ? 245 HOH A O   1 
HETATM 1143 O  O   . HOH C 3 .   ? -4.491  10.528  -13.733 1.00 46.46 ? 246 HOH A O   1 
HETATM 1144 O  O   . HOH C 3 .   ? -13.749 -5.182  4.402   1.00 42.80 ? 247 HOH A O   1 
HETATM 1145 O  O   . HOH C 3 .   ? -11.830 2.578   -3.706  1.00 37.44 ? 248 HOH A O   1 
HETATM 1146 O  O   . HOH C 3 .   ? -13.158 -0.666  -3.329  1.00 38.60 ? 249 HOH A O   1 
HETATM 1147 O  O   . HOH C 3 .   ? 0.727   5.554   4.165   1.00 28.69 ? 250 HOH A O   1 
HETATM 1148 O  O   . HOH C 3 .   ? -0.582  19.302  -0.349  1.00 45.41 ? 251 HOH A O   1 
HETATM 1149 O  O   . HOH C 3 .   ? -5.329  11.436  6.109   1.00 36.13 ? 252 HOH A O   1 
HETATM 1150 O  O   . HOH C 3 .   ? 6.590   14.361  6.150   1.00 42.06 ? 253 HOH A O   1 
HETATM 1151 O  O   . HOH C 3 .   ? -10.926 9.120   -8.763  1.00 54.20 ? 254 HOH A O   1 
HETATM 1152 O  O   . HOH C 3 .   ? -0.913  2.072   -12.107 1.00 32.33 ? 255 HOH A O   1 
HETATM 1153 O  O   . HOH C 3 .   ? -13.343 4.305   -1.979  1.00 29.44 ? 256 HOH A O   1 
HETATM 1154 O  O   . HOH C 3 .   ? -15.277 0.267   -0.610  1.00 34.85 ? 257 HOH A O   1 
HETATM 1155 O  O   . HOH C 3 .   ? -11.107 3.350   3.776   1.00 48.55 ? 258 HOH A O   1 
HETATM 1156 O  O   . HOH C 3 .   ? -14.649 4.828   2.685   1.00 41.72 ? 259 HOH A O   1 
HETATM 1157 O  O   . HOH C 3 .   ? -15.441 13.147  -9.612  1.00 55.73 ? 260 HOH A O   1 
HETATM 1158 O  O   . HOH C 3 .   ? -3.036  -2.501  18.509  1.00 43.41 ? 261 HOH A O   1 
HETATM 1159 O  O   . HOH C 3 .   ? 2.534   19.862  -0.758  1.00 48.75 ? 262 HOH A O   1 
HETATM 1160 O  O   . HOH C 3 .   ? -7.590  4.495   0.879   1.00 25.00 ? 263 HOH A O   1 
HETATM 1161 O  O   . HOH C 3 .   ? -14.162 2.967   0.077   1.00 32.60 ? 264 HOH A O   1 
# 
